data_2B2B
# 
_entry.id   2B2B 
# 
_audit_conform.dict_name       mmcif_pdbx.dic 
_audit_conform.dict_version    5.376 
_audit_conform.dict_location   http://mmcif.pdb.org/dictionaries/ascii/mmcif_pdbx.dic 
# 
loop_
_database_2.database_id 
_database_2.database_code 
_database_2.pdbx_database_accession 
_database_2.pdbx_DOI 
PDB   2B2B         pdb_00002b2b 10.2210/pdb2b2b/pdb 
NDB   DD0075       ?            ?                   
RCSB  RCSB034587   ?            ?                   
WWPDB D_1000034587 ?            ?                   
# 
_pdbx_database_related.db_name        PDB 
_pdbx_database_related.db_id          1FHY 
_pdbx_database_related.details        'Psoralen Cross-Linked D(Ccgctagcgg) Forms Holliday Junction' 
_pdbx_database_related.content_type   unspecified 
# 
_pdbx_database_status.status_code                     REL 
_pdbx_database_status.entry_id                        2B2B 
_pdbx_database_status.recvd_initial_deposition_date   2005-09-19 
_pdbx_database_status.deposit_site                    RCSB 
_pdbx_database_status.process_site                    RCSB 
_pdbx_database_status.status_code_sf                  REL 
_pdbx_database_status.status_code_mr                  ? 
_pdbx_database_status.SG_entry                        ? 
_pdbx_database_status.pdb_format_compatible           Y 
_pdbx_database_status.status_code_cs                  ? 
_pdbx_database_status.status_code_nmr_data            ? 
_pdbx_database_status.methods_development_category    ? 
# 
loop_
_audit_author.name 
_audit_author.pdbx_ordinal 
'Hays, F.A.'    1 
'Yonggang, H.'  2 
'Eichman, B.F.' 3 
'Kong, W.'      4 
'Hearst, J.'    5 
'Ho, P.S.'      6 
# 
_citation.id                        primary 
_citation.title                     'Structural distortions in psoralen cross-linked DNA' 
_citation.journal_abbrev            'To be Published' 
_citation.journal_volume            ? 
_citation.page_first                ? 
_citation.page_last                 ? 
_citation.year                      ? 
_citation.journal_id_ASTM           ? 
_citation.country                   ? 
_citation.journal_id_ISSN           ? 
_citation.journal_id_CSD            0353 
_citation.book_publisher            ? 
_citation.pdbx_database_id_PubMed   ? 
_citation.pdbx_database_id_DOI      ? 
# 
loop_
_citation_author.citation_id 
_citation_author.name 
_citation_author.ordinal 
_citation_author.identifier_ORCID 
primary 'Hays, F.A.'    1 ? 
primary 'Yonggang, H.'  2 ? 
primary 'Eichman, B.F.' 3 ? 
primary 'Kong, W.'      4 ? 
primary 'Hearst, J.'    5 ? 
primary 'Ho, P.S.'      6 ? 
# 
_cell.entry_id           2B2B 
_cell.length_a           69.007 
_cell.length_b           22.496 
_cell.length_c           44.670 
_cell.angle_alpha        90.00 
_cell.angle_beta         128.80 
_cell.angle_gamma        90.00 
_cell.Z_PDB              8 
_cell.pdbx_unique_axis   ? 
# 
_symmetry.entry_id                         2B2B 
_symmetry.space_group_name_H-M             'C 1 2 1' 
_symmetry.pdbx_full_space_group_name_H-M   ? 
_symmetry.cell_setting                     ? 
_symmetry.Int_Tables_number                5 
_symmetry.space_group_name_Hall            ? 
# 
loop_
_entity.id 
_entity.type 
_entity.src_method 
_entity.pdbx_description 
_entity.formula_weight 
_entity.pdbx_number_of_molecules 
_entity.pdbx_ec 
_entity.pdbx_mutation 
_entity.pdbx_fragment 
_entity.details 
1 polymer     syn "5'-D(*CP*CP*GP*CP*TP*AP*GP*CP*GP*G)-3'"    3045.993 2   ? ? ? ? 
2 non-polymer syn SPERMINE                                    202.340  1   ? ? ? ? 
3 non-polymer syn 'SODIUM ION'                                22.990   3   ? ? ? ? 
4 non-polymer syn 'CALCIUM ION'                               40.078   2   ? ? ? ? 
5 non-polymer syn "4'-HYDROXYMETHYL-4,5',8-TRIMETHYLPSORALEN" 258.269  1   ? ? ? ? 
6 water       nat water                                       18.015   194 ? ? ? ? 
# 
_entity_poly.entity_id                      1 
_entity_poly.type                           polydeoxyribonucleotide 
_entity_poly.nstd_linkage                   no 
_entity_poly.nstd_monomer                   no 
_entity_poly.pdbx_seq_one_letter_code       '(DC)(DC)(DG)(DC)(DT)(DA)(DG)(DC)(DG)(DG)' 
_entity_poly.pdbx_seq_one_letter_code_can   CCGCTAGCGG 
_entity_poly.pdbx_strand_id                 A,B 
_entity_poly.pdbx_target_identifier         ? 
# 
loop_
_entity_poly_seq.entity_id 
_entity_poly_seq.num 
_entity_poly_seq.mon_id 
_entity_poly_seq.hetero 
1 1  DC n 
1 2  DC n 
1 3  DG n 
1 4  DC n 
1 5  DT n 
1 6  DA n 
1 7  DG n 
1 8  DC n 
1 9  DG n 
1 10 DG n 
# 
_pdbx_entity_src_syn.entity_id              1 
_pdbx_entity_src_syn.pdbx_src_id            1 
_pdbx_entity_src_syn.pdbx_alt_source_flag   sample 
_pdbx_entity_src_syn.pdbx_beg_seq_num       ? 
_pdbx_entity_src_syn.pdbx_end_seq_num       ? 
_pdbx_entity_src_syn.organism_scientific    ? 
_pdbx_entity_src_syn.organism_common_name   ? 
_pdbx_entity_src_syn.ncbi_taxonomy_id       ? 
_pdbx_entity_src_syn.details                
;The d(CCGCTAGCGG) decamer DNA sequence was synthesized using- cyanoethyl phosphoramidite chemistry on an Applied Biosystems DNA synthesizer in the Center for Gene Research and Biotechnology at Oregon State University. The 5-O-dimethoxytrityl group was left attached to facilitate separation from failure sequences using reverse-phase HPLC. The target fraction was then dried overnight, detritylated using 3% acetic acid, desalted on a Sephadex (Sigma) G-25 size exclusion column and dried overnight.
;
# 
_struct_ref.id                         1 
_struct_ref.entity_id                  1 
_struct_ref.db_name                    PDB 
_struct_ref.db_code                    2B2B 
_struct_ref.pdbx_db_accession          2B2B 
_struct_ref.pdbx_db_isoform            ? 
_struct_ref.pdbx_seq_one_letter_code   ? 
_struct_ref.pdbx_align_begin           ? 
# 
loop_
_struct_ref_seq.align_id 
_struct_ref_seq.ref_id 
_struct_ref_seq.pdbx_PDB_id_code 
_struct_ref_seq.pdbx_strand_id 
_struct_ref_seq.seq_align_beg 
_struct_ref_seq.pdbx_seq_align_beg_ins_code 
_struct_ref_seq.seq_align_end 
_struct_ref_seq.pdbx_seq_align_end_ins_code 
_struct_ref_seq.pdbx_db_accession 
_struct_ref_seq.db_align_beg 
_struct_ref_seq.pdbx_db_align_beg_ins_code 
_struct_ref_seq.db_align_end 
_struct_ref_seq.pdbx_db_align_end_ins_code 
_struct_ref_seq.pdbx_auth_seq_align_beg 
_struct_ref_seq.pdbx_auth_seq_align_end 
1 1 2B2B A 1 ? 10 ? 2B2B 1  ? 10 ? 1  10 
2 1 2B2B B 1 ? 10 ? 2B2B 11 ? 20 ? 11 20 
# 
loop_
_chem_comp.id 
_chem_comp.type 
_chem_comp.mon_nstd_flag 
_chem_comp.name 
_chem_comp.pdbx_synonyms 
_chem_comp.formula 
_chem_comp.formula_weight 
CA  non-polymer   . 'CALCIUM ION'                               ? 'Ca 2'            40.078  
DA  'DNA linking' y "2'-DEOXYADENOSINE-5'-MONOPHOSPHATE"        ? 'C10 H14 N5 O6 P' 331.222 
DC  'DNA linking' y "2'-DEOXYCYTIDINE-5'-MONOPHOSPHATE"         ? 'C9 H14 N3 O7 P'  307.197 
DG  'DNA linking' y "2'-DEOXYGUANOSINE-5'-MONOPHOSPHATE"        ? 'C10 H14 N5 O7 P' 347.221 
DT  'DNA linking' y "THYMIDINE-5'-MONOPHOSPHATE"                ? 'C10 H15 N2 O8 P' 322.208 
HOH non-polymer   . WATER                                       ? 'H2 O'            18.015  
NA  non-polymer   . 'SODIUM ION'                                ? 'Na 1'            22.990  
PSO non-polymer   . "4'-HYDROXYMETHYL-4,5',8-TRIMETHYLPSORALEN" ? 'C15 H14 O4'      258.269 
SPM non-polymer   . SPERMINE                                    ? 'C10 H26 N4'      202.340 
# 
_exptl.entry_id          2B2B 
_exptl.method            'X-RAY DIFFRACTION' 
_exptl.crystals_number   1 
# 
_exptl_crystal.id                    1 
_exptl_crystal.density_meas          ? 
_exptl_crystal.density_Matthews      2.12 
_exptl_crystal.density_percent_sol   41.92 
_exptl_crystal.description           ? 
_exptl_crystal.F_000                 ? 
_exptl_crystal.preparation           ? 
# 
_exptl_crystal_grow.crystal_id      1 
_exptl_crystal_grow.method          'VAPOR DIFFUSION, HANGING DROP' 
_exptl_crystal_grow.temp            298 
_exptl_crystal_grow.temp_details    ? 
_exptl_crystal_grow.pH              7.0 
_exptl_crystal_grow.pdbx_details    
;0.5 mM HMT-d(CCGCTAGCGG), 30 mM NaCacodylate (pH = 7.0), 25 mM calcium chloride and 5% 2-methyl-2,4-pentanediol (MPD) against a 30 mL reservoir solution of 15% MPD (boosted to 20% two weeks later), VAPOR DIFFUSION, HANGING DROP, temperature 298K
;
_exptl_crystal_grow.pdbx_pH_range   . 
# 
loop_
_exptl_crystal_grow_comp.crystal_id 
_exptl_crystal_grow_comp.id 
_exptl_crystal_grow_comp.sol_id 
_exptl_crystal_grow_comp.name 
_exptl_crystal_grow_comp.volume 
_exptl_crystal_grow_comp.conc 
_exptl_crystal_grow_comp.details 
1 1 1 NaCacodylate       ? ? ? 
1 2 1 'calcium chloride' ? ? ? 
1 3 1 MPD                ? ? ? 
1 4 1 H2O                ? ? ? 
1 5 2 NaCacodylate       ? ? ? 
1 6 2 'calcium chloride' ? ? ? 
1 7 2 H2O                ? ? ? 
# 
_diffrn.id                     1 
_diffrn.ambient_temp           298 
_diffrn.ambient_temp_details   ? 
_diffrn.crystal_id             1 
# 
_diffrn_detector.diffrn_id              1 
_diffrn_detector.detector               CCD 
_diffrn_detector.type                   'ADSC QUANTUM 4' 
_diffrn_detector.pdbx_collection_date   2003-03-03 
_diffrn_detector.details                ? 
# 
_diffrn_radiation.diffrn_id                        1 
_diffrn_radiation.wavelength_id                    1 
_diffrn_radiation.pdbx_monochromatic_or_laue_m_l   M 
_diffrn_radiation.monochromator                    ? 
_diffrn_radiation.pdbx_diffrn_protocol             'SINGLE WAVELENGTH' 
_diffrn_radiation.pdbx_scattering_type             x-ray 
# 
_diffrn_radiation_wavelength.id           1 
_diffrn_radiation_wavelength.wavelength   1.0 
_diffrn_radiation_wavelength.wt           1.0 
# 
_diffrn_source.diffrn_id                   1 
_diffrn_source.source                      SYNCHROTRON 
_diffrn_source.type                        'ALS BEAMLINE 5.0.2' 
_diffrn_source.pdbx_synchrotron_site       ALS 
_diffrn_source.pdbx_synchrotron_beamline   5.0.2 
_diffrn_source.pdbx_wavelength             ? 
_diffrn_source.pdbx_wavelength_list        1.0 
# 
_reflns.entry_id                     2B2B 
_reflns.observed_criterion_sigma_F   0 
_reflns.observed_criterion_sigma_I   0 
_reflns.d_resolution_high            1.50 
_reflns.d_resolution_low             26.89 
_reflns.number_all                   7306 
_reflns.number_obs                   7306 
_reflns.percent_possible_obs         83 
_reflns.pdbx_Rmerge_I_obs            0.081 
_reflns.pdbx_Rsym_value              ? 
_reflns.pdbx_netI_over_sigmaI        18.2 
_reflns.B_iso_Wilson_estimate        ? 
_reflns.pdbx_redundancy              ? 
_reflns.R_free_details               ? 
_reflns.pdbx_chi_squared             ? 
_reflns.pdbx_scaling_rejects         ? 
_reflns.pdbx_diffrn_id               1 
_reflns.pdbx_ordinal                 1 
# 
_reflns_shell.d_res_high             1.50 
_reflns_shell.d_res_low              1.59 
_reflns_shell.percent_possible_all   50.2 
_reflns_shell.Rmerge_I_obs           0.628 
_reflns_shell.pdbx_Rsym_value        ? 
_reflns_shell.meanI_over_sigI_obs    1.4 
_reflns_shell.pdbx_redundancy        ? 
_reflns_shell.percent_possible_obs   ? 
_reflns_shell.number_unique_all      653 
_reflns_shell.number_measured_all    ? 
_reflns_shell.number_measured_obs    ? 
_reflns_shell.number_unique_obs      ? 
_reflns_shell.pdbx_chi_squared       ? 
_reflns_shell.pdbx_diffrn_id         ? 
_reflns_shell.pdbx_ordinal           1 
# 
_refine.entry_id                                 2B2B 
_refine.ls_number_reflns_obs                     6518 
_refine.ls_number_reflns_all                     7306 
_refine.pdbx_ls_sigma_I                          ? 
_refine.pdbx_ls_sigma_F                          0 
_refine.pdbx_data_cutoff_high_absF               ? 
_refine.pdbx_data_cutoff_low_absF                ? 
_refine.pdbx_data_cutoff_high_rms_absF           ? 
_refine.ls_d_res_low                             26.89 
_refine.ls_d_res_high                            1.50 
_refine.ls_percent_reflns_obs                    100.00 
_refine.ls_R_factor_obs                          0.21549 
_refine.ls_R_factor_all                          ? 
_refine.ls_R_factor_R_work                       0.20995 
_refine.ls_R_factor_R_free                       0.26162 
_refine.ls_R_factor_R_free_error                 ? 
_refine.ls_R_factor_R_free_error_details         ? 
_refine.ls_percent_reflns_R_free                 10.8 
_refine.ls_number_reflns_R_free                  788 
_refine.ls_number_parameters                     ? 
_refine.ls_number_restraints                     ? 
_refine.occupancy_min                            ? 
_refine.occupancy_max                            ? 
_refine.correlation_coeff_Fo_to_Fc               0.909 
_refine.correlation_coeff_Fo_to_Fc_free          0.886 
_refine.B_iso_mean                               16.589 
_refine.aniso_B[1][1]                            -0.79 
_refine.aniso_B[2][2]                            0.80 
_refine.aniso_B[3][3]                            -0.50 
_refine.aniso_B[1][2]                            0.00 
_refine.aniso_B[1][3]                            -0.40 
_refine.aniso_B[2][3]                            0.00 
_refine.solvent_model_details                    MASK 
_refine.solvent_model_param_ksol                 ? 
_refine.solvent_model_param_bsol                 ? 
_refine.pdbx_solvent_vdw_probe_radii             1.20 
_refine.pdbx_solvent_ion_probe_radii             0.80 
_refine.pdbx_solvent_shrinkage_radii             0.80 
_refine.pdbx_ls_cross_valid_method               THROUGHOUT 
_refine.details                                  
;HYDROGENS HAVE BEEN ADDED IN THE RIDING POSITIONS. Residue (B C 14 ) and Residue (B T 15 ) are not linked. Distance of O3*-P bond is 1.91
;
_refine.pdbx_starting_model                      'pdb entry 1FHY' 
_refine.pdbx_method_to_determine_struct          'MOLECULAR REPLACEMENT' 
_refine.pdbx_isotropic_thermal_model             ? 
_refine.pdbx_stereochemistry_target_values       'MAXIMUM LIKELIHOOD' 
_refine.pdbx_stereochem_target_val_spec_case     ? 
_refine.pdbx_R_Free_selection_details            RANDOM 
_refine.pdbx_overall_ESU_R                       0.130 
_refine.pdbx_overall_ESU_R_Free                  0.127 
_refine.overall_SU_ML                            0.093 
_refine.overall_SU_B                             2.492 
_refine.ls_redundancy_reflns_obs                 ? 
_refine.overall_SU_R_Cruickshank_DPI             ? 
_refine.overall_SU_R_free                        ? 
_refine.ls_wR_factor_R_free                      ? 
_refine.ls_wR_factor_R_work                      ? 
_refine.overall_FOM_free_R_set                   ? 
_refine.overall_FOM_work_R_set                   ? 
_refine.pdbx_refine_id                           'X-RAY DIFFRACTION' 
_refine.pdbx_diffrn_id                           1 
_refine.pdbx_TLS_residual_ADP_flag               ? 
_refine.pdbx_overall_phase_error                 ? 
_refine.pdbx_overall_SU_R_free_Cruickshank_DPI   ? 
_refine.pdbx_overall_SU_R_Blow_DPI               ? 
_refine.pdbx_overall_SU_R_free_Blow_DPI          ? 
# 
_refine_analyze.entry_id                        2B2B 
_refine_analyze.Luzzati_coordinate_error_obs    0.19 
_refine_analyze.Luzzati_sigma_a_obs             0.15 
_refine_analyze.Luzzati_d_res_low_obs           5.00 
_refine_analyze.Luzzati_coordinate_error_free   ? 
_refine_analyze.Luzzati_sigma_a_free            ? 
_refine_analyze.Luzzati_d_res_low_free          ? 
_refine_analyze.number_disordered_residues      ? 
_refine_analyze.occupancy_sum_non_hydrogen      ? 
_refine_analyze.occupancy_sum_hydrogen          ? 
_refine_analyze.pdbx_refine_id                  'X-RAY DIFFRACTION' 
# 
_refine_hist.pdbx_refine_id                   'X-RAY DIFFRACTION' 
_refine_hist.cycle_id                         LAST 
_refine_hist.pdbx_number_atoms_protein        0 
_refine_hist.pdbx_number_atoms_nucleic_acid   404 
_refine_hist.pdbx_number_atoms_ligand         30 
_refine_hist.number_atoms_solvent             194 
_refine_hist.number_atoms_total               628 
_refine_hist.d_res_high                       1.50 
_refine_hist.d_res_low                        26.89 
# 
loop_
_refine_ls_restr.type 
_refine_ls_restr.dev_ideal 
_refine_ls_restr.dev_ideal_target 
_refine_ls_restr.weight 
_refine_ls_restr.number 
_refine_ls_restr.pdbx_refine_id 
_refine_ls_restr.pdbx_restraint_function 
r_bond_refined_d             0.016 0.021 ? 480 'X-RAY DIFFRACTION' ? 
r_bond_other_d               ?     ?     ? ?   'X-RAY DIFFRACTION' ? 
r_angle_refined_deg          3.111 3.000 ? 714 'X-RAY DIFFRACTION' ? 
r_angle_other_deg            ?     ?     ? ?   'X-RAY DIFFRACTION' ? 
r_dihedral_angle_1_deg       ?     ?     ? ?   'X-RAY DIFFRACTION' ? 
r_dihedral_angle_2_deg       ?     ?     ? ?   'X-RAY DIFFRACTION' ? 
r_dihedral_angle_3_deg       ?     ?     ? ?   'X-RAY DIFFRACTION' ? 
r_dihedral_angle_4_deg       ?     ?     ? ?   'X-RAY DIFFRACTION' ? 
r_chiral_restr               0.137 0.200 ? 81  'X-RAY DIFFRACTION' ? 
r_gen_planes_refined         0.016 0.020 ? 223 'X-RAY DIFFRACTION' ? 
r_gen_planes_other           ?     ?     ? ?   'X-RAY DIFFRACTION' ? 
r_nbd_refined                0.366 0.200 ? 279 'X-RAY DIFFRACTION' ? 
r_nbd_other                  ?     ?     ? ?   'X-RAY DIFFRACTION' ? 
r_nbtor_refined              0.326 0.200 ? 269 'X-RAY DIFFRACTION' ? 
r_nbtor_other                ?     ?     ? ?   'X-RAY DIFFRACTION' ? 
r_xyhbond_nbd_refined        0.290 0.200 ? 175 'X-RAY DIFFRACTION' ? 
r_xyhbond_nbd_other          ?     ?     ? ?   'X-RAY DIFFRACTION' ? 
r_metal_ion_refined          0.314 0.200 ? 5   'X-RAY DIFFRACTION' ? 
r_metal_ion_other            ?     ?     ? ?   'X-RAY DIFFRACTION' ? 
r_symmetry_vdw_refined       0.275 0.200 ? 58  'X-RAY DIFFRACTION' ? 
r_symmetry_vdw_other         ?     ?     ? ?   'X-RAY DIFFRACTION' ? 
r_symmetry_hbond_refined     0.219 0.200 ? 54  'X-RAY DIFFRACTION' ? 
r_symmetry_hbond_other       ?     ?     ? ?   'X-RAY DIFFRACTION' ? 
r_symmetry_metal_ion_refined 0.188 0.200 ? 2   'X-RAY DIFFRACTION' ? 
r_symmetry_metal_ion_other   ?     ?     ? ?   'X-RAY DIFFRACTION' ? 
r_mcbond_it                  0.054 1.500 ? 1   'X-RAY DIFFRACTION' ? 
r_mcbond_other               ?     ?     ? ?   'X-RAY DIFFRACTION' ? 
r_mcangle_it                 ?     ?     ? ?   'X-RAY DIFFRACTION' ? 
r_scbond_it                  2.500 3.000 ? 580 'X-RAY DIFFRACTION' ? 
r_scangle_it                 3.041 4.500 ? 714 'X-RAY DIFFRACTION' ? 
r_rigid_bond_restr           ?     ?     ? ?   'X-RAY DIFFRACTION' ? 
r_sphericity_free            ?     ?     ? ?   'X-RAY DIFFRACTION' ? 
r_sphericity_bonded          ?     ?     ? ?   'X-RAY DIFFRACTION' ? 
# 
_refine_ls_shell.pdbx_total_number_of_bins_used   20 
_refine_ls_shell.d_res_high                       1.50 
_refine_ls_shell.d_res_low                        1.539 
_refine_ls_shell.number_reflns_R_work             238 
_refine_ls_shell.R_factor_R_work                  0.265 
_refine_ls_shell.percent_reflns_obs               100.00 
_refine_ls_shell.R_factor_R_free                  0.254 
_refine_ls_shell.R_factor_R_free_error            ? 
_refine_ls_shell.percent_reflns_R_free            ? 
_refine_ls_shell.number_reflns_R_free             26 
_refine_ls_shell.redundancy_reflns_obs            ? 
_refine_ls_shell.number_reflns_all                ? 
_refine_ls_shell.number_reflns_obs                ? 
_refine_ls_shell.R_factor_all                     ? 
_refine_ls_shell.pdbx_refine_id                   'X-RAY DIFFRACTION' 
# 
_struct.entry_id                  2B2B 
_struct.title                     'Structural distortions in psoralen cross-linked DNA' 
_struct.pdbx_model_details        ? 
_struct.pdbx_CASP_flag            ? 
_struct.pdbx_model_type_details   ? 
# 
_struct_keywords.entry_id        2B2B 
_struct_keywords.pdbx_keywords   DNA 
_struct_keywords.text            'Recombination, Psoralen, Nucleic Acid Structure, DNA' 
# 
loop_
_struct_asym.id 
_struct_asym.pdbx_blank_PDB_chainid_flag 
_struct_asym.pdbx_modified 
_struct_asym.entity_id 
_struct_asym.details 
A N N 1 ? 
B N N 1 ? 
C N N 2 ? 
D N N 3 ? 
E N N 4 ? 
F N N 3 ? 
G N N 5 ? 
H N N 4 ? 
I N N 3 ? 
J N N 6 ? 
K N N 6 ? 
# 
_struct_biol.id                    1 
_struct_biol.pdbx_parent_biol_id   ? 
_struct_biol.details               ? 
# 
loop_
_struct_conn.id 
_struct_conn.conn_type_id 
_struct_conn.pdbx_leaving_atom_flag 
_struct_conn.pdbx_PDB_id 
_struct_conn.ptnr1_label_asym_id 
_struct_conn.ptnr1_label_comp_id 
_struct_conn.ptnr1_label_seq_id 
_struct_conn.ptnr1_label_atom_id 
_struct_conn.pdbx_ptnr1_label_alt_id 
_struct_conn.pdbx_ptnr1_PDB_ins_code 
_struct_conn.pdbx_ptnr1_standard_comp_id 
_struct_conn.ptnr1_symmetry 
_struct_conn.ptnr2_label_asym_id 
_struct_conn.ptnr2_label_comp_id 
_struct_conn.ptnr2_label_seq_id 
_struct_conn.ptnr2_label_atom_id 
_struct_conn.pdbx_ptnr2_label_alt_id 
_struct_conn.pdbx_ptnr2_PDB_ins_code 
_struct_conn.ptnr1_auth_asym_id 
_struct_conn.ptnr1_auth_comp_id 
_struct_conn.ptnr1_auth_seq_id 
_struct_conn.ptnr2_auth_asym_id 
_struct_conn.ptnr2_auth_comp_id 
_struct_conn.ptnr2_auth_seq_id 
_struct_conn.ptnr2_symmetry 
_struct_conn.pdbx_ptnr3_label_atom_id 
_struct_conn.pdbx_ptnr3_label_seq_id 
_struct_conn.pdbx_ptnr3_label_comp_id 
_struct_conn.pdbx_ptnr3_label_asym_id 
_struct_conn.pdbx_ptnr3_label_alt_id 
_struct_conn.pdbx_ptnr3_PDB_ins_code 
_struct_conn.details 
_struct_conn.pdbx_dist_value 
_struct_conn.pdbx_value_order 
_struct_conn.pdbx_role 
covale1  covale none ? A DT  5  C5    ? ? ? 1_555 G PSO . C4 ? ? A DT  5  A PSO 21  1_555 ? ? ? ? ? ? ?               1.473 ? ? 
covale2  covale none ? A DT  5  C6    ? ? ? 1_555 G PSO . C3 ? ? A DT  5  A PSO 21  1_555 ? ? ? ? ? ? ?               1.462 ? ? 
covale3  covale none ? G PSO .  "C4'" ? ? ? 1_555 B DT  5 C5 ? ? A PSO 21 B DT  15  1_555 ? ? ? ? ? ? ?               1.530 ? ? 
covale4  covale none ? G PSO .  "C5'" ? ? ? 1_555 B DT  5 C6 ? ? A PSO 21 B DT  15  1_555 ? ? ? ? ? ? ?               1.489 ? ? 
metalc1  metalc ?    ? A DC  4  OP1   ? ? ? 1_555 F NA  . NA ? ? A DC  4  A NA  27  1_555 ? ? ? ? ? ? ?               2.604 ? ? 
metalc2  metalc ?    ? D NA  .  NA    ? ? ? 1_555 J HOH . O  ? ? A NA  24 A HOH 33  1_555 ? ? ? ? ? ? ?               2.660 ? ? 
metalc3  metalc ?    ? D NA  .  NA    ? ? ? 1_555 J HOH . O  ? ? A NA  24 A HOH 70  1_555 ? ? ? ? ? ? ?               2.564 ? ? 
metalc4  metalc ?    ? D NA  .  NA    ? ? ? 1_555 J HOH . O  ? ? A NA  24 A HOH 166 1_555 ? ? ? ? ? ? ?               2.028 ? ? 
metalc5  metalc ?    ? D NA  .  NA    ? ? ? 1_555 J HOH . O  ? ? A NA  24 A HOH 180 1_555 ? ? ? ? ? ? ?               2.567 ? ? 
metalc6  metalc ?    ? E CA  .  CA    ? ? ? 1_555 J HOH . O  ? ? A CA  25 A HOH 42  1_555 ? ? ? ? ? ? ?               2.541 ? ? 
metalc7  metalc ?    ? E CA  .  CA    ? ? ? 1_555 J HOH . O  ? ? A CA  25 A HOH 90  1_555 ? ? ? ? ? ? ?               2.784 ? ? 
metalc8  metalc ?    ? E CA  .  CA    ? ? ? 1_555 J HOH . O  ? ? A CA  25 A HOH 224 1_555 ? ? ? ? ? ? ?               2.290 ? ? 
metalc9  metalc ?    ? E CA  .  CA    ? ? ? 1_555 K HOH . O  ? ? A CA  25 B HOH 75  1_555 ? ? ? ? ? ? ?               2.392 ? ? 
metalc10 metalc ?    ? F NA  .  NA    ? ? ? 1_555 J HOH . O  ? ? A NA  27 A HOH 29  1_555 ? ? ? ? ? ? ?               2.480 ? ? 
metalc11 metalc ?    ? F NA  .  NA    ? ? ? 1_555 B DT  5 O4 ? ? A NA  27 B DT  15  1_555 ? ? ? ? ? ? ?               2.795 ? ? 
metalc12 metalc ?    ? B DG  7  OP2   ? ? ? 1_555 H CA  . CA ? ? B DG  17 B CA  23  1_555 ? ? ? ? ? ? ?               2.295 ? ? 
metalc13 metalc ?    ? H CA  .  CA    ? ? ? 1_555 K HOH . O  ? ? B CA  23 B HOH 50  1_555 ? ? ? ? ? ? ?               2.566 ? ? 
metalc14 metalc ?    ? H CA  .  CA    ? ? ? 1_555 K HOH . O  ? ? B CA  23 B HOH 93  1_555 ? ? ? ? ? ? ?               2.943 ? ? 
metalc15 metalc ?    ? H CA  .  CA    ? ? ? 1_555 K HOH . O  ? ? B CA  23 B HOH 97  1_555 ? ? ? ? ? ? ?               2.700 ? ? 
metalc16 metalc ?    ? H CA  .  CA    ? ? ? 1_555 K HOH . O  ? ? B CA  23 B HOH 223 1_555 ? ? ? ? ? ? ?               2.236 ? ? 
hydrog1  hydrog ?    ? A DT  5  O4    ? ? ? 1_555 B DA  6 N6 ? ? A DT  5  B DA  16  1_555 ? ? ? ? ? ? 'DT-DA PAIR'    ?     ? ? 
hydrog2  hydrog ?    ? A DA  6  N1    ? ? ? 1_555 B DT  5 N3 ? ? A DA  6  B DT  15  1_555 ? ? ? ? ? ? WATSON-CRICK    ?     ? ? 
hydrog3  hydrog ?    ? A DA  6  N6    ? ? ? 1_555 B DT  5 O4 ? ? A DA  6  B DT  15  1_555 ? ? ? ? ? ? WATSON-CRICK    ?     ? ? 
hydrog4  hydrog ?    ? A DG  7  N1    ? ? ? 1_555 B DC  4 N3 ? ? A DG  7  B DC  14  1_555 ? ? ? ? ? ? WATSON-CRICK    ?     ? ? 
hydrog5  hydrog ?    ? A DG  7  N2    ? ? ? 1_555 B DC  4 O2 ? ? A DG  7  B DC  14  1_555 ? ? ? ? ? ? WATSON-CRICK    ?     ? ? 
hydrog6  hydrog ?    ? A DG  7  O6    ? ? ? 1_555 B DC  4 N4 ? ? A DG  7  B DC  14  1_555 ? ? ? ? ? ? WATSON-CRICK    ?     ? ? 
hydrog7  hydrog ?    ? A DG  7  N2    ? ? ? 1_555 B DT  5 O2 ? ? A DG  7  B DT  15  1_555 ? ? ? ? ? ? 'DG-DT MISPAIR' ?     ? ? 
hydrog8  hydrog ?    ? A DC  8  N3    ? ? ? 1_555 B DG  3 N1 ? ? A DC  8  B DG  13  1_555 ? ? ? ? ? ? WATSON-CRICK    ?     ? ? 
hydrog9  hydrog ?    ? A DC  8  N4    ? ? ? 1_555 B DG  3 O6 ? ? A DC  8  B DG  13  1_555 ? ? ? ? ? ? WATSON-CRICK    ?     ? ? 
hydrog10 hydrog ?    ? A DC  8  O2    ? ? ? 1_555 B DG  3 N2 ? ? A DC  8  B DG  13  1_555 ? ? ? ? ? ? WATSON-CRICK    ?     ? ? 
hydrog11 hydrog ?    ? A DG  9  N1    ? ? ? 1_555 B DC  2 N3 ? ? A DG  9  B DC  12  1_555 ? ? ? ? ? ? WATSON-CRICK    ?     ? ? 
hydrog12 hydrog ?    ? A DG  9  N2    ? ? ? 1_555 B DC  2 O2 ? ? A DG  9  B DC  12  1_555 ? ? ? ? ? ? WATSON-CRICK    ?     ? ? 
hydrog13 hydrog ?    ? A DG  9  O6    ? ? ? 1_555 B DC  2 N4 ? ? A DG  9  B DC  12  1_555 ? ? ? ? ? ? WATSON-CRICK    ?     ? ? 
hydrog14 hydrog ?    ? A DG  10 N1    ? ? ? 1_555 B DC  1 N3 ? ? A DG  10 B DC  11  1_555 ? ? ? ? ? ? WATSON-CRICK    ?     ? ? 
hydrog15 hydrog ?    ? A DG  10 N2    ? ? ? 1_555 B DC  1 O2 ? ? A DG  10 B DC  11  1_555 ? ? ? ? ? ? WATSON-CRICK    ?     ? ? 
hydrog16 hydrog ?    ? A DG  10 O6    ? ? ? 1_555 B DC  1 N4 ? ? A DG  10 B DC  11  1_555 ? ? ? ? ? ? WATSON-CRICK    ?     ? ? 
# 
loop_
_struct_conn_type.id 
_struct_conn_type.criteria 
_struct_conn_type.reference 
covale ? ? 
metalc ? ? 
hydrog ? ? 
# 
loop_
_struct_site.id 
_struct_site.pdbx_evidence_code 
_struct_site.pdbx_auth_asym_id 
_struct_site.pdbx_auth_comp_id 
_struct_site.pdbx_auth_seq_id 
_struct_site.pdbx_auth_ins_code 
_struct_site.pdbx_num_residues 
_struct_site.details 
AC1 Software A SPM 22 ? 7 'BINDING SITE FOR RESIDUE SPM A 22' 
AC2 Software B CA  23 ? 6 'BINDING SITE FOR RESIDUE CA B 23'  
AC3 Software A NA  24 ? 6 'BINDING SITE FOR RESIDUE NA A 24'  
AC4 Software A CA  25 ? 4 'BINDING SITE FOR RESIDUE CA A 25'  
AC5 Software B NA  26 ? 5 'BINDING SITE FOR RESIDUE NA B 26'  
AC6 Software A NA  27 ? 4 'BINDING SITE FOR RESIDUE NA A 27'  
AC7 Software A PSO 21 ? 5 'BINDING SITE FOR RESIDUE PSO A 21' 
1   ?        ? ?   ?  ? ? ?                                   
# 
loop_
_struct_site_gen.id 
_struct_site_gen.site_id 
_struct_site_gen.pdbx_num_res 
_struct_site_gen.label_comp_id 
_struct_site_gen.label_asym_id 
_struct_site_gen.label_seq_id 
_struct_site_gen.pdbx_auth_ins_code 
_struct_site_gen.auth_comp_id 
_struct_site_gen.auth_asym_id 
_struct_site_gen.auth_seq_id 
_struct_site_gen.label_atom_id 
_struct_site_gen.label_alt_id 
_struct_site_gen.symmetry 
_struct_site_gen.details 
1  AC1 7 DC  A 1  ? DC  A 1   . ? 1_555 ? 
2  AC1 7 DG  A 10 ? DG  A 10  . ? 4_555 ? 
3  AC1 7 DG  A 10 ? DG  A 10  . ? 3_555 ? 
4  AC1 7 HOH J .  ? HOH A 177 . ? 1_555 ? 
5  AC1 7 DG  B 9  ? DG  B 19  . ? 2_666 ? 
6  AC1 7 HOH K .  ? HOH B 111 . ? 2_666 ? 
7  AC1 7 HOH K .  ? HOH B 204 . ? 2_666 ? 
8  AC2 6 DG  A 9  ? DG  A 9   . ? 4_556 ? 
9  AC2 6 DG  B 7  ? DG  B 17  . ? 1_555 ? 
10 AC2 6 HOH K .  ? HOH B 50  . ? 1_555 ? 
11 AC2 6 HOH K .  ? HOH B 93  . ? 1_555 ? 
12 AC2 6 HOH K .  ? HOH B 97  . ? 1_555 ? 
13 AC2 6 HOH K .  ? HOH B 223 . ? 1_555 ? 
14 AC3 6 HOH J .  ? HOH A 33  . ? 1_555 ? 
15 AC3 6 HOH J .  ? HOH A 57  . ? 1_555 ? 
16 AC3 6 HOH J .  ? HOH A 70  . ? 1_555 ? 
17 AC3 6 HOH J .  ? HOH A 151 . ? 1_555 ? 
18 AC3 6 HOH J .  ? HOH A 166 . ? 1_555 ? 
19 AC3 6 HOH J .  ? HOH A 180 . ? 1_555 ? 
20 AC4 4 HOH J .  ? HOH A 42  . ? 1_555 ? 
21 AC4 4 HOH J .  ? HOH A 90  . ? 1_555 ? 
22 AC4 4 HOH J .  ? HOH A 224 . ? 1_555 ? 
23 AC4 4 HOH K .  ? HOH B 75  . ? 1_555 ? 
24 AC5 5 HOH J .  ? HOH A 36  . ? 2_656 ? 
25 AC5 5 HOH J .  ? HOH A 53  . ? 2_656 ? 
26 AC5 5 HOH J .  ? HOH A 126 . ? 2_656 ? 
27 AC5 5 HOH J .  ? HOH A 142 . ? 2_656 ? 
28 AC5 5 HOH K .  ? HOH B 48  . ? 3_556 ? 
29 AC6 4 DC  A 4  ? DC  A 4   . ? 1_555 ? 
30 AC6 4 HOH J .  ? HOH A 29  . ? 1_555 ? 
31 AC6 4 HOH J .  ? HOH A 141 . ? 1_555 ? 
32 AC6 4 DT  B 5  ? DT  B 15  . ? 1_555 ? 
33 AC7 5 DC  A 4  ? DC  A 4   . ? 1_555 ? 
34 AC7 5 DT  A 5  ? DT  A 5   . ? 1_555 ? 
35 AC7 5 DA  A 6  ? DA  A 6   . ? 1_555 ? 
36 AC7 5 DT  B 5  ? DT  B 15  . ? 1_555 ? 
37 AC7 5 DA  B 6  ? DA  B 16  . ? 1_555 ? 
# 
_atom_sites.entry_id                    2B2B 
_atom_sites.fract_transf_matrix[1][1]   0.00915538 
_atom_sites.fract_transf_matrix[1][2]   -0.00124332 
_atom_sites.fract_transf_matrix[1][3]   -0.01613737 
_atom_sites.fract_transf_matrix[2][1]   -0.03864273 
_atom_sites.fract_transf_matrix[2][2]   -0.00388903 
_atom_sites.fract_transf_matrix[2][3]   -0.02162394 
_atom_sites.fract_transf_matrix[3][1]   0.00789162 
_atom_sites.fract_transf_matrix[3][2]   0.02104604 
_atom_sites.fract_transf_matrix[3][3]   -0.01788769 
_atom_sites.fract_transf_vector[1]      0.354492 
_atom_sites.fract_transf_vector[2]      0.518356 
_atom_sites.fract_transf_vector[3]      0.392755 
# 
loop_
_atom_type.symbol 
C  
CA 
N  
NA 
O  
P  
# 
loop_
_atom_site.group_PDB 
_atom_site.id 
_atom_site.type_symbol 
_atom_site.label_atom_id 
_atom_site.label_alt_id 
_atom_site.label_comp_id 
_atom_site.label_asym_id 
_atom_site.label_entity_id 
_atom_site.label_seq_id 
_atom_site.pdbx_PDB_ins_code 
_atom_site.Cartn_x 
_atom_site.Cartn_y 
_atom_site.Cartn_z 
_atom_site.occupancy 
_atom_site.B_iso_or_equiv 
_atom_site.pdbx_formal_charge 
_atom_site.auth_seq_id 
_atom_site.auth_comp_id 
_atom_site.auth_asym_id 
_atom_site.auth_atom_id 
_atom_site.pdbx_PDB_model_num 
ATOM   1   O  "O5'" . DC  A 1 1  ? -6.626  -20.153 -7.949  1.00 23.85  ? 1   DC  A "O5'" 1 
ATOM   2   C  "C5'" . DC  A 1 1  ? -7.709  -19.778 -7.123  1.00 18.37  ? 1   DC  A "C5'" 1 
ATOM   3   C  "C4'" . DC  A 1 1  ? -7.599  -18.301 -6.780  1.00 17.81  ? 1   DC  A "C4'" 1 
ATOM   4   O  "O4'" . DC  A 1 1  ? -6.377  -18.060 -6.053  1.00 15.47  ? 1   DC  A "O4'" 1 
ATOM   5   C  "C3'" . DC  A 1 1  ? -7.521  -17.260 -7.876  1.00 18.17  ? 1   DC  A "C3'" 1 
ATOM   6   O  "O3'" . DC  A 1 1  ? -8.080  -16.133 -7.238  1.00 19.39  ? 1   DC  A "O3'" 1 
ATOM   7   C  "C2'" . DC  A 1 1  ? -6.009  -17.097 -8.136  1.00 16.39  ? 1   DC  A "C2'" 1 
ATOM   8   C  "C1'" . DC  A 1 1  ? -5.350  -17.425 -6.791  1.00 13.62  ? 1   DC  A "C1'" 1 
ATOM   9   N  N1    . DC  A 1 1  ? -4.125  -18.367 -6.665  1.00 9.22   ? 1   DC  A N1    1 
ATOM   10  C  C2    . DC  A 1 1  ? -3.322  -18.296 -5.502  1.00 8.85   ? 1   DC  A C2    1 
ATOM   11  O  O2    . DC  A 1 1  ? -3.607  -17.470 -4.638  1.00 10.94  ? 1   DC  A O2    1 
ATOM   12  N  N3    . DC  A 1 1  ? -2.249  -19.121 -5.329  1.00 9.16   ? 1   DC  A N3    1 
ATOM   13  C  C4    . DC  A 1 1  ? -1.939  -20.029 -6.265  1.00 7.23   ? 1   DC  A C4    1 
ATOM   14  N  N4    . DC  A 1 1  ? -0.874  -20.802 -6.033  1.00 11.44  ? 1   DC  A N4    1 
ATOM   15  C  C5    . DC  A 1 1  ? -2.716  -20.135 -7.456  1.00 9.26   ? 1   DC  A C5    1 
ATOM   16  C  C6    . DC  A 1 1  ? -3.785  -19.307 -7.593  1.00 12.61  ? 1   DC  A C6    1 
ATOM   17  P  P     . DC  A 1 2  ? -8.487  -14.801 -8.012  1.00 21.04  ? 2   DC  A P     1 
ATOM   18  O  OP1   . DC  A 1 2  ? -9.793  -14.371 -7.496  1.00 19.95  ? 2   DC  A OP1   1 
ATOM   19  O  OP2   . DC  A 1 2  ? -8.357  -15.058 -9.468  1.00 20.21  ? 2   DC  A OP2   1 
ATOM   20  O  "O5'" . DC  A 1 2  ? -7.354  -13.735 -7.644  1.00 19.05  ? 2   DC  A "O5'" 1 
ATOM   21  C  "C5'" . DC  A 1 2  ? -6.655  -13.783 -6.406  1.00 19.30  ? 2   DC  A "C5'" 1 
ATOM   22  C  "C4'" . DC  A 1 2  ? -5.729  -12.586 -6.263  1.00 17.32  ? 2   DC  A "C4'" 1 
ATOM   23  O  "O4'" . DC  A 1 2  ? -4.423  -13.126 -6.042  1.00 13.06  ? 2   DC  A "O4'" 1 
ATOM   24  C  "C3'" . DC  A 1 2  ? -5.523  -11.661 -7.440  1.00 17.77  ? 2   DC  A "C3'" 1 
ATOM   25  O  "O3'" . DC  A 1 2  ? -4.855  -10.471 -6.989  1.00 18.00  ? 2   DC  A "O3'" 1 
ATOM   26  C  "C2'" . DC  A 1 2  ? -4.593  -12.512 -8.316  1.00 14.23  ? 2   DC  A "C2'" 1 
ATOM   27  C  "C1'" . DC  A 1 2  ? -3.648  -12.980 -7.224  1.00 12.78  ? 2   DC  A "C1'" 1 
ATOM   28  N  N1    . DC  A 1 2  ? -2.810  -14.210 -7.501  1.00 10.12  ? 2   DC  A N1    1 
ATOM   29  C  C2    . DC  A 1 2  ? -1.717  -14.491 -6.698  1.00 10.09  ? 2   DC  A C2    1 
ATOM   30  O  O2    . DC  A 1 2  ? -1.480  -13.764 -5.720  1.00 11.19  ? 2   DC  A O2    1 
ATOM   31  N  N3    . DC  A 1 2  ? -0.973  -15.616 -6.991  1.00 12.99  ? 2   DC  A N3    1 
ATOM   32  C  C4    . DC  A 1 2  ? -1.276  -16.395 -8.041  1.00 8.51   ? 2   DC  A C4    1 
ATOM   33  N  N4    . DC  A 1 2  ? -0.536  -17.473 -8.316  1.00 13.16  ? 2   DC  A N4    1 
ATOM   34  C  C5    . DC  A 1 2  ? -2.374  -16.092 -8.878  1.00 9.67   ? 2   DC  A C5    1 
ATOM   35  C  C6    . DC  A 1 2  ? -3.104  -14.997 -8.571  1.00 8.98   ? 2   DC  A C6    1 
ATOM   36  P  P     . DG  A 1 3  ? -5.629  -9.082  -6.785  1.00 20.12  ? 3   DG  A P     1 
ATOM   37  O  OP1   . DG  A 1 3  ? -6.645  -9.303  -5.736  1.00 16.08  ? 3   DG  A OP1   1 
ATOM   38  O  OP2   . DG  A 1 3  ? -6.014  -8.618  -8.139  1.00 17.89  ? 3   DG  A OP2   1 
ATOM   39  O  "O5'" . DG  A 1 3  ? -4.561  -8.061  -6.201  1.00 13.95  ? 3   DG  A "O5'" 1 
ATOM   40  C  "C5'" . DG  A 1 3  ? -3.937  -8.283  -4.900  1.00 9.86   ? 3   DG  A "C5'" 1 
ATOM   41  C  "C4'" . DG  A 1 3  ? -2.419  -8.146  -4.938  1.00 8.01   ? 3   DG  A "C4'" 1 
ATOM   42  O  "O4'" . DG  A 1 3  ? -1.825  -9.204  -5.709  1.00 4.55   ? 3   DG  A "O4'" 1 
ATOM   43  C  "C3'" . DG  A 1 3  ? -1.940  -6.859  -5.590  1.00 4.82   ? 3   DG  A "C3'" 1 
ATOM   44  O  "O3'" . DG  A 1 3  ? -0.728  -6.532  -4.946  1.00 5.41   ? 3   DG  A "O3'" 1 
ATOM   45  C  "C2'" . DG  A 1 3  ? -1.747  -7.263  -7.064  1.00 2.07   ? 3   DG  A "C2'" 1 
ATOM   46  C  "C1'" . DG  A 1 3  ? -1.072  -8.625  -6.777  1.00 5.88   ? 3   DG  A "C1'" 1 
ATOM   47  N  N9    . DG  A 1 3  ? -1.078  -9.604  -7.859  1.00 6.92   ? 3   DG  A N9    1 
ATOM   48  C  C8    . DG  A 1 3  ? -1.878  -9.624  -8.971  1.00 8.06   ? 3   DG  A C8    1 
ATOM   49  N  N7    . DG  A 1 3  ? -1.691  -10.671 -9.722  1.00 8.49   ? 3   DG  A N7    1 
ATOM   50  C  C5    . DG  A 1 3  ? -0.719  -11.384 -9.058  1.00 7.38   ? 3   DG  A C5    1 
ATOM   51  C  C6    . DG  A 1 3  ? -0.102  -12.604 -9.404  1.00 8.96   ? 3   DG  A C6    1 
ATOM   52  O  O6    . DG  A 1 3  ? -0.343  -13.253 -10.429 1.00 7.37   ? 3   DG  A O6    1 
ATOM   53  N  N1    . DG  A 1 3  ? 0.845   -13.017 -8.443  1.00 6.86   ? 3   DG  A N1    1 
ATOM   54  C  C2    . DG  A 1 3  ? 1.151   -12.316 -7.297  1.00 4.37   ? 3   DG  A C2    1 
ATOM   55  N  N2    . DG  A 1 3  ? 2.107   -12.858 -6.507  1.00 4.29   ? 3   DG  A N2    1 
ATOM   56  N  N3    . DG  A 1 3  ? 0.565   -11.159 -6.972  1.00 2.00   ? 3   DG  A N3    1 
ATOM   57  C  C4    . DG  A 1 3  ? -0.349  -10.762 -7.886  1.00 6.42   ? 3   DG  A C4    1 
ATOM   58  P  P     . DC  A 1 4  ? -0.256  -4.998  -4.811  1.00 7.08   ? 4   DC  A P     1 
ATOM   59  O  OP1   . DC  A 1 4  ? -0.993  -4.307  -3.715  1.00 4.85   ? 4   DC  A OP1   1 
ATOM   60  O  OP2   . DC  A 1 4  ? -0.173  -4.292  -6.106  1.00 11.47  ? 4   DC  A OP2   1 
ATOM   61  O  "O5'" . DC  A 1 4  ? 1.273   -5.274  -4.516  1.00 4.33   ? 4   DC  A "O5'" 1 
ATOM   62  C  "C5'" . DC  A 1 4  ? 1.610   -6.135  -3.371  1.00 4.20   ? 4   DC  A "C5'" 1 
ATOM   63  C  "C4'" . DC  A 1 4  ? 2.887   -6.925  -3.594  1.00 4.68   ? 4   DC  A "C4'" 1 
ATOM   64  O  "O4'" . DC  A 1 4  ? 2.696   -7.941  -4.597  1.00 4.44   ? 4   DC  A "O4'" 1 
ATOM   65  C  "C3'" . DC  A 1 4  ? 4.150   -6.098  -3.888  1.00 3.00   ? 4   DC  A "C3'" 1 
ATOM   66  O  "O3'" . DC  A 1 4  ? 5.309   -6.583  -3.183  1.00 7.30   ? 4   DC  A "O3'" 1 
ATOM   67  C  "C2'" . DC  A 1 4  ? 4.262   -6.250  -5.389  1.00 2.86   ? 4   DC  A "C2'" 1 
ATOM   68  C  "C1'" . DC  A 1 4  ? 3.745   -7.679  -5.533  1.00 4.49   ? 4   DC  A "C1'" 1 
ATOM   69  N  N1    . DC  A 1 4  ? 3.153   -8.024  -6.804  1.00 2.70   ? 4   DC  A N1    1 
ATOM   70  C  C2    . DC  A 1 4  ? 3.528   -9.263  -7.397  1.00 2.00   ? 4   DC  A C2    1 
ATOM   71  O  O2    . DC  A 1 4  ? 4.332   -10.060 -6.882  1.00 3.48   ? 4   DC  A O2    1 
ATOM   72  N  N3    . DC  A 1 4  ? 2.933   -9.543  -8.603  1.00 2.00   ? 4   DC  A N3    1 
ATOM   73  C  C4    . DC  A 1 4  ? 2.057   -8.719  -9.166  1.00 4.30   ? 4   DC  A C4    1 
ATOM   74  N  N4    . DC  A 1 4  ? 1.537   -9.092  -10.310 1.00 7.67   ? 4   DC  A N4    1 
ATOM   75  C  C5    . DC  A 1 4  ? 1.654   -7.485  -8.564  1.00 4.21   ? 4   DC  A C5    1 
ATOM   76  C  C6    . DC  A 1 4  ? 2.247   -7.181  -7.402  1.00 2.00   ? 4   DC  A C6    1 
ATOM   77  P  P     . DT  A 1 5  ? 5.588   -5.915  -1.723  1.00 7.56   ? 5   DT  A P     1 
ATOM   78  O  OP1   . DT  A 1 5  ? 6.531   -6.979  -1.239  1.00 8.58   ? 5   DT  A OP1   1 
ATOM   79  O  OP2   . DT  A 1 5  ? 4.323   -5.633  -0.932  1.00 8.20   ? 5   DT  A OP2   1 
ATOM   80  O  "O5'" . DT  A 1 5  ? 6.336   -4.513  -1.993  1.00 7.35   ? 5   DT  A "O5'" 1 
ATOM   81  C  "C5'" . DT  A 1 5  ? 7.585   -4.361  -2.697  1.00 8.26   ? 5   DT  A "C5'" 1 
ATOM   82  C  "C4'" . DT  A 1 5  ? 8.019   -2.908  -2.571  1.00 9.94   ? 5   DT  A "C4'" 1 
ATOM   83  O  "O4'" . DT  A 1 5  ? 7.110   -1.951  -3.198  1.00 11.53  ? 5   DT  A "O4'" 1 
ATOM   84  C  "C3'" . DT  A 1 5  ? 8.032   -2.464  -1.122  1.00 9.51   ? 5   DT  A "C3'" 1 
ATOM   85  O  "O3'" . DT  A 1 5  ? 9.269   -1.838  -0.786  1.00 9.04   ? 5   DT  A "O3'" 1 
ATOM   86  C  "C2'" . DT  A 1 5  ? 6.841   -1.521  -0.952  1.00 9.02   ? 5   DT  A "C2'" 1 
ATOM   87  C  "C1'" . DT  A 1 5  ? 6.841   -0.859  -2.320  1.00 9.98   ? 5   DT  A "C1'" 1 
ATOM   88  N  N1    . DT  A 1 5  ? 5.557   -0.385  -2.837  1.00 11.16  ? 5   DT  A N1    1 
ATOM   89  C  C2    . DT  A 1 5  ? 5.434   0.851   -3.439  1.00 8.66   ? 5   DT  A C2    1 
ATOM   90  O  O2    . DT  A 1 5  ? 6.293   1.697   -3.494  1.00 10.37  ? 5   DT  A O2    1 
ATOM   91  N  N3    . DT  A 1 5  ? 4.194   1.127   -3.878  1.00 7.77   ? 5   DT  A N3    1 
ATOM   92  C  C4    . DT  A 1 5  ? 3.051   0.360   -3.903  1.00 6.70   ? 5   DT  A C4    1 
ATOM   93  O  O4    . DT  A 1 5  ? 2.045   0.831   -4.419  1.00 8.81   ? 5   DT  A O4    1 
ATOM   94  C  C5    . DT  A 1 5  ? 3.126   -0.975  -3.289  1.00 5.68   ? 5   DT  A C5    1 
ATOM   95  C  C7    . DT  A 1 5  ? 2.574   -2.031  -4.193  1.00 8.34   ? 5   DT  A C7    1 
ATOM   96  C  C6    . DT  A 1 5  ? 4.515   -1.271  -2.764  1.00 5.40   ? 5   DT  A C6    1 
ATOM   97  P  P     . DA  A 1 6  ? 9.964   -1.693  0.741   1.00 15.68  ? 6   DA  A P     1 
ATOM   98  O  OP1   . DA  A 1 6  ? 11.313  -1.145  0.553   1.00 12.34  ? 6   DA  A OP1   1 
ATOM   99  O  OP2   . DA  A 1 6  ? 9.714   -2.925  1.515   1.00 16.34  ? 6   DA  A OP2   1 
ATOM   100 O  "O5'" . DA  A 1 6  ? 9.063   -0.533  1.367   1.00 9.22   ? 6   DA  A "O5'" 1 
ATOM   101 C  "C5'" . DA  A 1 6  ? 9.036   0.796   0.882   1.00 8.11   ? 6   DA  A "C5'" 1 
ATOM   102 C  "C4'" . DA  A 1 6  ? 8.206   1.669   1.826   1.00 5.96   ? 6   DA  A "C4'" 1 
ATOM   103 O  "O4'" . DA  A 1 6  ? 6.783   1.405   1.709   1.00 9.18   ? 6   DA  A "O4'" 1 
ATOM   104 C  "C3'" . DA  A 1 6  ? 8.533   1.610   3.313   1.00 11.78  ? 6   DA  A "C3'" 1 
ATOM   105 O  "O3'" . DA  A 1 6  ? 8.410   2.969   3.840   1.00 10.40  ? 6   DA  A "O3'" 1 
ATOM   106 C  "C2'" . DA  A 1 6  ? 7.489   0.596   3.780   1.00 9.01   ? 6   DA  A "C2'" 1 
ATOM   107 C  "C1'" . DA  A 1 6  ? 6.273   1.017   2.962   1.00 6.25   ? 6   DA  A "C1'" 1 
ATOM   108 N  N9    . DA  A 1 6  ? 5.287   -0.008  2.600   1.00 5.07   ? 6   DA  A N9    1 
ATOM   109 C  C8    . DA  A 1 6  ? 5.597   -1.304  2.312   1.00 2.26   ? 6   DA  A C8    1 
ATOM   110 N  N7    . DA  A 1 6  ? 4.571   -2.023  1.987   1.00 2.36   ? 6   DA  A N7    1 
ATOM   111 C  C5    . DA  A 1 6  ? 3.509   -1.130  2.059   1.00 2.35   ? 6   DA  A C5    1 
ATOM   112 C  C6    . DA  A 1 6  ? 2.105   -1.295  1.803   1.00 2.00   ? 6   DA  A C6    1 
ATOM   113 N  N6    . DA  A 1 6  ? 1.650   -2.491  1.420   1.00 3.18   ? 6   DA  A N6    1 
ATOM   114 N  N1    . DA  A 1 6  ? 1.266   -0.225  1.921   1.00 2.00   ? 6   DA  A N1    1 
ATOM   115 C  C2    . DA  A 1 6  ? 1.775   0.991   2.242   1.00 4.01   ? 6   DA  A C2    1 
ATOM   116 N  N3    . DA  A 1 6  ? 3.070   1.238   2.557   1.00 2.00   ? 6   DA  A N3    1 
ATOM   117 C  C4    . DA  A 1 6  ? 3.901   0.150   2.422   1.00 5.85   ? 6   DA  A C4    1 
ATOM   118 P  P     . DG  A 1 7  ? 8.879   3.235   5.335   1.00 14.11  ? 7   DG  A P     1 
ATOM   119 O  OP1   . DG  A 1 7  ? 9.557   4.551   5.377   1.00 15.45  ? 7   DG  A OP1   1 
ATOM   120 O  OP2   . DG  A 1 7  ? 9.594   2.039   5.832   1.00 7.31   ? 7   DG  A OP2   1 
ATOM   121 O  "O5'" . DG  A 1 7  ? 7.472   3.117   6.131   1.00 10.08  ? 7   DG  A "O5'" 1 
ATOM   122 C  "C5'" . DG  A 1 7  ? 6.410   4.048   6.104   1.00 10.07  ? 7   DG  A "C5'" 1 
ATOM   123 C  "C4'" . DG  A 1 7  ? 5.265   3.455   6.907   1.00 8.63   ? 7   DG  A "C4'" 1 
ATOM   124 O  "O4'" . DG  A 1 7  ? 4.652   2.389   6.114   1.00 10.04  ? 7   DG  A "O4'" 1 
ATOM   125 C  "C3'" . DG  A 1 7  ? 5.655   2.869   8.272   1.00 10.44  ? 7   DG  A "C3'" 1 
ATOM   126 O  "O3'" . DG  A 1 7  ? 4.573   3.113   9.137   1.00 12.46  ? 7   DG  A "O3'" 1 
ATOM   127 C  "C2'" . DG  A 1 7  ? 5.685   1.380   8.020   1.00 10.15  ? 7   DG  A "C2'" 1 
ATOM   128 C  "C1'" . DG  A 1 7  ? 4.504   1.287   7.027   1.00 7.35   ? 7   DG  A "C1'" 1 
ATOM   129 N  N9    . DG  A 1 7  ? 4.252   0.004   6.353   1.00 6.41   ? 7   DG  A N9    1 
ATOM   130 C  C8    . DG  A 1 7  ? 5.182   -0.975  6.078   1.00 3.20   ? 7   DG  A C8    1 
ATOM   131 N  N7    . DG  A 1 7  ? 4.649   -2.045  5.507   1.00 2.40   ? 7   DG  A N7    1 
ATOM   132 C  C5    . DG  A 1 7  ? 3.304   -1.766  5.422   1.00 2.00   ? 7   DG  A C5    1 
ATOM   133 C  C6    . DG  A 1 7  ? 2.233   -2.539  4.848   1.00 2.00   ? 7   DG  A C6    1 
ATOM   134 O  O6    . DG  A 1 7  ? 2.321   -3.685  4.319   1.00 3.34   ? 7   DG  A O6    1 
ATOM   135 N  N1    . DG  A 1 7  ? 1.010   -1.865  4.911   1.00 2.90   ? 7   DG  A N1    1 
ATOM   136 C  C2    . DG  A 1 7  ? 0.807   -0.601  5.428   1.00 2.00   ? 7   DG  A C2    1 
ATOM   137 N  N2    . DG  A 1 7  ? -0.430  -0.116  5.451   1.00 4.87   ? 7   DG  A N2    1 
ATOM   138 N  N3    . DG  A 1 7  ? 1.785   0.089   5.944   1.00 2.06   ? 7   DG  A N3    1 
ATOM   139 C  C4    . DG  A 1 7  ? 3.015   -0.510  5.929   1.00 2.24   ? 7   DG  A C4    1 
ATOM   140 P  P     . DC  A 1 8  ? 4.411   4.410   10.092  1.00 11.97  ? 8   DC  A P     1 
ATOM   141 O  OP1   . DC  A 1 8  ? 4.960   5.700   9.586   1.00 9.96   ? 8   DC  A OP1   1 
ATOM   142 O  OP2   . DC  A 1 8  ? 4.954   3.836   11.316  1.00 11.93  ? 8   DC  A OP2   1 
ATOM   143 O  "O5'" . DC  A 1 8  ? 2.837   4.534   10.301  1.00 8.46   ? 8   DC  A "O5'" 1 
ATOM   144 C  "C5'" . DC  A 1 8  ? 1.984   5.129   9.313   1.00 10.40  ? 8   DC  A "C5'" 1 
ATOM   145 C  "C4'" . DC  A 1 8  ? 0.558   4.620   9.412   1.00 8.11   ? 8   DC  A "C4'" 1 
ATOM   146 O  "O4'" . DC  A 1 8  ? 0.498   3.232   8.963   1.00 7.22   ? 8   DC  A "O4'" 1 
ATOM   147 C  "C3'" . DC  A 1 8  ? 0.094   4.559   10.850  1.00 9.68   ? 8   DC  A "C3'" 1 
ATOM   148 O  "O3'" . DC  A 1 8  ? -1.253  4.830   10.819  1.00 8.74   ? 8   DC  A "O3'" 1 
ATOM   149 C  "C2'" . DC  A 1 8  ? 0.327   3.099   11.233  1.00 9.02   ? 8   DC  A "C2'" 1 
ATOM   150 C  "C1'" . DC  A 1 8  ? -0.118  2.414   9.948   1.00 5.23   ? 8   DC  A "C1'" 1 
ATOM   151 N  N1    . DC  A 1 8  ? 0.531   1.117   9.677   1.00 4.63   ? 8   DC  A N1    1 
ATOM   152 C  C2    . DC  A 1 8  ? -0.134  0.033   9.075   1.00 2.33   ? 8   DC  A C2    1 
ATOM   153 O  O2    . DC  A 1 8  ? -1.294  0.208   8.761   1.00 2.00   ? 8   DC  A O2    1 
ATOM   154 N  N3    . DC  A 1 8  ? 0.570   -1.095  8.843   1.00 3.23   ? 8   DC  A N3    1 
ATOM   155 C  C4    . DC  A 1 8  ? 1.890   -1.131  9.147   1.00 4.81   ? 8   DC  A C4    1 
ATOM   156 N  N4    . DC  A 1 8  ? 2.604   -2.210  8.869   1.00 3.46   ? 8   DC  A N4    1 
ATOM   157 C  C5    . DC  A 1 8  ? 2.570   -0.045  9.771   1.00 9.51   ? 8   DC  A C5    1 
ATOM   158 C  C6    . DC  A 1 8  ? 1.860   1.046   9.987   1.00 2.29   ? 8   DC  A C6    1 
ATOM   159 P  P     . DG  A 1 9  ? -1.982  5.223   12.204  1.00 4.44   ? 9   DG  A P     1 
ATOM   160 O  OP1   . DG  A 1 9  ? -2.990  6.194   11.844  1.00 3.45   ? 9   DG  A OP1   1 
ATOM   161 O  OP2   . DG  A 1 9  ? -1.058  5.718   13.249  1.00 3.46   ? 9   DG  A OP2   1 
ATOM   162 O  "O5'" . DG  A 1 9  ? -2.843  3.853   12.538  1.00 5.18   ? 9   DG  A "O5'" 1 
ATOM   163 C  "C5'" . DG  A 1 9  ? -3.947  3.470   11.765  1.00 7.04   ? 9   DG  A "C5'" 1 
ATOM   164 C  "C4'" . DG  A 1 9  ? -4.427  2.102   12.229  1.00 6.95   ? 9   DG  A "C4'" 1 
ATOM   165 O  "O4'" . DG  A 1 9  ? -3.575  0.986   11.901  1.00 3.42   ? 9   DG  A "O4'" 1 
ATOM   166 C  "C3'" . DG  A 1 9  ? -4.578  2.089   13.747  1.00 6.28   ? 9   DG  A "C3'" 1 
ATOM   167 O  "O3'" . DG  A 1 9  ? -5.629  1.229   14.079  1.00 8.66   ? 9   DG  A "O3'" 1 
ATOM   168 C  "C2'" . DG  A 1 9  ? -3.260  1.532   14.248  1.00 6.58   ? 9   DG  A "C2'" 1 
ATOM   169 C  "C1'" . DG  A 1 9  ? -3.077  0.458   13.185  1.00 4.53   ? 9   DG  A "C1'" 1 
ATOM   170 N  N9    . DG  A 1 9  ? -1.705  -0.026  13.101  1.00 6.51   ? 9   DG  A N9    1 
ATOM   171 C  C8    . DG  A 1 9  ? -0.512  0.500   13.524  1.00 9.86   ? 9   DG  A C8    1 
ATOM   172 N  N7    . DG  A 1 9  ? 0.526   -0.248  13.235  1.00 9.28   ? 9   DG  A N7    1 
ATOM   173 C  C5    . DG  A 1 9  ? -0.028  -1.330  12.570  1.00 7.66   ? 9   DG  A C5    1 
ATOM   174 C  C6    . DG  A 1 9  ? 0.569   -2.491  11.991  1.00 3.39   ? 9   DG  A C6    1 
ATOM   175 O  O6    . DG  A 1 9  ? 1.783   -2.776  11.936  1.00 7.22   ? 9   DG  A O6    1 
ATOM   176 N  N1    . DG  A 1 9  ? -0.373  -3.330  11.394  1.00 2.84   ? 9   DG  A N1    1 
ATOM   177 C  C2    . DG  A 1 9  ? -1.725  -3.091  11.346  1.00 2.97   ? 9   DG  A C2    1 
ATOM   178 N  N2    . DG  A 1 9  ? -2.513  -3.988  10.732  1.00 7.54   ? 9   DG  A N2    1 
ATOM   179 N  N3    . DG  A 1 9  ? -2.295  -2.008  11.874  1.00 4.51   ? 9   DG  A N3    1 
ATOM   180 C  C4    . DG  A 1 9  ? -1.388  -1.178  12.469  1.00 6.24   ? 9   DG  A C4    1 
ATOM   181 P  P     . DG  A 1 10 ? -6.666  1.599   15.207  1.00 13.57  ? 10  DG  A P     1 
ATOM   182 O  OP1   . DG  A 1 10 ? -7.543  2.614   14.640  1.00 13.48  ? 10  DG  A OP1   1 
ATOM   183 O  OP2   . DG  A 1 10 ? -5.952  1.752   16.505  1.00 7.53   ? 10  DG  A OP2   1 
ATOM   184 O  "O5'" . DG  A 1 10 ? -7.416  0.214   15.370  1.00 10.69  ? 10  DG  A "O5'" 1 
ATOM   185 C  "C5'" . DG  A 1 10 ? -8.091  -0.286  14.212  1.00 8.95   ? 10  DG  A "C5'" 1 
ATOM   186 C  "C4'" . DG  A 1 10 ? -8.001  -1.792  14.139  1.00 8.07   ? 10  DG  A "C4'" 1 
ATOM   187 O  "O4'" . DG  A 1 10 ? -6.596  -2.201  14.077  1.00 9.12   ? 10  DG  A "O4'" 1 
ATOM   188 C  "C3'" . DG  A 1 10 ? -8.541  -2.417  15.411  1.00 10.08  ? 10  DG  A "C3'" 1 
ATOM   189 O  "O3'" . DG  A 1 10 ? -9.309  -3.557  15.019  1.00 10.16  ? 10  DG  A "O3'" 1 
ATOM   190 C  "C2'" . DG  A 1 10 ? -7.287  -2.667  16.273  1.00 7.35   ? 10  DG  A "C2'" 1 
ATOM   191 C  "C1'" . DG  A 1 10 ? -6.206  -2.966  15.227  1.00 2.64   ? 10  DG  A "C1'" 1 
ATOM   192 N  N9    . DG  A 1 10 ? -4.799  -2.674  15.465  1.00 3.44   ? 10  DG  A N9    1 
ATOM   193 C  C8    . DG  A 1 10 ? -4.228  -1.642  16.141  1.00 4.31   ? 10  DG  A C8    1 
ATOM   194 N  N7    . DG  A 1 10 ? -2.929  -1.674  16.095  1.00 3.73   ? 10  DG  A N7    1 
ATOM   195 C  C5    . DG  A 1 10 ? -2.581  -2.820  15.425  1.00 4.37   ? 10  DG  A C5    1 
ATOM   196 C  C6    . DG  A 1 10 ? -1.325  -3.363  15.061  1.00 4.88   ? 10  DG  A C6    1 
ATOM   197 O  O6    . DG  A 1 10 ? -0.172  -2.976  15.375  1.00 7.29   ? 10  DG  A O6    1 
ATOM   198 N  N1    . DG  A 1 10 ? -1.478  -4.534  14.315  1.00 6.50   ? 10  DG  A N1    1 
ATOM   199 C  C2    . DG  A 1 10 ? -2.667  -5.096  13.925  1.00 4.08   ? 10  DG  A C2    1 
ATOM   200 N  N2    . DG  A 1 10 ? -2.525  -6.230  13.231  1.00 5.21   ? 10  DG  A N2    1 
ATOM   201 N  N3    . DG  A 1 10 ? -3.855  -4.596  14.238  1.00 5.40   ? 10  DG  A N3    1 
ATOM   202 C  C4    . DG  A 1 10 ? -3.753  -3.453  15.000  1.00 3.67   ? 10  DG  A C4    1 
ATOM   203 O  "O5'" . DC  B 1 1  ? 4.349   -10.409 15.251  1.00 15.07  ? 11  DC  B "O5'" 1 
ATOM   204 C  "C5'" . DC  B 1 1  ? 3.457   -11.529 15.147  1.00 18.05  ? 11  DC  B "C5'" 1 
ATOM   205 C  "C4'" . DC  B 1 1  ? 2.477   -11.442 13.980  1.00 17.70  ? 11  DC  B "C4'" 1 
ATOM   206 O  "O4'" . DC  B 1 1  ? 1.803   -10.151 13.986  1.00 16.83  ? 11  DC  B "O4'" 1 
ATOM   207 C  "C3'" . DC  B 1 1  ? 3.028   -11.604 12.570  1.00 17.33  ? 11  DC  B "C3'" 1 
ATOM   208 O  "O3'" . DC  B 1 1  ? 2.048   -12.345 11.916  1.00 18.20  ? 11  DC  B "O3'" 1 
ATOM   209 C  "C2'" . DC  B 1 1  ? 3.142   -10.168 12.038  1.00 17.01  ? 11  DC  B "C2'" 1 
ATOM   210 C  "C1'" . DC  B 1 1  ? 1.991   -9.457  12.763  1.00 18.36  ? 11  DC  B "C1'" 1 
ATOM   211 N  N1    . DC  B 1 1  ? 2.153   -7.994  13.167  1.00 15.65  ? 11  DC  B N1    1 
ATOM   212 C  C2    . DC  B 1 1  ? 1.013   -7.205  13.379  1.00 15.08  ? 11  DC  B C2    1 
ATOM   213 O  O2    . DC  B 1 1  ? -0.100  -7.676  13.202  1.00 14.19  ? 11  DC  B O2    1 
ATOM   214 N  N3    . DC  B 1 1  ? 1.153   -5.911  13.757  1.00 17.24  ? 11  DC  B N3    1 
ATOM   215 C  C4    . DC  B 1 1  ? 2.377   -5.402  13.950  1.00 16.65  ? 11  DC  B C4    1 
ATOM   216 N  N4    . DC  B 1 1  ? 2.474   -4.114  14.318  1.00 17.53  ? 11  DC  B N4    1 
ATOM   217 C  C5    . DC  B 1 1  ? 3.554   -6.189  13.744  1.00 17.90  ? 11  DC  B C5    1 
ATOM   218 C  C6    . DC  B 1 1  ? 3.398   -7.465  13.367  1.00 18.99  ? 11  DC  B C6    1 
ATOM   219 P  P     . DC  B 1 2  ? 2.117   -12.989 10.449  1.00 23.22  ? 12  DC  B P     1 
ATOM   220 O  OP1   . DC  B 1 2  ? 1.295   -14.216 10.558  1.00 23.97  ? 12  DC  B OP1   1 
ATOM   221 O  OP2   . DC  B 1 2  ? 3.501   -13.075 9.950   1.00 22.31  ? 12  DC  B OP2   1 
ATOM   222 O  "O5'" . DC  B 1 2  ? 1.318   -11.902 9.596   1.00 20.44  ? 12  DC  B "O5'" 1 
ATOM   223 C  "C5'" . DC  B 1 2  ? -0.105  -12.010 9.704   1.00 18.61  ? 12  DC  B "C5'" 1 
ATOM   224 C  "C4'" . DC  B 1 2  ? -0.949  -10.834 9.223   1.00 15.83  ? 12  DC  B "C4'" 1 
ATOM   225 O  "O4'" . DC  B 1 2  ? -0.682  -9.600  9.925   1.00 11.01  ? 12  DC  B "O4'" 1 
ATOM   226 C  "C3'" . DC  B 1 2  ? -0.825  -10.548 7.727   1.00 15.62  ? 12  DC  B "C3'" 1 
ATOM   227 O  "O3'" . DC  B 1 2  ? -2.097  -10.184 7.228   1.00 19.33  ? 12  DC  B "O3'" 1 
ATOM   228 C  "C2'" . DC  B 1 2  ? 0.141   -9.390  7.695   1.00 12.70  ? 12  DC  B "C2'" 1 
ATOM   229 C  "C1'" . DC  B 1 2  ? -0.340  -8.620  8.935   1.00 9.46   ? 12  DC  B "C1'" 1 
ATOM   230 N  N1    . DC  B 1 2  ? 0.660   -7.669  9.401   1.00 10.58  ? 12  DC  B N1    1 
ATOM   231 C  C2    . DC  B 1 2  ? 0.152   -6.410  9.805   1.00 7.61   ? 12  DC  B C2    1 
ATOM   232 O  O2    . DC  B 1 2  ? -1.065  -6.191  9.700   1.00 7.92   ? 12  DC  B O2    1 
ATOM   233 N  N3    . DC  B 1 2  ? 1.041   -5.499  10.233  1.00 10.43  ? 12  DC  B N3    1 
ATOM   234 C  C4    . DC  B 1 2  ? 2.351   -5.766  10.299  1.00 6.04   ? 12  DC  B C4    1 
ATOM   235 N  N4    . DC  B 1 2  ? 3.207   -4.835  10.730  1.00 12.24  ? 12  DC  B N4    1 
ATOM   236 C  C5    . DC  B 1 2  ? 2.891   -7.032  9.910   1.00 8.33   ? 12  DC  B C5    1 
ATOM   237 C  C6    . DC  B 1 2  ? 2.006   -7.952  9.474   1.00 6.03   ? 12  DC  B C6    1 
ATOM   238 P  P     . DG  B 1 3  ? -2.749  -11.086 6.077   1.00 23.57  ? 13  DG  B P     1 
ATOM   239 O  OP1   . DG  B 1 3  ? -3.002  -12.468 6.536   1.00 21.36  ? 13  DG  B OP1   1 
ATOM   240 O  OP2   . DG  B 1 3  ? -1.909  -10.868 4.869   1.00 22.59  ? 13  DG  B OP2   1 
ATOM   241 O  "O5'" . DG  B 1 3  ? -4.148  -10.394 5.773   1.00 20.82  ? 13  DG  B "O5'" 1 
ATOM   242 C  "C5'" . DG  B 1 3  ? -5.064  -9.969  6.770   1.00 14.49  ? 13  DG  B "C5'" 1 
ATOM   243 C  "C4'" . DG  B 1 3  ? -5.536  -8.531  6.518   1.00 14.97  ? 13  DG  B "C4'" 1 
ATOM   244 O  "O4'" . DG  B 1 3  ? -4.568  -7.573  7.030   1.00 11.69  ? 13  DG  B "O4'" 1 
ATOM   245 C  "C3'" . DG  B 1 3  ? -5.756  -8.128  5.052   1.00 15.87  ? 13  DG  B "C3'" 1 
ATOM   246 O  "O3'" . DG  B 1 3  ? -6.834  -7.217  4.995   1.00 18.55  ? 13  DG  B "O3'" 1 
ATOM   247 C  "C2'" . DG  B 1 3  ? -4.457  -7.426  4.653   1.00 13.18  ? 13  DG  B "C2'" 1 
ATOM   248 C  "C1'" . DG  B 1 3  ? -4.179  -6.701  5.957   1.00 10.50  ? 13  DG  B "C1'" 1 
ATOM   249 N  N9    . DG  B 1 3  ? -2.791  -6.331  6.105   1.00 9.72   ? 13  DG  B N9    1 
ATOM   250 C  C8    . DG  B 1 3  ? -1.738  -7.107  5.753   1.00 9.26   ? 13  DG  B C8    1 
ATOM   251 N  N7    . DG  B 1 3  ? -0.618  -6.576  6.016   1.00 7.93   ? 13  DG  B N7    1 
ATOM   252 C  C5    . DG  B 1 3  ? -0.918  -5.334  6.569   1.00 7.02   ? 13  DG  B C5    1 
ATOM   253 C  C6    . DG  B 1 3  ? -0.059  -4.303  7.008   1.00 2.00   ? 13  DG  B C6    1 
ATOM   254 O  O6    . DG  B 1 3  ? 1.182   -4.301  7.061   1.00 8.72   ? 13  DG  B O6    1 
ATOM   255 N  N1    . DG  B 1 3  ? -0.725  -3.186  7.497   1.00 4.06   ? 13  DG  B N1    1 
ATOM   256 C  C2    . DG  B 1 3  ? -2.134  -3.143  7.558   1.00 4.86   ? 13  DG  B C2    1 
ATOM   257 N  N2    . DG  B 1 3  ? -2.734  -2.027  8.034   1.00 7.40   ? 13  DG  B N2    1 
ATOM   258 N  N3    . DG  B 1 3  ? -2.965  -4.103  7.132   1.00 5.49   ? 13  DG  B N3    1 
ATOM   259 C  C4    . DG  B 1 3  ? -2.287  -5.166  6.619   1.00 8.12   ? 13  DG  B C4    1 
ATOM   260 P  P     . DC  B 1 4  ? -7.588  -6.912  3.624   1.00 20.76  ? 14  DC  B P     1 
ATOM   261 O  OP1   . DC  B 1 4  ? -8.864  -7.644  3.760   1.00 20.48  ? 14  DC  B OP1   1 
ATOM   262 O  OP2   . DC  B 1 4  ? -6.724  -7.107  2.442   1.00 17.34  ? 14  DC  B OP2   1 
ATOM   263 O  "O5'" . DC  B 1 4  ? -7.808  -5.318  3.644   1.00 20.51  ? 14  DC  B "O5'" 1 
ATOM   264 C  "C5'" . DC  B 1 4  ? -7.796  -4.611  4.872   1.00 17.21  ? 14  DC  B "C5'" 1 
ATOM   265 C  "C4'" . DC  B 1 4  ? -7.110  -3.280  4.692   1.00 10.95  ? 14  DC  B "C4'" 1 
ATOM   266 O  "O4'" . DC  B 1 4  ? -5.674  -3.446  4.741   1.00 11.41  ? 14  DC  B "O4'" 1 
ATOM   267 C  "C3'" . DC  B 1 4  ? -7.394  -2.495  3.426   1.00 12.47  ? 14  DC  B "C3'" 1 
ATOM   268 O  "O3'" . DC  B 1 4  ? -7.853  -1.291  3.964   1.00 13.88  ? 14  DC  B "O3'" 1 
ATOM   269 C  "C2'" . DC  B 1 4  ? -6.046  -2.348  2.734   1.00 10.12  ? 14  DC  B "C2'" 1 
ATOM   270 C  "C1'" . DC  B 1 4  ? -5.081  -2.455  3.902   1.00 11.03  ? 14  DC  B "C1'" 1 
ATOM   271 N  N1    . DC  B 1 4  ? -3.743  -3.073  3.637   1.00 8.55   ? 14  DC  B N1    1 
ATOM   272 C  C2    . DC  B 1 4  ? -2.551  -2.437  4.043   1.00 5.65   ? 14  DC  B C2    1 
ATOM   273 O  O2    . DC  B 1 4  ? -2.678  -1.311  4.574   1.00 7.81   ? 14  DC  B O2    1 
ATOM   274 N  N3    . DC  B 1 4  ? -1.324  -3.060  3.817   1.00 2.00   ? 14  DC  B N3    1 
ATOM   275 C  C4    . DC  B 1 4  ? -1.310  -4.286  3.257   1.00 5.26   ? 14  DC  B C4    1 
ATOM   276 N  N4    . DC  B 1 4  ? -0.138  -4.898  3.056   1.00 4.37   ? 14  DC  B N4    1 
ATOM   277 C  C5    . DC  B 1 4  ? -2.528  -4.939  2.893   1.00 3.62   ? 14  DC  B C5    1 
ATOM   278 C  C6    . DC  B 1 4  ? -3.703  -4.329  3.080   1.00 7.33   ? 14  DC  B C6    1 
ATOM   279 P  P     . DT  B 1 5  ? -9.317  -0.410  3.118   1.00 19.99  ? 15  DT  B P     1 
ATOM   280 O  OP1   . DT  B 1 5  ? -10.420 -0.014  4.042   1.00 20.65  ? 15  DT  B OP1   1 
ATOM   281 O  OP2   . DT  B 1 5  ? -9.495  -1.201  1.892   1.00 20.08  ? 15  DT  B OP2   1 
ATOM   282 O  "O5'" . DT  B 1 5  ? -8.442  0.898   2.795   1.00 17.53  ? 15  DT  B "O5'" 1 
ATOM   283 C  "C5'" . DT  B 1 5  ? -7.424  0.885   1.804   1.00 14.35  ? 15  DT  B "C5'" 1 
ATOM   284 C  "C4'" . DT  B 1 5  ? -6.420  1.972   2.135   1.00 9.32   ? 15  DT  B "C4'" 1 
ATOM   285 O  "O4'" . DT  B 1 5  ? -5.117  1.481   2.578   1.00 9.35   ? 15  DT  B "O4'" 1 
ATOM   286 C  "C3'" . DT  B 1 5  ? -6.142  2.807   0.908   1.00 10.98  ? 15  DT  B "C3'" 1 
ATOM   287 O  "O3'" . DT  B 1 5  ? -6.981  3.967   1.009   1.00 13.02  ? 15  DT  B "O3'" 1 
ATOM   288 C  "C2'" . DT  B 1 5  ? -4.673  3.211   1.019   1.00 5.86   ? 15  DT  B "C2'" 1 
ATOM   289 C  "C1'" . DT  B 1 5  ? -4.066  2.077   1.819   1.00 8.86   ? 15  DT  B "C1'" 1 
ATOM   290 N  N1    . DT  B 1 5  ? -3.390  0.860   1.212   1.00 2.17   ? 15  DT  B N1    1 
ATOM   291 C  C2    . DT  B 1 5  ? -2.221  0.574   1.880   1.00 5.92   ? 15  DT  B C2    1 
ATOM   292 O  O2    . DT  B 1 5  ? -1.800  1.247   2.781   1.00 9.33   ? 15  DT  B O2    1 
ATOM   293 N  N3    . DT  B 1 5  ? -1.541  -0.524  1.460   1.00 4.99   ? 15  DT  B N3    1 
ATOM   294 C  C4    . DT  B 1 5  ? -1.868  -1.421  0.459   1.00 6.80   ? 15  DT  B C4    1 
ATOM   295 O  O4    . DT  B 1 5  ? -1.102  -2.354  0.255   1.00 6.64   ? 15  DT  B O4    1 
ATOM   296 C  C5    . DT  B 1 5  ? -3.095  -1.180  -0.298  1.00 4.53   ? 15  DT  B C5    1 
ATOM   297 C  C7    . DT  B 1 5  ? -4.022  -2.358  -0.349  1.00 9.96   ? 15  DT  B C7    1 
ATOM   298 C  C6    . DT  B 1 5  ? -3.844  0.104   0.126   1.00 6.39   ? 15  DT  B C6    1 
ATOM   299 P  P     . DA  B 1 6  ? -7.290  4.822   -0.320  1.00 14.78  ? 16  DA  B P     1 
ATOM   300 O  OP1   . DA  B 1 6  ? -8.341  5.784   0.123   1.00 18.58  ? 16  DA  B OP1   1 
ATOM   301 O  OP2   . DA  B 1 6  ? -7.405  3.844   -1.428  1.00 16.96  ? 16  DA  B OP2   1 
ATOM   302 O  "O5'" . DA  B 1 6  ? -5.927  5.611   -0.634  1.00 11.68  ? 16  DA  B "O5'" 1 
ATOM   303 C  "C5'" . DA  B 1 6  ? -5.409  6.591   0.233   1.00 9.68   ? 16  DA  B "C5'" 1 
ATOM   304 C  "C4'" . DA  B 1 6  ? -4.545  7.565   -0.528  1.00 12.45  ? 16  DA  B "C4'" 1 
ATOM   305 O  "O4'" . DA  B 1 6  ? -3.395  6.900   -1.109  1.00 10.99  ? 16  DA  B "O4'" 1 
ATOM   306 C  "C3'" . DA  B 1 6  ? -5.270  8.290   -1.654  1.00 11.49  ? 16  DA  B "C3'" 1 
ATOM   307 O  "O3'" . DA  B 1 6  ? -4.583  9.492   -1.658  1.00 11.18  ? 16  DA  B "O3'" 1 
ATOM   308 C  "C2'" . DA  B 1 6  ? -4.901  7.503   -2.906  1.00 9.12   ? 16  DA  B "C2'" 1 
ATOM   309 C  "C1'" . DA  B 1 6  ? -3.489  7.040   -2.520  1.00 10.29  ? 16  DA  B "C1'" 1 
ATOM   310 N  N9    . DA  B 1 6  ? -3.021  5.816   -3.152  1.00 10.67  ? 16  DA  B N9    1 
ATOM   311 C  C8    . DA  B 1 6  ? -3.678  4.781   -3.779  1.00 10.05  ? 16  DA  B C8    1 
ATOM   312 N  N7    . DA  B 1 6  ? -2.879  3.833   -4.286  1.00 7.81   ? 16  DA  B N7    1 
ATOM   313 C  C5    . DA  B 1 6  ? -1.627  4.318   -3.958  1.00 6.30   ? 16  DA  B C5    1 
ATOM   314 C  C6    . DA  B 1 6  ? -0.309  3.828   -4.181  1.00 4.85   ? 16  DA  B C6    1 
ATOM   315 N  N6    . DA  B 1 6  ? -0.014  2.677   -4.818  1.00 9.48   ? 16  DA  B N6    1 
ATOM   316 N  N1    . DA  B 1 6  ? 0.729   4.589   -3.725  1.00 4.58   ? 16  DA  B N1    1 
ATOM   317 C  C2    . DA  B 1 6  ? 0.500   5.720   -3.068  1.00 8.30   ? 16  DA  B C2    1 
ATOM   318 N  N3    . DA  B 1 6  ? -0.677  6.282   -2.800  1.00 6.71   ? 16  DA  B N3    1 
ATOM   319 C  C4    . DA  B 1 6  ? -1.700  5.543   -3.292  1.00 7.29   ? 16  DA  B C4    1 
ATOM   320 P  P     . DG  B 1 7  ? -5.405  10.852  -1.748  1.00 6.00   ? 17  DG  B P     1 
ATOM   321 O  OP1   . DG  B 1 7  ? -6.223  10.961  -0.528  1.00 9.51   ? 17  DG  B OP1   1 
ATOM   322 O  OP2   . DG  B 1 7  ? -6.135  10.894  -3.025  1.00 5.74   ? 17  DG  B OP2   1 
ATOM   323 O  "O5'" . DG  B 1 7  ? -4.218  11.898  -1.693  1.00 8.28   ? 17  DG  B "O5'" 1 
ATOM   324 C  "C5'" . DG  B 1 7  ? -3.360  12.109  -0.613  1.00 7.51   ? 17  DG  B "C5'" 1 
ATOM   325 C  "C4'" . DG  B 1 7  ? -1.994  12.455  -1.139  1.00 6.87   ? 17  DG  B "C4'" 1 
ATOM   326 O  "O4'" . DG  B 1 7  ? -1.466  11.357  -1.946  1.00 5.80   ? 17  DG  B "O4'" 1 
ATOM   327 C  "C3'" . DG  B 1 7  ? -1.942  13.704  -1.996  1.00 4.49   ? 17  DG  B "C3'" 1 
ATOM   328 O  "O3'" . DG  B 1 7  ? -0.752  14.357  -1.608  1.00 9.17   ? 17  DG  B "O3'" 1 
ATOM   329 C  "C2'" . DG  B 1 7  ? -1.872  13.177  -3.430  1.00 3.85   ? 17  DG  B "C2'" 1 
ATOM   330 C  "C1'" . DG  B 1 7  ? -1.196  11.826  -3.251  1.00 5.74   ? 17  DG  B "C1'" 1 
ATOM   331 N  N9    . DG  B 1 7  ? -1.731  10.766  -4.085  1.00 5.92   ? 17  DG  B N9    1 
ATOM   332 C  C8    . DG  B 1 7  ? -3.029  10.559  -4.433  1.00 3.62   ? 17  DG  B C8    1 
ATOM   333 N  N7    . DG  B 1 7  ? -3.229  9.496   -5.163  1.00 7.24   ? 17  DG  B N7    1 
ATOM   334 C  C5    . DG  B 1 7  ? -2.000  8.921   -5.309  1.00 6.94   ? 17  DG  B C5    1 
ATOM   335 C  C6    . DG  B 1 7  ? -1.635  7.752   -6.017  1.00 3.36   ? 17  DG  B C6    1 
ATOM   336 O  O6    . DG  B 1 7  ? -2.357  6.961   -6.639  1.00 3.61   ? 17  DG  B O6    1 
ATOM   337 N  N1    . DG  B 1 7  ? -0.263  7.534   -5.943  1.00 5.78   ? 17  DG  B N1    1 
ATOM   338 C  C2    . DG  B 1 7  ? 0.602   8.332   -5.206  1.00 4.66   ? 17  DG  B C2    1 
ATOM   339 N  N2    . DG  B 1 7  ? 1.916   8.012   -5.185  1.00 5.89   ? 17  DG  B N2    1 
ATOM   340 N  N3    . DG  B 1 7  ? 0.243   9.422   -4.565  1.00 6.18   ? 17  DG  B N3    1 
ATOM   341 C  C4    . DG  B 1 7  ? -1.055  9.666   -4.637  1.00 2.55   ? 17  DG  B C4    1 
ATOM   342 P  P     . DC  B 1 8  ? -0.261  15.676  -2.345  1.00 11.13  ? 18  DC  B P     1 
ATOM   343 O  OP1   . DC  B 1 8  ? 0.581   16.518  -1.505  1.00 14.17  ? 18  DC  B OP1   1 
ATOM   344 O  OP2   . DC  B 1 8  ? -1.450  16.277  -2.943  1.00 13.49  ? 18  DC  B OP2   1 
ATOM   345 O  "O5'" . DC  B 1 8  ? 0.553   15.035  -3.557  1.00 11.57  ? 18  DC  B "O5'" 1 
ATOM   346 C  "C5'" . DC  B 1 8  ? 1.733   14.311  -3.337  1.00 12.61  ? 18  DC  B "C5'" 1 
ATOM   347 C  "C4'" . DC  B 1 8  ? 2.327   13.944  -4.687  1.00 12.47  ? 18  DC  B "C4'" 1 
ATOM   348 O  "O4'" . DC  B 1 8  ? 1.473   12.990  -5.369  1.00 11.23  ? 18  DC  B "O4'" 1 
ATOM   349 C  "C3'" . DC  B 1 8  ? 2.573   15.115  -5.657  1.00 14.17  ? 18  DC  B "C3'" 1 
ATOM   350 O  "O3'" . DC  B 1 8  ? 3.924   14.961  -6.137  1.00 18.42  ? 18  DC  B "O3'" 1 
ATOM   351 C  "C2'" . DC  B 1 8  ? 1.552   14.872  -6.784  1.00 14.92  ? 18  DC  B "C2'" 1 
ATOM   352 C  "C1'" . DC  B 1 8  ? 1.397   13.352  -6.712  1.00 9.76   ? 18  DC  B "C1'" 1 
ATOM   353 N  N1    . DC  B 1 8  ? 0.114   12.709  -7.139  1.00 9.99   ? 18  DC  B N1    1 
ATOM   354 C  C2    . DC  B 1 8  ? 0.158   11.438  -7.736  1.00 6.89   ? 18  DC  B C2    1 
ATOM   355 O  O2    . DC  B 1 8  ? 1.251   10.847  -7.886  1.00 9.23   ? 18  DC  B O2    1 
ATOM   356 N  N3    . DC  B 1 8  ? -1.028  10.850  -8.130  1.00 11.98  ? 18  DC  B N3    1 
ATOM   357 C  C4    . DC  B 1 8  ? -2.205  11.452  -7.944  1.00 11.73  ? 18  DC  B C4    1 
ATOM   358 N  N4    . DC  B 1 8  ? -3.317  10.817  -8.350  1.00 9.88   ? 18  DC  B N4    1 
ATOM   359 C  C5    . DC  B 1 8  ? -2.252  12.758  -7.360  1.00 11.98  ? 18  DC  B C5    1 
ATOM   360 C  C6    . DC  B 1 8  ? -1.096  13.326  -6.963  1.00 9.83   ? 18  DC  B C6    1 
ATOM   361 P  P     . DG  B 1 9  ? 5.081   16.046  -5.996  1.00 22.24  ? 19  DG  B P     1 
ATOM   362 O  OP1   . DG  B 1 9  ? 5.608   16.071  -4.627  1.00 20.52  ? 19  DG  B OP1   1 
ATOM   363 O  OP2   . DG  B 1 9  ? 4.673   17.255  -6.756  1.00 19.78  ? 19  DG  B OP2   1 
ATOM   364 O  "O5'" . DG  B 1 9  ? 6.195   15.368  -6.927  1.00 20.87  ? 19  DG  B "O5'" 1 
ATOM   365 C  "C5'" . DG  B 1 9  ? 6.695   14.067  -6.594  1.00 22.23  ? 19  DG  B "C5'" 1 
ATOM   366 C  "C4'" . DG  B 1 9  ? 7.160   13.324  -7.831  1.00 23.59  ? 19  DG  B "C4'" 1 
ATOM   367 O  "O4'" . DG  B 1 9  ? 5.978   12.765  -8.439  1.00 21.17  ? 19  DG  B "O4'" 1 
ATOM   368 C  "C3'" . DG  B 1 9  ? 7.886   14.154  -8.894  1.00 23.85  ? 19  DG  B "C3'" 1 
ATOM   369 O  "O3'" . DG  B 1 9  ? 9.188   13.613  -9.161  1.00 26.75  ? 19  DG  B "O3'" 1 
ATOM   370 C  "C2'" . DG  B 1 9  ? 6.980   14.150  -10.124 1.00 22.95  ? 19  DG  B "C2'" 1 
ATOM   371 C  "C1'" . DG  B 1 9  ? 5.841   13.210  -9.766  1.00 21.09  ? 19  DG  B "C1'" 1 
ATOM   372 N  N9    . DG  B 1 9  ? 4.539   13.828  -9.882  1.00 19.55  ? 19  DG  B N9    1 
ATOM   373 C  C8    . DG  B 1 9  ? 4.131   15.097  -9.569  1.00 19.78  ? 19  DG  B C8    1 
ATOM   374 N  N7    . DG  B 1 9  ? 2.874   15.340  -9.827  1.00 19.08  ? 19  DG  B N7    1 
ATOM   375 C  C5    . DG  B 1 9  ? 2.414   14.133  -10.336 1.00 18.05  ? 19  DG  B C5    1 
ATOM   376 C  C6    . DG  B 1 9  ? 1.123   13.726  -10.780 1.00 19.88  ? 19  DG  B C6    1 
ATOM   377 O  O6    . DG  B 1 9  ? 0.059   14.358  -10.843 1.00 20.27  ? 19  DG  B O6    1 
ATOM   378 N  N1    . DG  B 1 9  ? 1.122   12.405  -11.214 1.00 19.02  ? 19  DG  B N1    1 
ATOM   379 C  C2    . DG  B 1 9  ? 2.208   11.569  -11.205 1.00 15.47  ? 19  DG  B C2    1 
ATOM   380 N  N2    . DG  B 1 9  ? 2.017   10.326  -11.657 1.00 18.13  ? 19  DG  B N2    1 
ATOM   381 N  N3    . DG  B 1 9  ? 3.406   11.920  -10.785 1.00 14.39  ? 19  DG  B N3    1 
ATOM   382 C  C4    . DG  B 1 9  ? 3.428   13.203  -10.364 1.00 18.47  ? 19  DG  B C4    1 
ATOM   383 P  P     . DG  B 1 10 ? 10.134  14.271  -10.295 1.00 29.71  ? 20  DG  B P     1 
ATOM   384 O  OP1   . DG  B 1 10 ? 11.532  13.930  -9.949  1.00 26.72  ? 20  DG  B OP1   1 
ATOM   385 O  OP2   . DG  B 1 10 ? 9.741   15.677  -10.507 1.00 28.43  ? 20  DG  B OP2   1 
ATOM   386 O  "O5'" . DG  B 1 10 ? 9.705   13.538  -11.643 1.00 26.02  ? 20  DG  B "O5'" 1 
ATOM   387 C  "C5'" . DG  B 1 10 ? 9.608   12.118  -11.734 1.00 25.24  ? 20  DG  B "C5'" 1 
ATOM   388 C  "C4'" . DG  B 1 10 ? 8.793   11.810  -12.970 1.00 23.46  ? 20  DG  B "C4'" 1 
ATOM   389 O  "O4'" . DG  B 1 10 ? 7.542   12.525  -12.870 1.00 21.48  ? 20  DG  B "O4'" 1 
ATOM   390 C  "C3'" . DG  B 1 10 ? 9.427   12.295  -14.263 1.00 24.05  ? 20  DG  B "C3'" 1 
ATOM   391 O  "O3'" . DG  B 1 10 ? 9.562   11.151  -15.121 1.00 26.55  ? 20  DG  B "O3'" 1 
ATOM   392 C  "C2'" . DG  B 1 10 ? 8.514   13.434  -14.759 1.00 22.89  ? 20  DG  B "C2'" 1 
ATOM   393 C  "C1'" . DG  B 1 10 ? 7.170   13.075  -14.125 1.00 19.93  ? 20  DG  B "C1'" 1 
ATOM   394 N  N9    . DG  B 1 10 ? 6.102   14.058  -13.810 1.00 19.02  ? 20  DG  B N9    1 
ATOM   395 C  C8    . DG  B 1 10 ? 6.181   15.328  -13.299 1.00 19.15  ? 20  DG  B C8    1 
ATOM   396 N  N7    . DG  B 1 10 ? 5.030   15.909  -13.072 1.00 17.89  ? 20  DG  B N7    1 
ATOM   397 C  C5    . DG  B 1 10 ? 4.093   14.954  -13.447 1.00 18.80  ? 20  DG  B C5    1 
ATOM   398 C  C6    . DG  B 1 10 ? 2.662   14.970  -13.433 1.00 17.94  ? 20  DG  B C6    1 
ATOM   399 O  O6    . DG  B 1 10 ? 1.910   15.875  -13.079 1.00 18.07  ? 20  DG  B O6    1 
ATOM   400 N  N1    . DG  B 1 10 ? 2.090   13.776  -13.885 1.00 17.33  ? 20  DG  B N1    1 
ATOM   401 C  C2    . DG  B 1 10 ? 2.825   12.698  -14.299 1.00 16.98  ? 20  DG  B C2    1 
ATOM   402 N  N2    . DG  B 1 10 ? 2.151   11.619  -14.713 1.00 18.49  ? 20  DG  B N2    1 
ATOM   403 N  N3    . DG  B 1 10 ? 4.148   12.692  -14.319 1.00 18.80  ? 20  DG  B N3    1 
ATOM   404 C  C4    . DG  B 1 10 ? 4.729   13.823  -13.882 1.00 18.34  ? 20  DG  B C4    1 
HETATM 405 C  C9    . SPM C 2 .  ? -5.308  -20.575 -10.661 1.00 23.45  ? 22  SPM A C9    1 
HETATM 406 N  N10   . SPM C 2 .  ? -5.509  -21.677 -11.582 1.00 27.17  ? 22  SPM A N10   1 
HETATM 407 C  C11   . SPM C 2 .  ? -6.737  -22.450 -11.581 1.00 24.54  ? 22  SPM A C11   1 
HETATM 408 C  C12   . SPM C 2 .  ? -7.008  -23.149 -12.890 1.00 26.29  ? 22  SPM A C12   1 
HETATM 409 C  C13   . SPM C 2 .  ? -7.985  -22.317 -13.700 1.00 26.57  ? 22  SPM A C13   1 
HETATM 410 N  N14   . SPM C 2 .  ? -8.937  -23.174 -14.375 1.00 28.12  ? 22  SPM A N14   1 
HETATM 411 NA NA    . NA  D 3 .  ? 6.273   -5.218  3.034   1.00 15.82  ? 24  NA  A NA    1 
HETATM 412 CA CA    . CA  E 4 .  ? -6.306  -2.026  9.505   1.00 17.10  ? 25  CA  A CA    1 
HETATM 413 NA NA    . NA  F 3 .  ? -1.152  -4.767  -1.157  1.00 16.83  ? 27  NA  A NA    1 
HETATM 414 O  O1    . PSO G 5 .  ? 2.404   1.326   -1.216  1.00 7.53   ? 21  PSO A O1    1 
HETATM 415 C  C2    . PSO G 5 .  ? 3.543   0.461   -1.084  1.00 2.00   ? 21  PSO A C2    1 
HETATM 416 C  C3    . PSO G 5 .  ? 3.476   -0.894  -1.807  1.00 2.85   ? 21  PSO A C3    1 
HETATM 417 C  C4    . PSO G 5 .  ? 2.138   -1.435  -2.297  1.00 4.29   ? 21  PSO A C4    1 
HETATM 418 C  C5    . PSO G 5 .  ? -0.335  -1.037  -2.060  1.00 2.00   ? 21  PSO A C5    1 
HETATM 419 C  C6    . PSO G 5 .  ? -1.396  -0.190  -1.716  1.00 5.21   ? 21  PSO A C6    1 
HETATM 420 C  C7    . PSO G 5 .  ? -1.207  1.069   -1.225  1.00 4.08   ? 21  PSO A C7    1 
HETATM 421 C  C8    . PSO G 5 .  ? 0.070   1.581   -1.069  1.00 2.00   ? 21  PSO A C8    1 
HETATM 422 C  C9    . PSO G 5 .  ? 1.149   0.790   -1.434  1.00 2.70   ? 21  PSO A C9    1 
HETATM 423 C  C10   . PSO G 5 .  ? 0.975   -0.544  -1.886  1.00 4.32   ? 21  PSO A C10   1 
HETATM 424 C  "C4'" . PSO G 5 .  ? -2.844  -0.589  -1.687  1.00 4.16   ? 21  PSO A "C4'" 1 
HETATM 425 C  "C5'" . PSO G 5 .  ? -3.507  0.723   -1.186  1.00 8.97   ? 21  PSO A "C5'" 1 
HETATM 426 O  "O6'" . PSO G 5 .  ? -2.423  1.680   -0.951  1.00 5.13   ? 21  PSO A "O6'" 1 
HETATM 427 O  O11   . PSO G 5 .  ? 4.578   0.867   -0.540  1.00 5.24   ? 21  PSO A O11   1 
HETATM 428 C  C12   . PSO G 5 .  ? 2.035   -2.981  -2.024  1.00 2.51   ? 21  PSO A C12   1 
HETATM 429 C  C13   . PSO G 5 .  ? -3.418  -1.370  -2.862  1.00 7.14   ? 21  PSO A C13   1 
HETATM 430 O  O14   . PSO G 5 .  ? -3.070  -0.867  -4.158  1.00 9.04   ? 21  PSO A O14   1 
HETATM 431 C  C15   . PSO G 5 .  ? -4.643  1.269   -2.064  1.00 11.03  ? 21  PSO A C15   1 
HETATM 432 C  C16   . PSO G 5 .  ? 0.250   2.954   -0.534  1.00 3.33   ? 21  PSO A C16   1 
HETATM 433 CA CA    . CA  H 4 .  ? -7.550  10.605  -4.809  1.00 5.79   ? 23  CA  B CA    1 
HETATM 434 NA NA    . NA  I 3 .  ? 4.336   6.488   -12.829 1.00 9.64   ? 26  NA  B NA    1 
HETATM 435 O  O     . HOH J 6 .  ? -3.019  -4.603  -2.781  1.00 42.60  ? 29  HOH A O     1 
HETATM 436 O  O     . HOH J 6 .  ? 5.761   -2.330  9.634   1.00 13.68  ? 32  HOH A O     1 
HETATM 437 O  O     . HOH J 6 .  ? 6.684   -7.261  1.381   1.00 15.59  ? 33  HOH A O     1 
HETATM 438 O  O     . HOH J 6 .  ? -2.250  -9.314  -1.038  1.00 17.43  ? 34  HOH A O     1 
HETATM 439 O  O     . HOH J 6 .  ? 3.888   3.243   -4.822  1.00 23.52  ? 35  HOH A O     1 
HETATM 440 O  O     . HOH J 6 .  ? 1.235   -10.259 -4.154  1.00 6.70   ? 36  HOH A O     1 
HETATM 441 O  O     . HOH J 6 .  ? -2.406  2.209   7.496   1.00 12.84  ? 37  HOH A O     1 
HETATM 442 O  O     . HOH J 6 .  ? -0.215  3.588   14.679  1.00 7.31   ? 39  HOH A O     1 
HETATM 443 O  O     . HOH J 6 .  ? -4.931  -2.098  11.641  1.00 8.41   ? 42  HOH A O     1 
HETATM 444 O  O     . HOH J 6 .  ? 6.297   8.050   6.016   1.00 26.44  ? 46  HOH A O     1 
HETATM 445 O  O     . HOH J 6 .  ? 12.390  3.909   6.323   1.00 27.01  ? 47  HOH A O     1 
HETATM 446 O  O     . HOH J 6 .  ? -5.175  -17.362 -11.023 1.00 25.82  ? 52  HOH A O     1 
HETATM 447 O  O     . HOH J 6 .  ? -1.934  -11.577 -3.525  1.00 19.24  ? 53  HOH A O     1 
HETATM 448 O  O     . HOH J 6 .  ? 10.664  8.379   1.604   1.00 18.18  ? 56  HOH A O     1 
HETATM 449 O  O     . HOH J 6 .  ? 8.272   -2.994  3.799   1.00 29.91  ? 57  HOH A O     1 
HETATM 450 O  O     . HOH J 6 .  ? -11.185 -2.633  12.464  1.00 15.85  ? 59  HOH A O     1 
HETATM 451 O  O     . HOH J 6 .  ? -7.412  -16.925 -3.838  1.00 24.02  ? 60  HOH A O     1 
HETATM 452 O  O     . HOH J 6 .  ? 6.470   10.579  5.530   1.00 45.43  ? 62  HOH A O     1 
HETATM 453 O  O     . HOH J 6 .  ? 6.468   3.992   -4.868  1.00 28.20  ? 65  HOH A O     1 
HETATM 454 O  O     . HOH J 6 .  ? 3.840   -5.723  3.662   1.00 13.48  ? 70  HOH A O     1 
HETATM 455 O  O     . HOH J 6 .  ? 3.455   -9.526  -1.155  1.00 17.67  ? 73  HOH A O     1 
HETATM 456 O  O     . HOH J 6 .  ? 5.710   3.965   3.654   1.00 35.81  ? 74  HOH A O     1 
HETATM 457 O  O     . HOH J 6 .  ? 4.001   -1.776  13.011  1.00 23.23  ? 76  HOH A O     1 
HETATM 458 O  O     . HOH J 6 .  ? 14.054  -4.493  -0.532  1.00 37.98  ? 77  HOH A O     1 
HETATM 459 O  O     . HOH J 6 .  ? -10.806 -0.228  10.993  1.00 22.55  ? 80  HOH A O     1 
HETATM 460 O  O     . HOH J 6 .  ? -4.283  4.238   7.955   1.00 18.68  ? 81  HOH A O     1 
HETATM 461 O  O     . HOH J 6 .  ? -9.752  -11.470 -11.045 1.00 26.15  ? 86  HOH A O     1 
HETATM 462 O  O     . HOH J 6 .  ? -1.324  -5.840  -9.727  1.00 20.35  ? 88  HOH A O     1 
HETATM 463 O  O     . HOH J 6 .  ? -8.051  -3.504  11.093  1.00 16.03  ? 90  HOH A O     1 
HETATM 464 O  O     . HOH J 6 .  ? -3.805  -11.080 -1.860  1.00 26.01  ? 92  HOH A O     1 
HETATM 465 O  O     . HOH J 6 .  ? -9.123  -6.091  10.899  1.00 35.32  ? 94  HOH A O     1 
HETATM 466 O  O     . HOH J 6 .  ? -4.358  -6.256  -8.919  1.00 56.59  ? 100 HOH A O     1 
HETATM 467 O  O     . HOH J 6 .  ? -0.644  5.132   5.530   1.00 32.91  ? 106 HOH A O     1 
HETATM 468 O  O     . HOH J 6 .  ? 2.528   4.358   2.543   1.00 18.33  ? 112 HOH A O     1 
HETATM 469 O  O     . HOH J 6 .  ? 11.144  3.303   2.530   1.00 24.40  ? 114 HOH A O     1 
HETATM 470 O  O     . HOH J 6 .  ? 2.674   5.559   5.461   1.00 26.15  ? 115 HOH A O     1 
HETATM 471 O  O     . HOH J 6 .  ? -9.118  -13.250 -4.748  1.00 34.22  ? 117 HOH A O     1 
HETATM 472 O  O     . HOH J 6 .  ? -0.473  1.202   16.161  1.00 24.35  ? 118 HOH A O     1 
HETATM 473 O  O     . HOH J 6 .  ? -6.442  5.497   11.179  1.00 22.09  ? 119 HOH A O     1 
HETATM 474 O  O     . HOH J 6 .  ? 0.979   3.238   6.030   1.00 16.32  ? 120 HOH A O     1 
HETATM 475 O  O     . HOH J 6 .  ? 7.162   6.669   10.132  1.00 10.39  ? 122 HOH A O     1 
HETATM 476 O  O     . HOH J 6 .  ? -9.529  -9.185  -7.079  1.00 46.55  ? 124 HOH A O     1 
HETATM 477 O  O     . HOH J 6 .  ? 7.908   6.131   3.051   1.00 16.67  ? 125 HOH A O     1 
HETATM 478 O  O     . HOH J 6 .  ? -0.180  -8.655  -2.488  1.00 37.35  ? 126 HOH A O     1 
HETATM 479 O  O     . HOH J 6 .  ? -8.469  -13.641 -13.945 1.00 17.77  ? 127 HOH A O     1 
HETATM 480 O  O     . HOH J 6 .  ? -6.673  4.673   13.576  1.00 47.26  ? 128 HOH A O     1 
HETATM 481 O  O     . HOH J 6 .  ? 5.086   -10.184 -4.509  1.00 25.02  ? 132 HOH A O     1 
HETATM 482 O  O     . HOH J 6 .  ? -8.912  -9.038  -11.251 1.00 29.51  ? 134 HOH A O     1 
HETATM 483 O  O     . HOH J 6 .  ? 9.009   7.212   7.886   1.00 27.47  ? 139 HOH A O     1 
HETATM 484 O  O     . HOH J 6 .  ? -4.804  -4.361  -4.238  1.00 23.29  ? 140 HOH A O     1 
HETATM 485 O  O     . HOH J 6 .  ? 0.224   -7.222  -0.002  1.00 22.06  ? 141 HOH A O     1 
HETATM 486 O  O     . HOH J 6 .  ? -0.497  -11.491 -4.908  1.00 41.05  ? 142 HOH A O     1 
HETATM 487 O  O     . HOH J 6 .  ? 11.729  1.362   4.584   1.00 41.31  ? 147 HOH A O     1 
HETATM 488 O  O     . HOH J 6 .  ? 9.155   -5.413  0.865   1.00 27.35  ? 149 HOH A O     1 
HETATM 489 O  O     . HOH J 6 .  ? 5.243   -4.655  1.583   1.00 18.46  ? 151 HOH A O     1 
HETATM 490 O  O     . HOH J 6 .  ? -4.432  -1.678  -8.418  1.00 29.61  ? 152 HOH A O     1 
HETATM 491 O  O     . HOH J 6 .  ? 12.776  1.352   2.328   1.00 29.38  ? 153 HOH A O     1 
HETATM 492 O  O     . HOH J 6 .  ? -8.075  -7.057  -7.943  1.00 36.57  ? 154 HOH A O     1 
HETATM 493 O  O     . HOH J 6 .  ? 7.513   -9.673  -5.726  1.00 17.08  ? 157 HOH A O     1 
HETATM 494 O  O     . HOH J 6 .  ? 11.460  -2.417  3.525   1.00 32.43  ? 158 HOH A O     1 
HETATM 495 O  O     . HOH J 6 .  ? 11.127  6.571   5.410   1.00 43.17  ? 160 HOH A O     1 
HETATM 496 O  O     . HOH J 6 .  ? -10.753 -10.753 -2.547  1.00 47.59  ? 161 HOH A O     1 
HETATM 497 O  O     . HOH J 6 .  ? 11.807  0.949   -0.518  1.00 23.44  ? 165 HOH A O     1 
HETATM 498 O  O     . HOH J 6 .  ? 5.025   -3.962  4.023   1.00 33.68  ? 166 HOH A O     1 
HETATM 499 O  O     . HOH J 6 .  ? -7.082  -9.274  -13.251 1.00 25.82  ? 170 HOH A O     1 
HETATM 500 O  O     . HOH J 6 .  ? -4.338  -2.831  -11.276 0.50 27.33  ? 173 HOH A O     1 
HETATM 501 O  O     . HOH J 6 .  ? 1.822   1.787   7.337   1.00 31.52  ? 174 HOH A O     1 
HETATM 502 O  O     . HOH J 6 .  ? -0.522  -8.606  -12.617 1.00 28.53  ? 176 HOH A O     1 
HETATM 503 O  O     . HOH J 6 .  ? -3.587  -18.377 -10.057 1.00 47.33  ? 177 HOH A O     1 
HETATM 504 O  O     . HOH J 6 .  ? 3.961   7.278   6.729   1.00 27.11  ? 178 HOH A O     1 
HETATM 505 O  O     . HOH J 6 .  ? 5.662   -7.216  4.523   1.00 20.12  ? 180 HOH A O     1 
HETATM 506 O  O     . HOH J 6 .  ? 11.944  -1.208  -2.147  0.50 25.31  ? 181 HOH A O     1 
HETATM 507 O  O     . HOH J 6 .  ? -2.529  -10.264 -12.688 1.00 37.63  ? 183 HOH A O     1 
HETATM 508 O  O     . HOH J 6 .  ? 8.614   4.737   1.128   1.00 35.72  ? 187 HOH A O     1 
HETATM 509 O  O     . HOH J 6 .  ? 3.514   -7.583  0.856   1.00 35.28  ? 190 HOH A O     1 
HETATM 510 O  O     . HOH J 6 .  ? 7.724   -0.105  10.280  1.00 35.99  ? 191 HOH A O     1 
HETATM 511 O  O     . HOH J 6 .  ? 9.293   -0.369  6.710   1.00 36.31  ? 193 HOH A O     1 
HETATM 512 O  O     . HOH J 6 .  ? 11.570  -4.460  0.038   1.00 36.00  ? 194 HOH A O     1 
HETATM 513 O  O     . HOH J 6 .  ? -5.214  -11.042 -11.334 1.00 52.84  ? 197 HOH A O     1 
HETATM 514 O  O     . HOH J 6 .  ? -7.956  -10.506 -1.902  1.00 38.85  ? 200 HOH A O     1 
HETATM 515 O  O     . HOH J 6 .  ? 2.173   -5.464  0.782   1.00 16.85  ? 201 HOH A O     1 
HETATM 516 O  O     . HOH J 6 .  ? -4.649  -3.803  -6.801  1.00 23.59  ? 206 HOH A O     1 
HETATM 517 O  O     . HOH J 6 .  ? 11.059  -5.260  -3.101  1.00 36.63  ? 210 HOH A O     1 
HETATM 518 O  O     . HOH J 6 .  ? -7.679  -11.162 -9.895  1.00 37.21  ? 213 HOH A O     1 
HETATM 519 O  O     . HOH J 6 .  ? -2.970  -13.909 -3.384  1.00 29.38  ? 214 HOH A O     1 
HETATM 520 O  O     . HOH J 6 .  ? 4.711   -9.147  3.309   1.00 78.26  ? 217 HOH A O     1 
HETATM 521 O  O     . HOH J 6 .  ? -6.513  -8.955  -10.609 1.00 51.76  ? 218 HOH A O     1 
HETATM 522 O  O     . HOH J 6 .  ? -3.036  -7.645  -12.959 1.00 50.24  ? 220 HOH A O     1 
HETATM 523 O  O     . HOH J 6 .  ? -5.091  -0.101  9.766   1.00 18.20  ? 224 HOH A O     1 
HETATM 524 O  O     . HOH K 6 .  ? -5.092  -6.597  9.997   1.00 25.08  ? 28  HOH B O     1 
HETATM 525 O  O     . HOH K 6 .  ? -7.134  -3.346  -1.393  1.00 12.82  ? 30  HOH B O     1 
HETATM 526 O  O     . HOH K 6 .  ? -12.353 -2.532  2.332   1.00 13.11  ? 31  HOH B O     1 
HETATM 527 O  O     . HOH K 6 .  ? -5.313  -5.301  8.285   1.00 25.20  ? 38  HOH B O     1 
HETATM 528 O  O     . HOH K 6 .  ? 1.392   18.634  -7.294  1.00 18.88  ? 40  HOH B O     1 
HETATM 529 O  O     . HOH K 6 .  ? -4.023  -10.218 9.217   1.00 24.02  ? 41  HOH B O     1 
HETATM 530 O  O     . HOH K 6 .  ? -7.037  -0.885  -2.527  1.00 35.74  ? 43  HOH B O     1 
HETATM 531 O  O     . HOH K 6 .  ? 1.268   -7.355  4.704   1.00 19.64  ? 44  HOH B O     1 
HETATM 532 O  O     . HOH K 6 .  ? -1.645  8.616   1.143   1.00 25.82  ? 45  HOH B O     1 
HETATM 533 O  O     . HOH K 6 .  ? 1.178   -11.575 16.967  1.00 13.12  ? 48  HOH B O     1 
HETATM 534 O  O     . HOH K 6 .  ? -9.794  3.852   3.692   1.00 16.15  ? 49  HOH B O     1 
HETATM 535 O  O     . HOH K 6 .  ? -5.945  9.627   -6.556  1.00 9.40   ? 50  HOH B O     1 
HETATM 536 O  O     . HOH K 6 .  ? 3.124   17.546  -8.162  1.00 49.67  ? 51  HOH B O     1 
HETATM 537 O  O     . HOH K 6 .  ? 13.362  8.809   -14.979 1.00 44.67  ? 54  HOH B O     1 
HETATM 538 O  O     . HOH K 6 .  ? -5.421  5.855   -6.767  1.00 15.58  ? 55  HOH B O     1 
HETATM 539 O  O     . HOH K 6 .  ? 5.650   8.189   -10.227 1.00 26.57  ? 58  HOH B O     1 
HETATM 540 O  O     . HOH K 6 .  ? -6.324  5.543   2.983   1.00 23.95  ? 61  HOH B O     1 
HETATM 541 O  O     . HOH K 6 .  ? -2.678  -7.148  10.608  1.00 16.93  ? 63  HOH B O     1 
HETATM 542 O  O     . HOH K 6 .  ? -0.935  5.843   -0.144  1.00 14.47  ? 64  HOH B O     1 
HETATM 543 O  O     . HOH K 6 .  ? -11.216 11.847  -6.939  1.00 16.12  ? 66  HOH B O     1 
HETATM 544 O  O     . HOH K 6 .  ? 12.258  15.226  -12.757 1.00 26.49  ? 67  HOH B O     1 
HETATM 545 O  O     . HOH K 6 .  ? -9.222  -6.438  -3.614  1.00 28.27  ? 68  HOH B O     1 
HETATM 546 O  O     . HOH K 6 .  ? 3.466   10.369  -7.012  1.00 14.77  ? 69  HOH B O     1 
HETATM 547 O  O     . HOH K 6 .  ? -2.789  18.249  -0.901  1.00 27.56  ? 71  HOH B O     1 
HETATM 548 O  O     . HOH K 6 .  ? 5.607   11.347  -12.890 1.00 21.55  ? 72  HOH B O     1 
HETATM 549 O  O     . HOH K 6 .  ? -5.486  -1.289  7.382   1.00 22.10  ? 75  HOH B O     1 
HETATM 550 O  O     . HOH K 6 .  ? 2.664   18.779  -13.379 1.00 16.41  ? 78  HOH B O     1 
HETATM 551 O  O     . HOH K 6 .  ? 1.572   10.571  2.057   1.00 21.58  ? 79  HOH B O     1 
HETATM 552 O  O     . HOH K 6 .  ? 8.830   17.663  -7.135  1.00 35.78  ? 82  HOH B O     1 
HETATM 553 O  O     . HOH K 6 .  ? 12.015  11.295  -9.563  1.00 29.36  ? 83  HOH B O     1 
HETATM 554 O  O     . HOH K 6 .  ? -4.123  1.568   5.063   1.00 27.72  ? 84  HOH B O     1 
HETATM 555 O  O     . HOH K 6 .  ? -0.141  -14.952 6.057   1.00 26.54  ? 85  HOH B O     1 
HETATM 556 O  O     . HOH K 6 .  ? 8.404   17.079  -12.560 1.00 24.91  ? 89  HOH B O     1 
HETATM 557 O  O     . HOH K 6 .  ? -0.216  8.649   -0.962  1.00 18.32  ? 91  HOH B O     1 
HETATM 558 O  O     . HOH K 6 .  ? -8.846  10.559  -7.451  1.00 25.15  ? 93  HOH B O     1 
HETATM 559 O  O     . HOH K 6 .  ? -3.509  16.175  -1.580  1.00 49.77  ? 95  HOH B O     1 
HETATM 560 O  O     . HOH K 6 .  ? -10.290 -3.834  2.140   1.00 18.37  ? 96  HOH B O     1 
HETATM 561 O  O     . HOH K 6 .  ? -9.219  11.611  -2.939  1.00 13.12  ? 97  HOH B O     1 
HETATM 562 O  O     . HOH K 6 .  ? 8.419   8.152   -5.182  1.00 24.38  ? 98  HOH B O     1 
HETATM 563 O  O     . HOH K 6 .  ? 6.950   12.940  -3.471  1.00 51.63  ? 99  HOH B O     1 
HETATM 564 O  O     . HOH K 6 .  ? 4.175   8.936   -1.147  1.00 32.76  ? 101 HOH B O     1 
HETATM 565 O  O     . HOH K 6 .  ? 3.930   9.631   -3.553  1.00 25.57  ? 102 HOH B O     1 
HETATM 566 O  O     . HOH K 6 .  ? 9.236   12.640  -4.640  1.00 35.06  ? 103 HOH B O     1 
HETATM 567 O  O     . HOH K 6 .  ? 0.684   7.634   1.054   1.00 22.95  ? 104 HOH B O     1 
HETATM 568 O  O     . HOH K 6 .  ? -8.604  4.910   5.154   1.00 22.18  ? 105 HOH B O     1 
HETATM 569 O  O     . HOH K 6 .  ? -1.000  18.254  -4.816  1.00 10.08  ? 107 HOH B O     1 
HETATM 570 O  O     . HOH K 6 .  ? -11.125 2.369   -1.641  1.00 11.29  ? 108 HOH B O     1 
HETATM 571 O  O     . HOH K 6 .  ? -5.902  12.102  -8.167  1.00 13.50  ? 109 HOH B O     1 
HETATM 572 O  O     . HOH K 6 .  ? 14.894  9.530   -10.674 1.00 22.15  ? 110 HOH B O     1 
HETATM 573 O  O     . HOH K 6 .  ? 8.442   14.736  -2.512  1.00 13.29  ? 111 HOH B O     1 
HETATM 574 O  O     . HOH K 6 .  ? 4.292   15.510  1.065   1.00 19.13  ? 113 HOH B O     1 
HETATM 575 O  O     . HOH K 6 .  ? 5.247   -3.429  14.936  1.00 18.30  ? 116 HOH B O     1 
HETATM 576 O  O     . HOH K 6 .  ? 4.655   13.940  -2.422  1.00 37.96  ? 121 HOH B O     1 
HETATM 577 O  O     . HOH K 6 .  ? -8.915  -0.995  6.336   1.00 32.45  ? 123 HOH B O     1 
HETATM 578 O  O     . HOH K 6 .  ? -2.457  -10.273 13.822  1.00 23.17  ? 129 HOH B O     1 
HETATM 579 O  O     . HOH K 6 .  ? 1.438   10.084  -1.520  1.00 27.32  ? 130 HOH B O     1 
HETATM 580 O  O     . HOH K 6 .  ? 1.816   10.950  -3.360  1.00 17.72  ? 131 HOH B O     1 
HETATM 581 O  O     . HOH K 6 .  ? -1.293  18.912  -10.118 1.00 19.55  ? 133 HOH B O     1 
HETATM 582 O  O     . HOH K 6 .  ? 14.140  12.938  -11.372 1.00 38.41  ? 135 HOH B O     1 
HETATM 583 O  O     . HOH K 6 .  ? 8.907   18.049  -10.257 1.00 20.02  ? 136 HOH B O     1 
HETATM 584 O  O     . HOH K 6 .  ? -7.220  -4.776  0.745   1.00 59.80  ? 137 HOH B O     1 
HETATM 585 O  O     . HOH K 6 .  ? 5.816   -5.375  8.824   1.00 38.10  ? 138 HOH B O     1 
HETATM 586 O  O     . HOH K 6 .  ? 13.178  7.776   -10.307 1.00 45.05  ? 143 HOH B O     1 
HETATM 587 O  O     . HOH K 6 .  ? -0.593  -11.611 12.383  1.00 17.04  ? 144 HOH B O     1 
HETATM 588 O  O     . HOH K 6 .  ? 2.523   20.948  -5.563  1.00 17.59  ? 145 HOH B O     1 
HETATM 589 O  O     . HOH K 6 .  ? 2.926   17.511  -11.223 1.00 56.87  ? 146 HOH B O     1 
HETATM 590 O  O     . HOH K 6 .  ? 15.188  9.399   -13.247 1.00 46.43  ? 148 HOH B O     1 
HETATM 591 O  O     . HOH K 6 .  ? -10.480 -6.957  4.889   1.00 28.83  ? 150 HOH B O     1 
HETATM 592 O  O     . HOH K 6 .  ? 1.836   20.064  -9.526  0.50 60.00  ? 155 HOH B O     1 
HETATM 593 O  O     . HOH K 6 .  ? -7.887  -1.776  0.392   1.00 30.16  ? 156 HOH B O     1 
HETATM 594 O  O     . HOH K 6 .  ? -2.816  -13.441 8.493   1.00 33.99  ? 159 HOH B O     1 
HETATM 595 O  O     . HOH K 6 .  ? 5.341   8.842   -5.935  1.00 25.67  ? 162 HOH B O     1 
HETATM 596 O  O     . HOH K 6 .  ? 6.363   6.738   -2.261  1.00 38.29  ? 163 HOH B O     1 
HETATM 597 O  O     . HOH K 6 .  ? -6.792  4.316   -3.592  1.00 24.86  ? 164 HOH B O     1 
HETATM 598 O  O     . HOH K 6 .  ? 6.379   15.986  -1.681  1.00 24.11  ? 167 HOH B O     1 
HETATM 599 O  O     . HOH K 6 .  ? 0.333   -3.630  9.332   1.00 34.93  ? 168 HOH B O     1 
HETATM 600 O  O     . HOH K 6 .  ? 7.539   10.265  -9.510  1.00 31.25  ? 169 HOH B O     1 
HETATM 601 O  O     . HOH K 6 .  ? 13.940  6.273   -14.667 1.00 20.23  ? 172 HOH B O     1 
HETATM 602 O  O     . HOH K 6 .  ? 7.763   19.582  -12.284 1.00 48.41  ? 175 HOH B O     1 
HETATM 603 O  O     . HOH K 6 .  ? -9.661  8.680   1.769   1.00 43.92  ? 179 HOH B O     1 
HETATM 604 O  O     . HOH K 6 .  ? -13.528 6.653   0.312   1.00 86.14  ? 184 HOH B O     1 
HETATM 605 O  O     . HOH K 6 .  ? 3.217   13.468  1.664   1.00 38.07  ? 185 HOH B O     1 
HETATM 606 O  O     . HOH K 6 .  ? -0.294  16.645  -9.620  1.00 20.65  ? 186 HOH B O     1 
HETATM 607 O  O     . HOH K 6 .  ? 11.784  9.657   -11.538 1.00 46.72  ? 188 HOH B O     1 
HETATM 608 O  O     . HOH K 6 .  ? 4.444   20.304  -8.074  0.50 30.00  ? 189 HOH B O     1 
HETATM 609 O  O     . HOH K 6 .  ? -9.572  7.279   -1.674  1.00 37.80  ? 192 HOH B O     1 
HETATM 610 O  O     . HOH K 6 .  ? -7.051  -2.789  -4.313  1.00 37.49  ? 195 HOH B O     1 
HETATM 611 O  O     . HOH K 6 .  ? -5.329  -5.344  -1.580  1.00 52.08  ? 196 HOH B O     1 
HETATM 612 O  O     . HOH K 6 .  ? 12.969  11.438  -13.238 1.00 69.51  ? 198 HOH B O     1 
HETATM 613 O  O     . HOH K 6 .  ? -9.107  5.209   8.455   1.00 55.48  ? 199 HOH B O     1 
HETATM 614 O  O     . HOH K 6 .  ? 4.149   19.163  -5.002  1.00 72.36  ? 202 HOH B O     1 
HETATM 615 O  O     . HOH K 6 .  ? 6.286   17.920  -13.996 1.00 33.31  ? 203 HOH B O     1 
HETATM 616 O  O     . HOH K 6 .  ? 4.523   17.627  -3.128  1.00 26.82  ? 204 HOH B O     1 
HETATM 617 O  O     . HOH K 6 .  ? -3.487  -14.776 6.078   1.00 38.91  ? 205 HOH B O     1 
HETATM 618 O  O     . HOH K 6 .  ? 0.937   18.920  -2.975  1.00 41.12  ? 208 HOH B O     1 
HETATM 619 O  O     . HOH K 6 .  ? -2.216  1.715   -6.132  1.00 46.72  ? 209 HOH B O     1 
HETATM 620 O  O     . HOH K 6 .  ? -10.282 -3.557  5.975   1.00 27.95  ? 211 HOH B O     1 
HETATM 621 O  O     . HOH K 6 .  ? -9.706  -5.105  -1.468  1.00 56.88  ? 212 HOH B O     1 
HETATM 622 O  O     . HOH K 6 .  ? -10.281 6.088   2.058   1.00 83.45  ? 215 HOH B O     1 
HETATM 623 O  O     . HOH K 6 .  ? 3.904   11.406  -1.806  1.00 55.24  ? 216 HOH B O     1 
HETATM 624 O  O     . HOH K 6 .  ? -10.913 8.034   -7.056  1.00 34.39  ? 219 HOH B O     1 
HETATM 625 O  O     . HOH K 6 .  ? 1.659   15.319  0.554   1.00 65.73  ? 221 HOH B O     1 
HETATM 626 O  O     . HOH K 6 .  ? -2.071  -9.827  1.631   1.00 111.39 ? 222 HOH B O     1 
HETATM 627 O  O     . HOH K 6 .  ? -8.213  8.876   -3.556  1.00 21.04  ? 223 HOH B O     1 
HETATM 628 O  O     . HOH K 6 .  ? -8.969  -3.238  8.129   1.00 21.36  ? 225 HOH B O     1 
# 
loop_
_pdbx_poly_seq_scheme.asym_id 
_pdbx_poly_seq_scheme.entity_id 
_pdbx_poly_seq_scheme.seq_id 
_pdbx_poly_seq_scheme.mon_id 
_pdbx_poly_seq_scheme.ndb_seq_num 
_pdbx_poly_seq_scheme.pdb_seq_num 
_pdbx_poly_seq_scheme.auth_seq_num 
_pdbx_poly_seq_scheme.pdb_mon_id 
_pdbx_poly_seq_scheme.auth_mon_id 
_pdbx_poly_seq_scheme.pdb_strand_id 
_pdbx_poly_seq_scheme.pdb_ins_code 
_pdbx_poly_seq_scheme.hetero 
A 1 1  DC 1  1  1  DC C A . n 
A 1 2  DC 2  2  2  DC C A . n 
A 1 3  DG 3  3  3  DG G A . n 
A 1 4  DC 4  4  4  DC C A . n 
A 1 5  DT 5  5  5  DT Z A . n 
A 1 6  DA 6  6  6  DA A A . n 
A 1 7  DG 7  7  7  DG G A . n 
A 1 8  DC 8  8  8  DC C A . n 
A 1 9  DG 9  9  9  DG G A . n 
A 1 10 DG 10 10 10 DG G A . n 
B 1 1  DC 1  11 11 DC C B . n 
B 1 2  DC 2  12 12 DC C B . n 
B 1 3  DG 3  13 13 DG G B . n 
B 1 4  DC 4  14 14 DC C B . n 
B 1 5  DT 5  15 15 DT Z B . n 
B 1 6  DA 6  16 16 DA A B . n 
B 1 7  DG 7  17 17 DG G B . n 
B 1 8  DC 8  18 18 DC C B . n 
B 1 9  DG 9  19 19 DG G B . n 
B 1 10 DG 10 20 20 DG G B . n 
# 
loop_
_pdbx_nonpoly_scheme.asym_id 
_pdbx_nonpoly_scheme.entity_id 
_pdbx_nonpoly_scheme.mon_id 
_pdbx_nonpoly_scheme.ndb_seq_num 
_pdbx_nonpoly_scheme.pdb_seq_num 
_pdbx_nonpoly_scheme.auth_seq_num 
_pdbx_nonpoly_scheme.pdb_mon_id 
_pdbx_nonpoly_scheme.auth_mon_id 
_pdbx_nonpoly_scheme.pdb_strand_id 
_pdbx_nonpoly_scheme.pdb_ins_code 
C 2 SPM 1   22  22  SPM SPM A . 
D 3 NA  1   24  24  NA  NA  A . 
E 4 CA  1   25  25  CA  CA  A . 
F 3 NA  1   27  27  NA  NA  A . 
G 5 PSO 1   21  21  PSO HMT A . 
H 4 CA  1   23  23  CA  CA  B . 
I 3 NA  1   26  26  NA  NA  B . 
J 6 HOH 1   29  29  HOH HOH A . 
J 6 HOH 2   32  32  HOH HOH A . 
J 6 HOH 3   33  33  HOH HOH A . 
J 6 HOH 4   34  34  HOH HOH A . 
J 6 HOH 5   35  35  HOH HOH A . 
J 6 HOH 6   36  36  HOH HOH A . 
J 6 HOH 7   37  37  HOH HOH A . 
J 6 HOH 8   39  39  HOH HOH A . 
J 6 HOH 9   42  42  HOH HOH A . 
J 6 HOH 10  46  46  HOH HOH A . 
J 6 HOH 11  47  47  HOH HOH A . 
J 6 HOH 12  52  52  HOH HOH A . 
J 6 HOH 13  53  53  HOH HOH A . 
J 6 HOH 14  56  56  HOH HOH A . 
J 6 HOH 15  57  57  HOH HOH A . 
J 6 HOH 16  59  59  HOH HOH A . 
J 6 HOH 17  60  60  HOH HOH A . 
J 6 HOH 18  62  62  HOH HOH A . 
J 6 HOH 19  65  65  HOH HOH A . 
J 6 HOH 20  70  70  HOH HOH A . 
J 6 HOH 21  73  73  HOH HOH A . 
J 6 HOH 22  74  74  HOH HOH A . 
J 6 HOH 23  76  76  HOH HOH A . 
J 6 HOH 24  77  77  HOH HOH A . 
J 6 HOH 25  80  80  HOH HOH A . 
J 6 HOH 26  81  81  HOH HOH A . 
J 6 HOH 27  86  86  HOH HOH A . 
J 6 HOH 28  88  88  HOH HOH A . 
J 6 HOH 29  90  90  HOH HOH A . 
J 6 HOH 30  92  92  HOH HOH A . 
J 6 HOH 31  94  94  HOH HOH A . 
J 6 HOH 32  100 100 HOH HOH A . 
J 6 HOH 33  106 106 HOH HOH A . 
J 6 HOH 34  112 112 HOH HOH A . 
J 6 HOH 35  114 114 HOH HOH A . 
J 6 HOH 36  115 115 HOH HOH A . 
J 6 HOH 37  117 117 HOH HOH A . 
J 6 HOH 38  118 118 HOH HOH A . 
J 6 HOH 39  119 119 HOH HOH A . 
J 6 HOH 40  120 120 HOH HOH A . 
J 6 HOH 41  122 122 HOH HOH A . 
J 6 HOH 42  124 124 HOH HOH A . 
J 6 HOH 43  125 125 HOH HOH A . 
J 6 HOH 44  126 126 HOH HOH A . 
J 6 HOH 45  127 127 HOH HOH A . 
J 6 HOH 46  128 128 HOH HOH A . 
J 6 HOH 47  132 132 HOH HOH A . 
J 6 HOH 48  134 134 HOH HOH A . 
J 6 HOH 49  139 139 HOH HOH A . 
J 6 HOH 50  140 140 HOH HOH A . 
J 6 HOH 51  141 141 HOH HOH A . 
J 6 HOH 52  142 142 HOH HOH A . 
J 6 HOH 53  147 147 HOH HOH A . 
J 6 HOH 54  149 149 HOH HOH A . 
J 6 HOH 55  151 151 HOH HOH A . 
J 6 HOH 56  152 152 HOH HOH A . 
J 6 HOH 57  153 153 HOH HOH A . 
J 6 HOH 58  154 154 HOH HOH A . 
J 6 HOH 59  157 157 HOH HOH A . 
J 6 HOH 60  158 158 HOH HOH A . 
J 6 HOH 61  160 160 HOH HOH A . 
J 6 HOH 62  161 161 HOH HOH A . 
J 6 HOH 63  165 165 HOH HOH A . 
J 6 HOH 64  166 166 HOH HOH A . 
J 6 HOH 65  170 170 HOH HOH A . 
J 6 HOH 66  173 173 HOH HOH A . 
J 6 HOH 67  174 174 HOH HOH A . 
J 6 HOH 68  176 176 HOH HOH A . 
J 6 HOH 69  177 177 HOH HOH A . 
J 6 HOH 70  178 178 HOH HOH A . 
J 6 HOH 71  180 180 HOH HOH A . 
J 6 HOH 72  181 181 HOH HOH A . 
J 6 HOH 73  183 183 HOH HOH A . 
J 6 HOH 74  187 187 HOH HOH A . 
J 6 HOH 75  190 190 HOH HOH A . 
J 6 HOH 76  191 191 HOH HOH A . 
J 6 HOH 77  193 193 HOH HOH A . 
J 6 HOH 78  194 194 HOH HOH A . 
J 6 HOH 79  197 197 HOH HOH A . 
J 6 HOH 80  200 200 HOH HOH A . 
J 6 HOH 81  201 201 HOH HOH A . 
J 6 HOH 82  206 206 HOH HOH A . 
J 6 HOH 83  210 210 HOH HOH A . 
J 6 HOH 84  213 213 HOH HOH A . 
J 6 HOH 85  214 214 HOH HOH A . 
J 6 HOH 86  217 217 HOH HOH A . 
J 6 HOH 87  218 218 HOH HOH A . 
J 6 HOH 88  220 220 HOH HOH A . 
J 6 HOH 89  224 224 HOH HOH A . 
K 6 HOH 1   28  28  HOH HOH B . 
K 6 HOH 2   30  30  HOH HOH B . 
K 6 HOH 3   31  31  HOH HOH B . 
K 6 HOH 4   38  38  HOH HOH B . 
K 6 HOH 5   40  40  HOH HOH B . 
K 6 HOH 6   41  41  HOH HOH B . 
K 6 HOH 7   43  43  HOH HOH B . 
K 6 HOH 8   44  44  HOH HOH B . 
K 6 HOH 9   45  45  HOH HOH B . 
K 6 HOH 10  48  48  HOH HOH B . 
K 6 HOH 11  49  49  HOH HOH B . 
K 6 HOH 12  50  50  HOH HOH B . 
K 6 HOH 13  51  51  HOH HOH B . 
K 6 HOH 14  54  54  HOH HOH B . 
K 6 HOH 15  55  55  HOH HOH B . 
K 6 HOH 16  58  58  HOH HOH B . 
K 6 HOH 17  61  61  HOH HOH B . 
K 6 HOH 18  63  63  HOH HOH B . 
K 6 HOH 19  64  64  HOH HOH B . 
K 6 HOH 20  66  66  HOH HOH B . 
K 6 HOH 21  67  67  HOH HOH B . 
K 6 HOH 22  68  68  HOH HOH B . 
K 6 HOH 23  69  69  HOH HOH B . 
K 6 HOH 24  71  71  HOH HOH B . 
K 6 HOH 25  72  72  HOH HOH B . 
K 6 HOH 26  75  75  HOH HOH B . 
K 6 HOH 27  78  78  HOH HOH B . 
K 6 HOH 28  79  79  HOH HOH B . 
K 6 HOH 29  82  82  HOH HOH B . 
K 6 HOH 30  83  83  HOH HOH B . 
K 6 HOH 31  84  84  HOH HOH B . 
K 6 HOH 32  85  85  HOH HOH B . 
K 6 HOH 33  89  89  HOH HOH B . 
K 6 HOH 34  91  91  HOH HOH B . 
K 6 HOH 35  93  93  HOH HOH B . 
K 6 HOH 36  95  95  HOH HOH B . 
K 6 HOH 37  96  96  HOH HOH B . 
K 6 HOH 38  97  97  HOH HOH B . 
K 6 HOH 39  98  98  HOH HOH B . 
K 6 HOH 40  99  99  HOH HOH B . 
K 6 HOH 41  101 101 HOH HOH B . 
K 6 HOH 42  102 102 HOH HOH B . 
K 6 HOH 43  103 103 HOH HOH B . 
K 6 HOH 44  104 104 HOH HOH B . 
K 6 HOH 45  105 105 HOH HOH B . 
K 6 HOH 46  107 107 HOH HOH B . 
K 6 HOH 47  108 108 HOH HOH B . 
K 6 HOH 48  109 109 HOH HOH B . 
K 6 HOH 49  110 110 HOH HOH B . 
K 6 HOH 50  111 111 HOH HOH B . 
K 6 HOH 51  113 113 HOH HOH B . 
K 6 HOH 52  116 116 HOH HOH B . 
K 6 HOH 53  121 121 HOH HOH B . 
K 6 HOH 54  123 123 HOH HOH B . 
K 6 HOH 55  129 129 HOH HOH B . 
K 6 HOH 56  130 130 HOH HOH B . 
K 6 HOH 57  131 131 HOH HOH B . 
K 6 HOH 58  133 133 HOH HOH B . 
K 6 HOH 59  135 135 HOH HOH B . 
K 6 HOH 60  136 136 HOH HOH B . 
K 6 HOH 61  137 137 HOH HOH B . 
K 6 HOH 62  138 138 HOH HOH B . 
K 6 HOH 63  143 143 HOH HOH B . 
K 6 HOH 64  144 144 HOH HOH B . 
K 6 HOH 65  145 145 HOH HOH B . 
K 6 HOH 66  146 146 HOH HOH B . 
K 6 HOH 67  148 148 HOH HOH B . 
K 6 HOH 68  150 150 HOH HOH B . 
K 6 HOH 69  155 155 HOH HOH B . 
K 6 HOH 70  156 156 HOH HOH B . 
K 6 HOH 71  159 159 HOH HOH B . 
K 6 HOH 72  162 162 HOH HOH B . 
K 6 HOH 73  163 163 HOH HOH B . 
K 6 HOH 74  164 164 HOH HOH B . 
K 6 HOH 75  167 167 HOH HOH B . 
K 6 HOH 76  168 168 HOH HOH B . 
K 6 HOH 77  169 169 HOH HOH B . 
K 6 HOH 78  172 172 HOH HOH B . 
K 6 HOH 79  175 175 HOH HOH B . 
K 6 HOH 80  179 179 HOH HOH B . 
K 6 HOH 81  184 184 HOH HOH B . 
K 6 HOH 82  185 185 HOH HOH B . 
K 6 HOH 83  186 186 HOH HOH B . 
K 6 HOH 84  188 188 HOH HOH B . 
K 6 HOH 85  189 189 HOH HOH B . 
K 6 HOH 86  192 192 HOH HOH B . 
K 6 HOH 87  195 195 HOH HOH B . 
K 6 HOH 88  196 196 HOH HOH B . 
K 6 HOH 89  198 198 HOH HOH B . 
K 6 HOH 90  199 199 HOH HOH B . 
K 6 HOH 91  202 202 HOH HOH B . 
K 6 HOH 92  203 203 HOH HOH B . 
K 6 HOH 93  204 204 HOH HOH B . 
K 6 HOH 94  205 205 HOH HOH B . 
K 6 HOH 95  208 208 HOH HOH B . 
K 6 HOH 96  209 209 HOH HOH B . 
K 6 HOH 97  211 211 HOH HOH B . 
K 6 HOH 98  212 212 HOH HOH B . 
K 6 HOH 99  215 215 HOH HOH B . 
K 6 HOH 100 216 216 HOH HOH B . 
K 6 HOH 101 219 219 HOH HOH B . 
K 6 HOH 102 221 221 HOH HOH B . 
K 6 HOH 103 222 222 HOH HOH B . 
K 6 HOH 104 223 223 HOH HOH B . 
K 6 HOH 105 225 225 HOH HOH B . 
# 
_struct_site_keywords.site_id   1 
_struct_site_keywords.text      'INTERCALATION, COVALENT' 
# 
_pdbx_struct_assembly.id                   1 
_pdbx_struct_assembly.details              author_defined_assembly 
_pdbx_struct_assembly.method_details       ? 
_pdbx_struct_assembly.oligomeric_details   tetrameric 
_pdbx_struct_assembly.oligomeric_count     4 
# 
_pdbx_struct_assembly_gen.assembly_id       1 
_pdbx_struct_assembly_gen.oper_expression   1,2 
_pdbx_struct_assembly_gen.asym_id_list      A,B,C,D,E,F,G,H,I,J,K 
# 
loop_
_pdbx_struct_oper_list.id 
_pdbx_struct_oper_list.type 
_pdbx_struct_oper_list.name 
_pdbx_struct_oper_list.symmetry_operation 
_pdbx_struct_oper_list.matrix[1][1] 
_pdbx_struct_oper_list.matrix[1][2] 
_pdbx_struct_oper_list.matrix[1][3] 
_pdbx_struct_oper_list.vector[1] 
_pdbx_struct_oper_list.matrix[2][1] 
_pdbx_struct_oper_list.matrix[2][2] 
_pdbx_struct_oper_list.matrix[2][3] 
_pdbx_struct_oper_list.vector[2] 
_pdbx_struct_oper_list.matrix[3][1] 
_pdbx_struct_oper_list.matrix[3][2] 
_pdbx_struct_oper_list.matrix[3][3] 
_pdbx_struct_oper_list.vector[3] 
1 'identity operation'         1_555 x,y,z       1.0000000000 0.0000000000 0.0000000000 0.0000000000 0.0000000000 1.0000000000  0.0000000000 0.0000000000  0.0000000000 0.0000000000 1.0000000000  0.0000000000   
2 'crystal symmetry operation' 2_656 -x+1,y,-z+1 0.5114127256 0.1521096111 0.8457657420 7.8369493689 0.1521096111 -0.9846915846 0.0851184431 -4.0321786767 0.8457657420 0.0851184431 -0.5267211409 -13.2797195698 
# 
loop_
_pdbx_struct_special_symmetry.id 
_pdbx_struct_special_symmetry.PDB_model_num 
_pdbx_struct_special_symmetry.auth_asym_id 
_pdbx_struct_special_symmetry.auth_comp_id 
_pdbx_struct_special_symmetry.auth_seq_id 
_pdbx_struct_special_symmetry.PDB_ins_code 
_pdbx_struct_special_symmetry.label_asym_id 
_pdbx_struct_special_symmetry.label_comp_id 
_pdbx_struct_special_symmetry.label_seq_id 
1 1 A HOH 173 ? J HOH . 
2 1 A HOH 181 ? J HOH . 
3 1 B HOH 155 ? K HOH . 
4 1 B HOH 189 ? K HOH . 
# 
loop_
_pdbx_struct_conn_angle.id 
_pdbx_struct_conn_angle.ptnr1_label_atom_id 
_pdbx_struct_conn_angle.ptnr1_label_alt_id 
_pdbx_struct_conn_angle.ptnr1_label_asym_id 
_pdbx_struct_conn_angle.ptnr1_label_comp_id 
_pdbx_struct_conn_angle.ptnr1_label_seq_id 
_pdbx_struct_conn_angle.ptnr1_auth_atom_id 
_pdbx_struct_conn_angle.ptnr1_auth_asym_id 
_pdbx_struct_conn_angle.ptnr1_auth_comp_id 
_pdbx_struct_conn_angle.ptnr1_auth_seq_id 
_pdbx_struct_conn_angle.ptnr1_PDB_ins_code 
_pdbx_struct_conn_angle.ptnr1_symmetry 
_pdbx_struct_conn_angle.ptnr2_label_atom_id 
_pdbx_struct_conn_angle.ptnr2_label_alt_id 
_pdbx_struct_conn_angle.ptnr2_label_asym_id 
_pdbx_struct_conn_angle.ptnr2_label_comp_id 
_pdbx_struct_conn_angle.ptnr2_label_seq_id 
_pdbx_struct_conn_angle.ptnr2_auth_atom_id 
_pdbx_struct_conn_angle.ptnr2_auth_asym_id 
_pdbx_struct_conn_angle.ptnr2_auth_comp_id 
_pdbx_struct_conn_angle.ptnr2_auth_seq_id 
_pdbx_struct_conn_angle.ptnr2_PDB_ins_code 
_pdbx_struct_conn_angle.ptnr2_symmetry 
_pdbx_struct_conn_angle.ptnr3_label_atom_id 
_pdbx_struct_conn_angle.ptnr3_label_alt_id 
_pdbx_struct_conn_angle.ptnr3_label_asym_id 
_pdbx_struct_conn_angle.ptnr3_label_comp_id 
_pdbx_struct_conn_angle.ptnr3_label_seq_id 
_pdbx_struct_conn_angle.ptnr3_auth_atom_id 
_pdbx_struct_conn_angle.ptnr3_auth_asym_id 
_pdbx_struct_conn_angle.ptnr3_auth_comp_id 
_pdbx_struct_conn_angle.ptnr3_auth_seq_id 
_pdbx_struct_conn_angle.ptnr3_PDB_ins_code 
_pdbx_struct_conn_angle.ptnr3_symmetry 
_pdbx_struct_conn_angle.value 
_pdbx_struct_conn_angle.value_esd 
1  OP1 ? A DC  4 ? A DC  4   ? 1_555 NA ? F NA . ? A NA 27 ? 1_555 O  ? J HOH . ? A HOH 29  ? 1_555 52.5  ? 
2  OP1 ? A DC  4 ? A DC  4   ? 1_555 NA ? F NA . ? A NA 27 ? 1_555 O4 ? B DT  5 ? B DT  15  ? 1_555 110.0 ? 
3  O   ? J HOH . ? A HOH 29  ? 1_555 NA ? F NA . ? A NA 27 ? 1_555 O4 ? B DT  5 ? B DT  15  ? 1_555 106.7 ? 
4  O   ? J HOH . ? A HOH 33  ? 1_555 NA ? D NA . ? A NA 24 ? 1_555 O  ? J HOH . ? A HOH 70  ? 1_555 98.5  ? 
5  O   ? J HOH . ? A HOH 33  ? 1_555 NA ? D NA . ? A NA 24 ? 1_555 O  ? J HOH . ? A HOH 166 ? 1_555 150.9 ? 
6  O   ? J HOH . ? A HOH 70  ? 1_555 NA ? D NA . ? A NA 24 ? 1_555 O  ? J HOH . ? A HOH 166 ? 1_555 54.4  ? 
7  O   ? J HOH . ? A HOH 33  ? 1_555 NA ? D NA . ? A NA 24 ? 1_555 O  ? J HOH . ? A HOH 180 ? 1_555 78.4  ? 
8  O   ? J HOH . ? A HOH 70  ? 1_555 NA ? D NA . ? A NA 24 ? 1_555 O  ? J HOH . ? A HOH 180 ? 1_555 58.5  ? 
9  O   ? J HOH . ? A HOH 166 ? 1_555 NA ? D NA . ? A NA 24 ? 1_555 O  ? J HOH . ? A HOH 180 ? 1_555 93.0  ? 
10 O   ? J HOH . ? A HOH 42  ? 1_555 CA ? E CA . ? A CA 25 ? 1_555 O  ? J HOH . ? A HOH 90  ? 1_555 81.1  ? 
11 O   ? J HOH . ? A HOH 42  ? 1_555 CA ? E CA . ? A CA 25 ? 1_555 O  ? J HOH . ? A HOH 224 ? 1_555 69.0  ? 
12 O   ? J HOH . ? A HOH 90  ? 1_555 CA ? E CA . ? A CA 25 ? 1_555 O  ? J HOH . ? A HOH 224 ? 1_555 135.5 ? 
13 O   ? J HOH . ? A HOH 42  ? 1_555 CA ? E CA . ? A CA 25 ? 1_555 O  ? K HOH . ? B HOH 75  ? 1_555 124.7 ? 
14 O   ? J HOH . ? A HOH 90  ? 1_555 CA ? E CA . ? A CA 25 ? 1_555 O  ? K HOH . ? B HOH 75  ? 1_555 152.2 ? 
15 O   ? J HOH . ? A HOH 224 ? 1_555 CA ? E CA . ? A CA 25 ? 1_555 O  ? K HOH . ? B HOH 75  ? 1_555 70.2  ? 
16 OP2 ? B DG  7 ? B DG  17  ? 1_555 CA ? H CA . ? B CA 23 ? 1_555 O  ? K HOH . ? B HOH 50  ? 1_555 101.0 ? 
17 OP2 ? B DG  7 ? B DG  17  ? 1_555 CA ? H CA . ? B CA 23 ? 1_555 O  ? K HOH . ? B HOH 93  ? 1_555 166.2 ? 
18 O   ? K HOH . ? B HOH 50  ? 1_555 CA ? H CA . ? B CA 23 ? 1_555 O  ? K HOH . ? B HOH 93  ? 1_555 70.0  ? 
19 OP2 ? B DG  7 ? B DG  17  ? 1_555 CA ? H CA . ? B CA 23 ? 1_555 O  ? K HOH . ? B HOH 97  ? 1_555 78.2  ? 
20 O   ? K HOH . ? B HOH 50  ? 1_555 CA ? H CA . ? B CA 23 ? 1_555 O  ? K HOH . ? B HOH 97  ? 1_555 179.1 ? 
21 O   ? K HOH . ? B HOH 93  ? 1_555 CA ? H CA . ? B CA 23 ? 1_555 O  ? K HOH . ? B HOH 97  ? 1_555 110.8 ? 
22 OP2 ? B DG  7 ? B DG  17  ? 1_555 CA ? H CA . ? B CA 23 ? 1_555 O  ? K HOH . ? B HOH 223 ? 1_555 81.0  ? 
23 O   ? K HOH . ? B HOH 50  ? 1_555 CA ? H CA . ? B CA 23 ? 1_555 O  ? K HOH . ? B HOH 223 ? 1_555 105.8 ? 
24 O   ? K HOH . ? B HOH 93  ? 1_555 CA ? H CA . ? B CA 23 ? 1_555 O  ? K HOH . ? B HOH 223 ? 1_555 111.1 ? 
25 O   ? K HOH . ? B HOH 97  ? 1_555 CA ? H CA . ? B CA 23 ? 1_555 O  ? K HOH . ? B HOH 223 ? 1_555 73.5  ? 
# 
loop_
_pdbx_audit_revision_history.ordinal 
_pdbx_audit_revision_history.data_content_type 
_pdbx_audit_revision_history.major_revision 
_pdbx_audit_revision_history.minor_revision 
_pdbx_audit_revision_history.revision_date 
1 'Structure model' 1 0 2006-10-03 
2 'Structure model' 1 1 2008-05-01 
3 'Structure model' 1 2 2011-07-13 
4 'Structure model' 1 3 2023-08-23 
# 
_pdbx_audit_revision_details.ordinal             1 
_pdbx_audit_revision_details.revision_ordinal    1 
_pdbx_audit_revision_details.data_content_type   'Structure model' 
_pdbx_audit_revision_details.provider            repository 
_pdbx_audit_revision_details.type                'Initial release' 
_pdbx_audit_revision_details.description         ? 
_pdbx_audit_revision_details.details             ? 
# 
loop_
_pdbx_audit_revision_group.ordinal 
_pdbx_audit_revision_group.revision_ordinal 
_pdbx_audit_revision_group.data_content_type 
_pdbx_audit_revision_group.group 
1 2 'Structure model' 'Version format compliance' 
2 3 'Structure model' 'Version format compliance' 
3 4 'Structure model' 'Data collection'           
4 4 'Structure model' 'Database references'       
5 4 'Structure model' 'Derived calculations'      
6 4 'Structure model' 'Refinement description'    
# 
loop_
_pdbx_audit_revision_category.ordinal 
_pdbx_audit_revision_category.revision_ordinal 
_pdbx_audit_revision_category.data_content_type 
_pdbx_audit_revision_category.category 
1 4 'Structure model' chem_comp_atom                
2 4 'Structure model' chem_comp_bond                
3 4 'Structure model' database_2                    
4 4 'Structure model' pdbx_initial_refinement_model 
5 4 'Structure model' pdbx_struct_conn_angle        
6 4 'Structure model' struct_conn                   
7 4 'Structure model' struct_site                   
# 
loop_
_pdbx_audit_revision_item.ordinal 
_pdbx_audit_revision_item.revision_ordinal 
_pdbx_audit_revision_item.data_content_type 
_pdbx_audit_revision_item.item 
1  4 'Structure model' '_database_2.pdbx_DOI'                        
2  4 'Structure model' '_database_2.pdbx_database_accession'         
3  4 'Structure model' '_pdbx_struct_conn_angle.ptnr1_auth_asym_id'  
4  4 'Structure model' '_pdbx_struct_conn_angle.ptnr1_auth_comp_id'  
5  4 'Structure model' '_pdbx_struct_conn_angle.ptnr1_auth_seq_id'   
6  4 'Structure model' '_pdbx_struct_conn_angle.ptnr1_label_asym_id' 
7  4 'Structure model' '_pdbx_struct_conn_angle.ptnr1_label_atom_id' 
8  4 'Structure model' '_pdbx_struct_conn_angle.ptnr1_label_comp_id' 
9  4 'Structure model' '_pdbx_struct_conn_angle.ptnr1_label_seq_id'  
10 4 'Structure model' '_pdbx_struct_conn_angle.ptnr2_auth_asym_id'  
11 4 'Structure model' '_pdbx_struct_conn_angle.ptnr2_auth_comp_id'  
12 4 'Structure model' '_pdbx_struct_conn_angle.ptnr2_auth_seq_id'   
13 4 'Structure model' '_pdbx_struct_conn_angle.ptnr2_label_asym_id' 
14 4 'Structure model' '_pdbx_struct_conn_angle.ptnr2_label_atom_id' 
15 4 'Structure model' '_pdbx_struct_conn_angle.ptnr2_label_comp_id' 
16 4 'Structure model' '_pdbx_struct_conn_angle.ptnr3_auth_asym_id'  
17 4 'Structure model' '_pdbx_struct_conn_angle.ptnr3_auth_comp_id'  
18 4 'Structure model' '_pdbx_struct_conn_angle.ptnr3_auth_seq_id'   
19 4 'Structure model' '_pdbx_struct_conn_angle.ptnr3_label_asym_id' 
20 4 'Structure model' '_pdbx_struct_conn_angle.ptnr3_label_atom_id' 
21 4 'Structure model' '_pdbx_struct_conn_angle.ptnr3_label_comp_id' 
22 4 'Structure model' '_pdbx_struct_conn_angle.ptnr3_label_seq_id'  
23 4 'Structure model' '_pdbx_struct_conn_angle.value'               
24 4 'Structure model' '_struct_conn.pdbx_dist_value'                
25 4 'Structure model' '_struct_conn.pdbx_leaving_atom_flag'         
26 4 'Structure model' '_struct_conn.ptnr1_auth_asym_id'             
27 4 'Structure model' '_struct_conn.ptnr1_auth_comp_id'             
28 4 'Structure model' '_struct_conn.ptnr1_auth_seq_id'              
29 4 'Structure model' '_struct_conn.ptnr1_label_asym_id'            
30 4 'Structure model' '_struct_conn.ptnr1_label_atom_id'            
31 4 'Structure model' '_struct_conn.ptnr1_label_comp_id'            
32 4 'Structure model' '_struct_conn.ptnr1_label_seq_id'             
33 4 'Structure model' '_struct_conn.ptnr2_auth_asym_id'             
34 4 'Structure model' '_struct_conn.ptnr2_auth_comp_id'             
35 4 'Structure model' '_struct_conn.ptnr2_auth_seq_id'              
36 4 'Structure model' '_struct_conn.ptnr2_label_asym_id'            
37 4 'Structure model' '_struct_conn.ptnr2_label_atom_id'            
38 4 'Structure model' '_struct_conn.ptnr2_label_comp_id'            
39 4 'Structure model' '_struct_conn.ptnr2_label_seq_id'             
40 4 'Structure model' '_struct_site.pdbx_auth_asym_id'              
41 4 'Structure model' '_struct_site.pdbx_auth_comp_id'              
42 4 'Structure model' '_struct_site.pdbx_auth_seq_id'               
# 
loop_
_software.name 
_software.classification 
_software.version 
_software.citation_id 
_software.pdbx_ordinal 
REFMAC    refinement       5.2.0005 ? 1 
DENZO     'data reduction' .        ? 2 
SCALEPACK 'data scaling'   .        ? 3 
EPMR      phasing          .        ? 4 
# 
loop_
_pdbx_validate_close_contact.id 
_pdbx_validate_close_contact.PDB_model_num 
_pdbx_validate_close_contact.auth_atom_id_1 
_pdbx_validate_close_contact.auth_asym_id_1 
_pdbx_validate_close_contact.auth_comp_id_1 
_pdbx_validate_close_contact.auth_seq_id_1 
_pdbx_validate_close_contact.PDB_ins_code_1 
_pdbx_validate_close_contact.label_alt_id_1 
_pdbx_validate_close_contact.auth_atom_id_2 
_pdbx_validate_close_contact.auth_asym_id_2 
_pdbx_validate_close_contact.auth_comp_id_2 
_pdbx_validate_close_contact.auth_seq_id_2 
_pdbx_validate_close_contact.PDB_ins_code_2 
_pdbx_validate_close_contact.label_alt_id_2 
_pdbx_validate_close_contact.dist 
1  1 C5  A DT  5   ? ? C3    A PSO 21  ? ? 1.52 
2  1 O   A HOH 53  ? ? O     A HOH 142 ? ? 2.00 
3  1 C7  A DT  5   ? ? C4    A PSO 21  ? ? 2.03 
4  1 O   B HOH 130 ? ? O     B HOH 131 ? ? 2.07 
5  1 O2  B DC  12  ? ? O     B HOH 63  ? ? 2.08 
6  1 OP1 B DC  14  ? ? O     B HOH 150 ? ? 2.09 
7  1 OP2 B DG  19  ? ? O     B HOH 51  ? ? 2.11 
8  1 O   A HOH 52  ? ? O     A HOH 177 ? ? 2.12 
9  1 O   A HOH 120 ? ? O     A HOH 174 ? ? 2.13 
10 1 C5  B DT  15  ? ? "C5'" A PSO 21  ? ? 2.14 
11 1 O   A HOH 70  ? ? O     A HOH 166 ? ? 2.15 
12 1 O   B HOH 28  ? ? O     B HOH 38  ? ? 2.16 
13 1 O   B HOH 49  ? ? O     B HOH 105 ? ? 2.16 
14 1 N1  B DG  13  ? ? O     B HOH 168 ? ? 2.16 
15 1 C6  B DT  15  ? ? "C4'" A PSO 21  ? ? 2.18 
16 1 N3  B DC  12  ? ? O     B HOH 168 ? ? 2.19 
17 1 OP1 B DG  13  ? ? O     B HOH 159 ? ? 2.19 
# 
_pdbx_validate_symm_contact.id                1 
_pdbx_validate_symm_contact.PDB_model_num     1 
_pdbx_validate_symm_contact.auth_atom_id_1    O 
_pdbx_validate_symm_contact.auth_asym_id_1    A 
_pdbx_validate_symm_contact.auth_comp_id_1    HOH 
_pdbx_validate_symm_contact.auth_seq_id_1     127 
_pdbx_validate_symm_contact.PDB_ins_code_1    ? 
_pdbx_validate_symm_contact.label_alt_id_1    ? 
_pdbx_validate_symm_contact.site_symmetry_1   1_555 
_pdbx_validate_symm_contact.auth_atom_id_2    O 
_pdbx_validate_symm_contact.auth_asym_id_2    B 
_pdbx_validate_symm_contact.auth_comp_id_2    HOH 
_pdbx_validate_symm_contact.auth_seq_id_2     98 
_pdbx_validate_symm_contact.PDB_ins_code_2    ? 
_pdbx_validate_symm_contact.label_alt_id_2    ? 
_pdbx_validate_symm_contact.site_symmetry_2   2_666 
_pdbx_validate_symm_contact.dist              2.15 
# 
loop_
_pdbx_validate_rmsd_bond.id 
_pdbx_validate_rmsd_bond.PDB_model_num 
_pdbx_validate_rmsd_bond.auth_atom_id_1 
_pdbx_validate_rmsd_bond.auth_asym_id_1 
_pdbx_validate_rmsd_bond.auth_comp_id_1 
_pdbx_validate_rmsd_bond.auth_seq_id_1 
_pdbx_validate_rmsd_bond.PDB_ins_code_1 
_pdbx_validate_rmsd_bond.label_alt_id_1 
_pdbx_validate_rmsd_bond.auth_atom_id_2 
_pdbx_validate_rmsd_bond.auth_asym_id_2 
_pdbx_validate_rmsd_bond.auth_comp_id_2 
_pdbx_validate_rmsd_bond.auth_seq_id_2 
_pdbx_validate_rmsd_bond.PDB_ins_code_2 
_pdbx_validate_rmsd_bond.label_alt_id_2 
_pdbx_validate_rmsd_bond.bond_value 
_pdbx_validate_rmsd_bond.bond_target_value 
_pdbx_validate_rmsd_bond.bond_deviation 
_pdbx_validate_rmsd_bond.bond_standard_deviation 
_pdbx_validate_rmsd_bond.linker_flag 
1 1 C5    A DT 5  ? ? C6    A DT 5  ? ? 1.514 1.339 0.175  0.007 N 
2 1 "O3'" A DT 5  ? ? P     A DA 6  ? ? 1.684 1.607 0.077  0.012 Y 
3 1 "O3'" A DC 8  ? ? "C3'" A DC 8  ? ? 1.375 1.419 -0.044 0.006 N 
4 1 N7    B DG 13 ? ? C8    B DG 13 ? ? 1.267 1.305 -0.038 0.006 N 
5 1 C5    B DT 15 ? ? C6    B DT 15 ? ? 1.546 1.339 0.207  0.007 N 
# 
loop_
_pdbx_validate_rmsd_angle.id 
_pdbx_validate_rmsd_angle.PDB_model_num 
_pdbx_validate_rmsd_angle.auth_atom_id_1 
_pdbx_validate_rmsd_angle.auth_asym_id_1 
_pdbx_validate_rmsd_angle.auth_comp_id_1 
_pdbx_validate_rmsd_angle.auth_seq_id_1 
_pdbx_validate_rmsd_angle.PDB_ins_code_1 
_pdbx_validate_rmsd_angle.label_alt_id_1 
_pdbx_validate_rmsd_angle.auth_atom_id_2 
_pdbx_validate_rmsd_angle.auth_asym_id_2 
_pdbx_validate_rmsd_angle.auth_comp_id_2 
_pdbx_validate_rmsd_angle.auth_seq_id_2 
_pdbx_validate_rmsd_angle.PDB_ins_code_2 
_pdbx_validate_rmsd_angle.label_alt_id_2 
_pdbx_validate_rmsd_angle.auth_atom_id_3 
_pdbx_validate_rmsd_angle.auth_asym_id_3 
_pdbx_validate_rmsd_angle.auth_comp_id_3 
_pdbx_validate_rmsd_angle.auth_seq_id_3 
_pdbx_validate_rmsd_angle.PDB_ins_code_3 
_pdbx_validate_rmsd_angle.label_alt_id_3 
_pdbx_validate_rmsd_angle.angle_value 
_pdbx_validate_rmsd_angle.angle_target_value 
_pdbx_validate_rmsd_angle.angle_deviation 
_pdbx_validate_rmsd_angle.angle_standard_deviation 
_pdbx_validate_rmsd_angle.linker_flag 
1  1 "O4'" A DC 1  ? ? "C4'" A DC 1  ? ? "C3'" A DC 1  ? ? 101.97 104.50 -2.53  0.40 N 
2  1 "C1'" A DC 1  ? ? "O4'" A DC 1  ? ? "C4'" A DC 1  ? ? 115.23 110.30 4.93   0.70 N 
3  1 N1    A DC 1  ? ? "C1'" A DC 1  ? ? "C2'" A DC 1  ? ? 122.74 114.30 8.44   1.40 N 
4  1 C6    A DC 1  ? ? N1    A DC 1  ? ? C2    A DC 1  ? ? 116.88 120.30 -3.42  0.40 N 
5  1 "O4'" A DC 2  ? ? "C1'" A DC 2  ? ? N1    A DC 2  ? ? 111.74 108.30 3.44   0.30 N 
6  1 "C3'" A DG 3  ? ? "C2'" A DG 3  ? ? "C1'" A DG 3  ? ? 96.22  102.40 -6.18  0.80 N 
7  1 C5    A DG 3  ? ? C6    A DG 3  ? ? O6    A DG 3  ? ? 124.84 128.60 -3.76  0.60 N 
8  1 "O4'" A DC 4  ? ? "C4'" A DC 4  ? ? "C3'" A DC 4  ? ? 110.78 106.00 4.78   0.60 N 
9  1 "C1'" A DC 4  ? ? "O4'" A DC 4  ? ? "C4'" A DC 4  ? ? 103.30 110.10 -6.80  1.00 N 
10 1 "O4'" A DC 4  ? ? "C1'" A DC 4  ? ? "C2'" A DC 4  ? ? 110.99 106.80 4.19   0.50 N 
11 1 "O4'" A DC 4  ? ? "C1'" A DC 4  ? ? N1    A DC 4  ? ? 103.42 108.00 -4.58  0.70 N 
12 1 N1    A DC 4  ? ? C2    A DC 4  ? ? O2    A DC 4  ? ? 123.75 118.90 4.85   0.60 N 
13 1 "O4'" A DT 5  ? ? "C1'" A DT 5  ? ? N1    A DT 5  ? ? 101.27 108.00 -6.73  0.70 N 
14 1 C2    A DT 5  ? ? N3    A DT 5  ? ? C4    A DT 5  ? ? 131.10 127.20 3.90   0.60 N 
15 1 C4    A DT 5  ? ? C5    A DT 5  ? ? C6    A DT 5  ? ? 111.63 118.00 -6.37  0.60 N 
16 1 C4    A DT 5  ? ? C5    A DT 5  ? ? C7    A DT 5  ? ? 111.70 119.00 -7.30  0.60 N 
17 1 C6    A DT 5  ? ? C5    A DT 5  ? ? C7    A DT 5  ? ? 114.20 122.90 -8.70  0.60 N 
18 1 "C3'" A DT 5  ? ? "O3'" A DT 5  ? ? P     A DA 6  ? ? 127.50 119.70 7.80   1.20 Y 
19 1 "O4'" A DA 6  ? ? "C1'" A DA 6  ? ? N9    A DA 6  ? ? 102.50 108.00 -5.50  0.70 N 
20 1 N1    A DA 6  ? ? C2    A DA 6  ? ? N3    A DA 6  ? ? 125.25 129.30 -4.05  0.50 N 
21 1 C2    A DA 6  ? ? N3    A DA 6  ? ? C4    A DA 6  ? ? 114.21 110.60 3.61   0.50 N 
22 1 N9    A DA 6  ? ? C4    A DA 6  ? ? C5    A DA 6  ? ? 101.97 105.80 -3.83  0.40 N 
23 1 N3    A DA 6  ? ? C4    A DA 6  ? ? N9    A DA 6  ? ? 132.26 127.40 4.86   0.80 N 
24 1 "O4'" A DG 7  ? ? "C1'" A DG 7  ? ? N9    A DG 7  ? ? 113.23 108.30 4.93   0.30 N 
25 1 C2    A DG 7  ? ? N3    A DG 7  ? ? C4    A DG 7  ? ? 115.99 111.90 4.09   0.50 N 
26 1 "O3'" A DG 7  ? ? P     A DC 8  ? ? OP1   A DC 8  ? ? 117.15 110.50 6.65   1.10 Y 
27 1 "O4'" A DC 8  ? ? "C1'" A DC 8  ? ? N1    A DC 8  ? ? 100.86 108.00 -7.14  0.70 N 
28 1 "O4'" A DG 9  ? ? "C1'" A DG 9  ? ? N9    A DG 9  ? ? 112.72 108.30 4.42   0.30 N 
29 1 C4    A DG 10 ? ? C5    A DG 10 ? ? N7    A DG 10 ? ? 108.30 110.80 -2.50  0.40 N 
30 1 "C3'" B DC 11 ? ? "O3'" B DC 11 ? ? P     B DC 12 ? ? 127.83 119.70 8.13   1.20 Y 
31 1 "O4'" B DC 12 ? ? "C1'" B DC 12 ? ? N1    B DC 12 ? ? 112.90 108.30 4.60   0.30 N 
32 1 C6    B DG 13 ? ? N1    B DG 13 ? ? C2    B DG 13 ? ? 121.18 125.10 -3.92  0.60 N 
33 1 N3    B DG 13 ? ? C2    B DG 13 ? ? N2    B DG 13 ? ? 115.33 119.90 -4.57  0.70 N 
34 1 "O4'" B DC 14 ? ? "C1'" B DC 14 ? ? N1    B DC 14 ? ? 100.91 108.00 -7.09  0.70 N 
35 1 N1    B DT 15 ? ? "C1'" B DT 15 ? ? "C2'" B DT 15 ? ? 124.57 114.30 10.27  1.40 N 
36 1 "O4'" B DT 15 ? ? "C1'" B DT 15 ? ? N1    B DT 15 ? ? 101.88 108.00 -6.12  0.70 N 
37 1 C4    B DT 15 ? ? C5    B DT 15 ? ? C6    B DT 15 ? ? 113.62 118.00 -4.38  0.60 N 
38 1 C4    B DT 15 ? ? C5    B DT 15 ? ? C7    B DT 15 ? ? 114.01 119.00 -4.99  0.60 N 
39 1 C6    B DT 15 ? ? C5    B DT 15 ? ? C7    B DT 15 ? ? 111.25 122.90 -11.65 0.60 N 
40 1 "O4'" B DA 16 ? ? "C1'" B DA 16 ? ? "C2'" B DA 16 ? ? 109.90 106.80 3.10   0.50 N 
41 1 "O4'" B DG 17 ? ? "C1'" B DG 17 ? ? N9    B DG 17 ? ? 102.57 108.00 -5.43  0.70 N 
42 1 C8    B DG 17 ? ? N9    B DG 17 ? ? C4    B DG 17 ? ? 103.91 106.40 -2.49  0.40 N 
43 1 "O4'" B DC 18 ? ? "C1'" B DC 18 ? ? N1    B DC 18 ? ? 102.16 108.00 -5.84  0.70 N 
44 1 "O4'" B DG 19 ? ? "C1'" B DG 19 ? ? "C2'" B DG 19 ? ? 110.21 106.80 3.41   0.50 N 
45 1 N9    B DG 20 ? ? "C1'" B DG 20 ? ? "C2'" B DG 20 ? ? 124.35 114.30 10.05  1.40 N 
46 1 C2    B DG 20 ? ? N3    B DG 20 ? ? C4    B DG 20 ? ? 115.00 111.90 3.10   0.50 N 
47 1 C8    B DG 20 ? ? N9    B DG 20 ? ? C4    B DG 20 ? ? 103.43 106.40 -2.97  0.40 N 
# 
_pdbx_validate_polymer_linkage.id               1 
_pdbx_validate_polymer_linkage.PDB_model_num    1 
_pdbx_validate_polymer_linkage.auth_atom_id_1   "O3'" 
_pdbx_validate_polymer_linkage.auth_asym_id_1   B 
_pdbx_validate_polymer_linkage.auth_comp_id_1   DC 
_pdbx_validate_polymer_linkage.auth_seq_id_1    14 
_pdbx_validate_polymer_linkage.PDB_ins_code_1   ? 
_pdbx_validate_polymer_linkage.label_alt_id_1   ? 
_pdbx_validate_polymer_linkage.auth_atom_id_2   P 
_pdbx_validate_polymer_linkage.auth_asym_id_2   B 
_pdbx_validate_polymer_linkage.auth_comp_id_2   DT 
_pdbx_validate_polymer_linkage.auth_seq_id_2    15 
_pdbx_validate_polymer_linkage.PDB_ins_code_2   ? 
_pdbx_validate_polymer_linkage.label_alt_id_2   ? 
_pdbx_validate_polymer_linkage.dist             1.91 
# 
loop_
_pdbx_unobs_or_zero_occ_atoms.id 
_pdbx_unobs_or_zero_occ_atoms.PDB_model_num 
_pdbx_unobs_or_zero_occ_atoms.polymer_flag 
_pdbx_unobs_or_zero_occ_atoms.occupancy_flag 
_pdbx_unobs_or_zero_occ_atoms.auth_asym_id 
_pdbx_unobs_or_zero_occ_atoms.auth_comp_id 
_pdbx_unobs_or_zero_occ_atoms.auth_seq_id 
_pdbx_unobs_or_zero_occ_atoms.PDB_ins_code 
_pdbx_unobs_or_zero_occ_atoms.auth_atom_id 
_pdbx_unobs_or_zero_occ_atoms.label_alt_id 
_pdbx_unobs_or_zero_occ_atoms.label_asym_id 
_pdbx_unobs_or_zero_occ_atoms.label_comp_id 
_pdbx_unobs_or_zero_occ_atoms.label_seq_id 
_pdbx_unobs_or_zero_occ_atoms.label_atom_id 
1 1 N 1 A SPM 22 ? N1 ? C SPM 1 N1 
2 1 N 1 A SPM 22 ? C2 ? C SPM 1 C2 
3 1 N 1 A SPM 22 ? C3 ? C SPM 1 C3 
4 1 N 1 A SPM 22 ? C4 ? C SPM 1 C4 
5 1 N 1 A SPM 22 ? N5 ? C SPM 1 N5 
6 1 N 1 A SPM 22 ? C6 ? C SPM 1 C6 
7 1 N 1 A SPM 22 ? C7 ? C SPM 1 C7 
8 1 N 1 A SPM 22 ? C8 ? C SPM 1 C8 
# 
loop_
_chem_comp_atom.comp_id 
_chem_comp_atom.atom_id 
_chem_comp_atom.type_symbol 
_chem_comp_atom.pdbx_aromatic_flag 
_chem_comp_atom.pdbx_stereo_config 
_chem_comp_atom.pdbx_ordinal 
CA  CA     CA N N 1   
DA  OP3    O  N N 2   
DA  P      P  N N 3   
DA  OP1    O  N N 4   
DA  OP2    O  N N 5   
DA  "O5'"  O  N N 6   
DA  "C5'"  C  N N 7   
DA  "C4'"  C  N R 8   
DA  "O4'"  O  N N 9   
DA  "C3'"  C  N S 10  
DA  "O3'"  O  N N 11  
DA  "C2'"  C  N N 12  
DA  "C1'"  C  N R 13  
DA  N9     N  Y N 14  
DA  C8     C  Y N 15  
DA  N7     N  Y N 16  
DA  C5     C  Y N 17  
DA  C6     C  Y N 18  
DA  N6     N  N N 19  
DA  N1     N  Y N 20  
DA  C2     C  Y N 21  
DA  N3     N  Y N 22  
DA  C4     C  Y N 23  
DA  HOP3   H  N N 24  
DA  HOP2   H  N N 25  
DA  "H5'"  H  N N 26  
DA  "H5''" H  N N 27  
DA  "H4'"  H  N N 28  
DA  "H3'"  H  N N 29  
DA  "HO3'" H  N N 30  
DA  "H2'"  H  N N 31  
DA  "H2''" H  N N 32  
DA  "H1'"  H  N N 33  
DA  H8     H  N N 34  
DA  H61    H  N N 35  
DA  H62    H  N N 36  
DA  H2     H  N N 37  
DC  OP3    O  N N 38  
DC  P      P  N N 39  
DC  OP1    O  N N 40  
DC  OP2    O  N N 41  
DC  "O5'"  O  N N 42  
DC  "C5'"  C  N N 43  
DC  "C4'"  C  N R 44  
DC  "O4'"  O  N N 45  
DC  "C3'"  C  N S 46  
DC  "O3'"  O  N N 47  
DC  "C2'"  C  N N 48  
DC  "C1'"  C  N R 49  
DC  N1     N  N N 50  
DC  C2     C  N N 51  
DC  O2     O  N N 52  
DC  N3     N  N N 53  
DC  C4     C  N N 54  
DC  N4     N  N N 55  
DC  C5     C  N N 56  
DC  C6     C  N N 57  
DC  HOP3   H  N N 58  
DC  HOP2   H  N N 59  
DC  "H5'"  H  N N 60  
DC  "H5''" H  N N 61  
DC  "H4'"  H  N N 62  
DC  "H3'"  H  N N 63  
DC  "HO3'" H  N N 64  
DC  "H2'"  H  N N 65  
DC  "H2''" H  N N 66  
DC  "H1'"  H  N N 67  
DC  H41    H  N N 68  
DC  H42    H  N N 69  
DC  H5     H  N N 70  
DC  H6     H  N N 71  
DG  OP3    O  N N 72  
DG  P      P  N N 73  
DG  OP1    O  N N 74  
DG  OP2    O  N N 75  
DG  "O5'"  O  N N 76  
DG  "C5'"  C  N N 77  
DG  "C4'"  C  N R 78  
DG  "O4'"  O  N N 79  
DG  "C3'"  C  N S 80  
DG  "O3'"  O  N N 81  
DG  "C2'"  C  N N 82  
DG  "C1'"  C  N R 83  
DG  N9     N  Y N 84  
DG  C8     C  Y N 85  
DG  N7     N  Y N 86  
DG  C5     C  Y N 87  
DG  C6     C  N N 88  
DG  O6     O  N N 89  
DG  N1     N  N N 90  
DG  C2     C  N N 91  
DG  N2     N  N N 92  
DG  N3     N  N N 93  
DG  C4     C  Y N 94  
DG  HOP3   H  N N 95  
DG  HOP2   H  N N 96  
DG  "H5'"  H  N N 97  
DG  "H5''" H  N N 98  
DG  "H4'"  H  N N 99  
DG  "H3'"  H  N N 100 
DG  "HO3'" H  N N 101 
DG  "H2'"  H  N N 102 
DG  "H2''" H  N N 103 
DG  "H1'"  H  N N 104 
DG  H8     H  N N 105 
DG  H1     H  N N 106 
DG  H21    H  N N 107 
DG  H22    H  N N 108 
DT  OP3    O  N N 109 
DT  P      P  N N 110 
DT  OP1    O  N N 111 
DT  OP2    O  N N 112 
DT  "O5'"  O  N N 113 
DT  "C5'"  C  N N 114 
DT  "C4'"  C  N R 115 
DT  "O4'"  O  N N 116 
DT  "C3'"  C  N S 117 
DT  "O3'"  O  N N 118 
DT  "C2'"  C  N N 119 
DT  "C1'"  C  N R 120 
DT  N1     N  N N 121 
DT  C2     C  N N 122 
DT  O2     O  N N 123 
DT  N3     N  N N 124 
DT  C4     C  N N 125 
DT  O4     O  N N 126 
DT  C5     C  N N 127 
DT  C7     C  N N 128 
DT  C6     C  N N 129 
DT  HOP3   H  N N 130 
DT  HOP2   H  N N 131 
DT  "H5'"  H  N N 132 
DT  "H5''" H  N N 133 
DT  "H4'"  H  N N 134 
DT  "H3'"  H  N N 135 
DT  "HO3'" H  N N 136 
DT  "H2'"  H  N N 137 
DT  "H2''" H  N N 138 
DT  "H1'"  H  N N 139 
DT  H3     H  N N 140 
DT  H71    H  N N 141 
DT  H72    H  N N 142 
DT  H73    H  N N 143 
DT  H6     H  N N 144 
HOH O      O  N N 145 
HOH H1     H  N N 146 
HOH H2     H  N N 147 
NA  NA     NA N N 148 
PSO O1     O  Y N 149 
PSO C2     C  Y N 150 
PSO C3     C  Y N 151 
PSO C4     C  Y N 152 
PSO C5     C  Y N 153 
PSO C6     C  Y N 154 
PSO C7     C  Y N 155 
PSO C8     C  Y N 156 
PSO C9     C  Y N 157 
PSO C10    C  Y N 158 
PSO "C4'"  C  Y N 159 
PSO "C5'"  C  Y N 160 
PSO "O6'"  O  Y N 161 
PSO O11    O  N N 162 
PSO C12    C  N N 163 
PSO C13    C  N N 164 
PSO O14    O  N N 165 
PSO C15    C  N N 166 
PSO C16    C  N N 167 
PSO H3     H  N N 168 
PSO H5     H  N N 169 
PSO H121   H  N N 170 
PSO H122   H  N N 171 
PSO H123   H  N N 172 
PSO H131   H  N N 173 
PSO H132   H  N N 174 
PSO H14    H  N N 175 
PSO H151   H  N N 176 
PSO H152   H  N N 177 
PSO H153   H  N N 178 
PSO H161   H  N N 179 
PSO H162   H  N N 180 
PSO H163   H  N N 181 
SPM N1     N  N N 182 
SPM C2     C  N N 183 
SPM C3     C  N N 184 
SPM C4     C  N N 185 
SPM N5     N  N N 186 
SPM C6     C  N N 187 
SPM C7     C  N N 188 
SPM C8     C  N N 189 
SPM C9     C  N N 190 
SPM N10    N  N N 191 
SPM C11    C  N N 192 
SPM C12    C  N N 193 
SPM C13    C  N N 194 
SPM N14    N  N N 195 
SPM HN11   H  N N 196 
SPM HN12   H  N N 197 
SPM H21    H  N N 198 
SPM H22    H  N N 199 
SPM H31    H  N N 200 
SPM H32    H  N N 201 
SPM H41    H  N N 202 
SPM H42    H  N N 203 
SPM HN5    H  N N 204 
SPM H61    H  N N 205 
SPM H62    H  N N 206 
SPM H71    H  N N 207 
SPM H72    H  N N 208 
SPM H81    H  N N 209 
SPM H82    H  N N 210 
SPM H91    H  N N 211 
SPM H92    H  N N 212 
SPM HN0    H  N N 213 
SPM H111   H  N N 214 
SPM H112   H  N N 215 
SPM H121   H  N N 216 
SPM H122   H  N N 217 
SPM H131   H  N N 218 
SPM H132   H  N N 219 
SPM HN41   H  N N 220 
SPM HN42   H  N N 221 
# 
loop_
_chem_comp_bond.comp_id 
_chem_comp_bond.atom_id_1 
_chem_comp_bond.atom_id_2 
_chem_comp_bond.value_order 
_chem_comp_bond.pdbx_aromatic_flag 
_chem_comp_bond.pdbx_stereo_config 
_chem_comp_bond.pdbx_ordinal 
DA  OP3   P      sing N N 1   
DA  OP3   HOP3   sing N N 2   
DA  P     OP1    doub N N 3   
DA  P     OP2    sing N N 4   
DA  P     "O5'"  sing N N 5   
DA  OP2   HOP2   sing N N 6   
DA  "O5'" "C5'"  sing N N 7   
DA  "C5'" "C4'"  sing N N 8   
DA  "C5'" "H5'"  sing N N 9   
DA  "C5'" "H5''" sing N N 10  
DA  "C4'" "O4'"  sing N N 11  
DA  "C4'" "C3'"  sing N N 12  
DA  "C4'" "H4'"  sing N N 13  
DA  "O4'" "C1'"  sing N N 14  
DA  "C3'" "O3'"  sing N N 15  
DA  "C3'" "C2'"  sing N N 16  
DA  "C3'" "H3'"  sing N N 17  
DA  "O3'" "HO3'" sing N N 18  
DA  "C2'" "C1'"  sing N N 19  
DA  "C2'" "H2'"  sing N N 20  
DA  "C2'" "H2''" sing N N 21  
DA  "C1'" N9     sing N N 22  
DA  "C1'" "H1'"  sing N N 23  
DA  N9    C8     sing Y N 24  
DA  N9    C4     sing Y N 25  
DA  C8    N7     doub Y N 26  
DA  C8    H8     sing N N 27  
DA  N7    C5     sing Y N 28  
DA  C5    C6     sing Y N 29  
DA  C5    C4     doub Y N 30  
DA  C6    N6     sing N N 31  
DA  C6    N1     doub Y N 32  
DA  N6    H61    sing N N 33  
DA  N6    H62    sing N N 34  
DA  N1    C2     sing Y N 35  
DA  C2    N3     doub Y N 36  
DA  C2    H2     sing N N 37  
DA  N3    C4     sing Y N 38  
DC  OP3   P      sing N N 39  
DC  OP3   HOP3   sing N N 40  
DC  P     OP1    doub N N 41  
DC  P     OP2    sing N N 42  
DC  P     "O5'"  sing N N 43  
DC  OP2   HOP2   sing N N 44  
DC  "O5'" "C5'"  sing N N 45  
DC  "C5'" "C4'"  sing N N 46  
DC  "C5'" "H5'"  sing N N 47  
DC  "C5'" "H5''" sing N N 48  
DC  "C4'" "O4'"  sing N N 49  
DC  "C4'" "C3'"  sing N N 50  
DC  "C4'" "H4'"  sing N N 51  
DC  "O4'" "C1'"  sing N N 52  
DC  "C3'" "O3'"  sing N N 53  
DC  "C3'" "C2'"  sing N N 54  
DC  "C3'" "H3'"  sing N N 55  
DC  "O3'" "HO3'" sing N N 56  
DC  "C2'" "C1'"  sing N N 57  
DC  "C2'" "H2'"  sing N N 58  
DC  "C2'" "H2''" sing N N 59  
DC  "C1'" N1     sing N N 60  
DC  "C1'" "H1'"  sing N N 61  
DC  N1    C2     sing N N 62  
DC  N1    C6     sing N N 63  
DC  C2    O2     doub N N 64  
DC  C2    N3     sing N N 65  
DC  N3    C4     doub N N 66  
DC  C4    N4     sing N N 67  
DC  C4    C5     sing N N 68  
DC  N4    H41    sing N N 69  
DC  N4    H42    sing N N 70  
DC  C5    C6     doub N N 71  
DC  C5    H5     sing N N 72  
DC  C6    H6     sing N N 73  
DG  OP3   P      sing N N 74  
DG  OP3   HOP3   sing N N 75  
DG  P     OP1    doub N N 76  
DG  P     OP2    sing N N 77  
DG  P     "O5'"  sing N N 78  
DG  OP2   HOP2   sing N N 79  
DG  "O5'" "C5'"  sing N N 80  
DG  "C5'" "C4'"  sing N N 81  
DG  "C5'" "H5'"  sing N N 82  
DG  "C5'" "H5''" sing N N 83  
DG  "C4'" "O4'"  sing N N 84  
DG  "C4'" "C3'"  sing N N 85  
DG  "C4'" "H4'"  sing N N 86  
DG  "O4'" "C1'"  sing N N 87  
DG  "C3'" "O3'"  sing N N 88  
DG  "C3'" "C2'"  sing N N 89  
DG  "C3'" "H3'"  sing N N 90  
DG  "O3'" "HO3'" sing N N 91  
DG  "C2'" "C1'"  sing N N 92  
DG  "C2'" "H2'"  sing N N 93  
DG  "C2'" "H2''" sing N N 94  
DG  "C1'" N9     sing N N 95  
DG  "C1'" "H1'"  sing N N 96  
DG  N9    C8     sing Y N 97  
DG  N9    C4     sing Y N 98  
DG  C8    N7     doub Y N 99  
DG  C8    H8     sing N N 100 
DG  N7    C5     sing Y N 101 
DG  C5    C6     sing N N 102 
DG  C5    C4     doub Y N 103 
DG  C6    O6     doub N N 104 
DG  C6    N1     sing N N 105 
DG  N1    C2     sing N N 106 
DG  N1    H1     sing N N 107 
DG  C2    N2     sing N N 108 
DG  C2    N3     doub N N 109 
DG  N2    H21    sing N N 110 
DG  N2    H22    sing N N 111 
DG  N3    C4     sing N N 112 
DT  OP3   P      sing N N 113 
DT  OP3   HOP3   sing N N 114 
DT  P     OP1    doub N N 115 
DT  P     OP2    sing N N 116 
DT  P     "O5'"  sing N N 117 
DT  OP2   HOP2   sing N N 118 
DT  "O5'" "C5'"  sing N N 119 
DT  "C5'" "C4'"  sing N N 120 
DT  "C5'" "H5'"  sing N N 121 
DT  "C5'" "H5''" sing N N 122 
DT  "C4'" "O4'"  sing N N 123 
DT  "C4'" "C3'"  sing N N 124 
DT  "C4'" "H4'"  sing N N 125 
DT  "O4'" "C1'"  sing N N 126 
DT  "C3'" "O3'"  sing N N 127 
DT  "C3'" "C2'"  sing N N 128 
DT  "C3'" "H3'"  sing N N 129 
DT  "O3'" "HO3'" sing N N 130 
DT  "C2'" "C1'"  sing N N 131 
DT  "C2'" "H2'"  sing N N 132 
DT  "C2'" "H2''" sing N N 133 
DT  "C1'" N1     sing N N 134 
DT  "C1'" "H1'"  sing N N 135 
DT  N1    C2     sing N N 136 
DT  N1    C6     sing N N 137 
DT  C2    O2     doub N N 138 
DT  C2    N3     sing N N 139 
DT  N3    C4     sing N N 140 
DT  N3    H3     sing N N 141 
DT  C4    O4     doub N N 142 
DT  C4    C5     sing N N 143 
DT  C5    C7     sing N N 144 
DT  C5    C6     doub N N 145 
DT  C7    H71    sing N N 146 
DT  C7    H72    sing N N 147 
DT  C7    H73    sing N N 148 
DT  C6    H6     sing N N 149 
HOH O     H1     sing N N 150 
HOH O     H2     sing N N 151 
PSO O1    C2     sing Y N 152 
PSO O1    C9     sing Y N 153 
PSO C2    C3     sing Y N 154 
PSO C2    O11    doub N N 155 
PSO C3    C4     doub Y N 156 
PSO C3    H3     sing N N 157 
PSO C4    C10    sing Y N 158 
PSO C4    C12    sing N N 159 
PSO C5    C6     doub Y N 160 
PSO C5    C10    sing Y N 161 
PSO C5    H5     sing N N 162 
PSO C6    C7     sing Y N 163 
PSO C6    "C4'"  sing Y N 164 
PSO C7    C8     doub Y N 165 
PSO C7    "O6'"  sing Y N 166 
PSO C8    C9     sing Y N 167 
PSO C8    C16    sing N N 168 
PSO C9    C10    doub Y N 169 
PSO "C4'" "C5'"  doub Y N 170 
PSO "C4'" C13    sing N N 171 
PSO "C5'" "O6'"  sing Y N 172 
PSO "C5'" C15    sing N N 173 
PSO C12   H121   sing N N 174 
PSO C12   H122   sing N N 175 
PSO C12   H123   sing N N 176 
PSO C13   O14    sing N N 177 
PSO C13   H131   sing N N 178 
PSO C13   H132   sing N N 179 
PSO O14   H14    sing N N 180 
PSO C15   H151   sing N N 181 
PSO C15   H152   sing N N 182 
PSO C15   H153   sing N N 183 
PSO C16   H161   sing N N 184 
PSO C16   H162   sing N N 185 
PSO C16   H163   sing N N 186 
SPM N1    C2     sing N N 187 
SPM N1    HN11   sing N N 188 
SPM N1    HN12   sing N N 189 
SPM C2    C3     sing N N 190 
SPM C2    H21    sing N N 191 
SPM C2    H22    sing N N 192 
SPM C3    C4     sing N N 193 
SPM C3    H31    sing N N 194 
SPM C3    H32    sing N N 195 
SPM C4    N5     sing N N 196 
SPM C4    H41    sing N N 197 
SPM C4    H42    sing N N 198 
SPM N5    C6     sing N N 199 
SPM N5    HN5    sing N N 200 
SPM C6    C7     sing N N 201 
SPM C6    H61    sing N N 202 
SPM C6    H62    sing N N 203 
SPM C7    C8     sing N N 204 
SPM C7    H71    sing N N 205 
SPM C7    H72    sing N N 206 
SPM C8    C9     sing N N 207 
SPM C8    H81    sing N N 208 
SPM C8    H82    sing N N 209 
SPM C9    N10    sing N N 210 
SPM C9    H91    sing N N 211 
SPM C9    H92    sing N N 212 
SPM N10   C11    sing N N 213 
SPM N10   HN0    sing N N 214 
SPM C11   C12    sing N N 215 
SPM C11   H111   sing N N 216 
SPM C11   H112   sing N N 217 
SPM C12   C13    sing N N 218 
SPM C12   H121   sing N N 219 
SPM C12   H122   sing N N 220 
SPM C13   N14    sing N N 221 
SPM C13   H131   sing N N 222 
SPM C13   H132   sing N N 223 
SPM N14   HN41   sing N N 224 
SPM N14   HN42   sing N N 225 
# 
loop_
_ndb_struct_conf_na.entry_id 
_ndb_struct_conf_na.feature 
2B2B 'double helix'        
2B2B 'b-form double helix' 
# 
loop_
_ndb_struct_na_base_pair.model_number 
_ndb_struct_na_base_pair.i_label_asym_id 
_ndb_struct_na_base_pair.i_label_comp_id 
_ndb_struct_na_base_pair.i_label_seq_id 
_ndb_struct_na_base_pair.i_symmetry 
_ndb_struct_na_base_pair.j_label_asym_id 
_ndb_struct_na_base_pair.j_label_comp_id 
_ndb_struct_na_base_pair.j_label_seq_id 
_ndb_struct_na_base_pair.j_symmetry 
_ndb_struct_na_base_pair.shear 
_ndb_struct_na_base_pair.stretch 
_ndb_struct_na_base_pair.stagger 
_ndb_struct_na_base_pair.buckle 
_ndb_struct_na_base_pair.propeller 
_ndb_struct_na_base_pair.opening 
_ndb_struct_na_base_pair.pair_number 
_ndb_struct_na_base_pair.pair_name 
_ndb_struct_na_base_pair.i_auth_asym_id 
_ndb_struct_na_base_pair.i_auth_seq_id 
_ndb_struct_na_base_pair.i_PDB_ins_code 
_ndb_struct_na_base_pair.j_auth_asym_id 
_ndb_struct_na_base_pair.j_auth_seq_id 
_ndb_struct_na_base_pair.j_PDB_ins_code 
_ndb_struct_na_base_pair.hbond_type_28 
_ndb_struct_na_base_pair.hbond_type_12 
1 A DT 5  1_555 B DA 6 1_555 0.864  2.087  1.229  -45.397 -29.257 58.795 1 A_DT5:DA16_B  A 5  ? B 16 ? ?  ? 
1 A DA 6  1_555 B DT 5 1_555 -0.297 -0.104 -0.876 -22.459 -25.586 3.013  2 A_DA6:DT15_B  A 6  ? B 15 ? 20 1 
1 A DG 7  1_555 B DC 4 1_555 -0.078 -0.110 0.342  5.264   -3.045  2.518  3 A_DG7:DC14_B  A 7  ? B 14 ? 19 1 
1 A DC 8  1_555 B DG 3 1_555 0.127  -0.147 0.357  2.252   -14.122 2.325  4 A_DC8:DG13_B  A 8  ? B 13 ? 19 1 
1 A DG 9  1_555 B DC 2 1_555 -0.495 -0.314 0.465  9.383   -1.906  -2.599 5 A_DG9:DC12_B  A 9  ? B 12 ? 19 1 
1 A DG 10 1_555 B DC 1 1_555 -0.370 -0.010 0.256  11.626  -11.181 1.143  6 A_DG10:DC11_B A 10 ? B 11 ? 19 1 
# 
loop_
_ndb_struct_na_base_pair_step.model_number 
_ndb_struct_na_base_pair_step.i_label_asym_id_1 
_ndb_struct_na_base_pair_step.i_label_comp_id_1 
_ndb_struct_na_base_pair_step.i_label_seq_id_1 
_ndb_struct_na_base_pair_step.i_symmetry_1 
_ndb_struct_na_base_pair_step.j_label_asym_id_1 
_ndb_struct_na_base_pair_step.j_label_comp_id_1 
_ndb_struct_na_base_pair_step.j_label_seq_id_1 
_ndb_struct_na_base_pair_step.j_symmetry_1 
_ndb_struct_na_base_pair_step.i_label_asym_id_2 
_ndb_struct_na_base_pair_step.i_label_comp_id_2 
_ndb_struct_na_base_pair_step.i_label_seq_id_2 
_ndb_struct_na_base_pair_step.i_symmetry_2 
_ndb_struct_na_base_pair_step.j_label_asym_id_2 
_ndb_struct_na_base_pair_step.j_label_comp_id_2 
_ndb_struct_na_base_pair_step.j_label_seq_id_2 
_ndb_struct_na_base_pair_step.j_symmetry_2 
_ndb_struct_na_base_pair_step.shift 
_ndb_struct_na_base_pair_step.slide 
_ndb_struct_na_base_pair_step.rise 
_ndb_struct_na_base_pair_step.tilt 
_ndb_struct_na_base_pair_step.roll 
_ndb_struct_na_base_pair_step.twist 
_ndb_struct_na_base_pair_step.x_displacement 
_ndb_struct_na_base_pair_step.y_displacement 
_ndb_struct_na_base_pair_step.helical_rise 
_ndb_struct_na_base_pair_step.inclination 
_ndb_struct_na_base_pair_step.tip 
_ndb_struct_na_base_pair_step.helical_twist 
_ndb_struct_na_base_pair_step.step_number 
_ndb_struct_na_base_pair_step.step_name 
_ndb_struct_na_base_pair_step.i_auth_asym_id_1 
_ndb_struct_na_base_pair_step.i_auth_seq_id_1 
_ndb_struct_na_base_pair_step.i_PDB_ins_code_1 
_ndb_struct_na_base_pair_step.j_auth_asym_id_1 
_ndb_struct_na_base_pair_step.j_auth_seq_id_1 
_ndb_struct_na_base_pair_step.j_PDB_ins_code_1 
_ndb_struct_na_base_pair_step.i_auth_asym_id_2 
_ndb_struct_na_base_pair_step.i_auth_seq_id_2 
_ndb_struct_na_base_pair_step.i_PDB_ins_code_2 
_ndb_struct_na_base_pair_step.j_auth_asym_id_2 
_ndb_struct_na_base_pair_step.j_auth_seq_id_2 
_ndb_struct_na_base_pair_step.j_PDB_ins_code_2 
1 A DA 6 1_555 B DT 5 1_555 A DG 7  1_555 B DC 4 1_555 0.517  0.773 2.625 -13.893 1.366  27.126 1.260 -3.134 2.147 2.698  27.434 
30.447 1 AA_DA6DG7:DC14DT15_BB  A 6 ? B 15 ? A 7  ? B 14 ? 
1 A DG 7 1_555 B DC 4 1_555 A DC 8  1_555 B DG 3 1_555 -0.891 0.470 3.366 -1.134  -1.229 43.364 0.758 1.092  3.373 -1.663 1.534  
43.394 2 AA_DG7DC8:DG13DC14_BB  A 7 ? B 14 ? A 8  ? B 13 ? 
1 A DC 8 1_555 B DG 3 1_555 A DG 9  1_555 B DC 2 1_555 0.837  1.012 3.178 1.922   0.357  33.204 1.709 -1.148 3.231 0.624  -3.360 
33.260 3 AA_DC8DG9:DC12DG13_BB  A 8 ? B 13 ? A 9  ? B 12 ? 
1 A DG 9 1_555 B DC 2 1_555 A DG 10 1_555 B DC 1 1_555 -0.437 0.989 3.274 2.720   4.803  35.628 0.906 1.098  3.333 7.792  -4.412 
36.039 4 AA_DG9DG10:DC11DC12_BB A 9 ? B 12 ? A 10 ? B 11 ? 
# 
loop_
_pdbx_entity_nonpoly.entity_id 
_pdbx_entity_nonpoly.name 
_pdbx_entity_nonpoly.comp_id 
2 SPERMINE                                    SPM 
3 'SODIUM ION'                                NA  
4 'CALCIUM ION'                               CA  
5 "4'-HYDROXYMETHYL-4,5',8-TRIMETHYLPSORALEN" PSO 
6 water                                       HOH 
# 
_pdbx_initial_refinement_model.id               1 
_pdbx_initial_refinement_model.entity_id_list   ? 
_pdbx_initial_refinement_model.type             'experimental model' 
_pdbx_initial_refinement_model.source_name      PDB 
_pdbx_initial_refinement_model.accession_code   1FHY 
_pdbx_initial_refinement_model.details          'pdb entry 1FHY' 
# 
